data_2KKP
#
_entry.id   2KKP
#
_entity_poly.entity_id   1
_entity_poly.type   'polypeptide(L)'
_entity_poly.pdbx_seq_one_letter_code
;MIEPSKITVEQWLNRWLTDYAKPHLRQSTWESYETVLRLHVIPTLGSIPLKKLQPADIQRLYASKLESGLSPTRVRYIHV
VLHEAMSQARESGLLLQNPTEAAKPPRHPLEHHHHHH
;
_entity_poly.pdbx_strand_id   A
#
# COMPACT_ATOMS: atom_id res chain seq x y z
N MET A 1 -23.45 21.23 -1.37
CA MET A 1 -23.08 19.84 -1.08
C MET A 1 -21.58 19.72 -0.88
N ILE A 2 -21.17 18.91 0.09
CA ILE A 2 -19.76 18.62 0.30
C ILE A 2 -19.42 17.29 -0.34
N GLU A 3 -18.45 17.30 -1.26
CA GLU A 3 -18.03 16.09 -1.92
C GLU A 3 -17.32 15.17 -0.92
N PRO A 4 -17.91 13.99 -0.67
CA PRO A 4 -17.40 13.04 0.32
C PRO A 4 -16.06 12.42 -0.07
N SER A 5 -15.21 12.20 0.93
CA SER A 5 -13.88 11.60 0.76
C SER A 5 -13.07 12.31 -0.33
N LYS A 6 -12.30 13.32 0.08
CA LYS A 6 -11.54 14.12 -0.86
C LYS A 6 -10.08 13.66 -0.91
N ILE A 7 -9.54 13.32 0.26
CA ILE A 7 -8.17 12.85 0.33
C ILE A 7 -8.12 11.37 0.74
N THR A 8 -7.82 10.53 -0.22
CA THR A 8 -7.70 9.10 0.02
C THR A 8 -6.32 8.60 -0.41
N VAL A 9 -6.04 7.32 -0.19
CA VAL A 9 -4.80 6.72 -0.65
C VAL A 9 -4.68 6.85 -2.16
N GLU A 10 -5.75 6.51 -2.88
CA GLU A 10 -5.74 6.56 -4.33
C GLU A 10 -5.65 8.00 -4.83
N GLN A 11 -6.12 8.93 -4.01
CA GLN A 11 -6.01 10.35 -4.34
C GLN A 11 -4.55 10.77 -4.37
N TRP A 12 -3.79 10.28 -3.41
CA TRP A 12 -2.36 10.56 -3.38
C TRP A 12 -1.65 9.77 -4.48
N LEU A 13 -2.03 8.51 -4.63
CA LEU A 13 -1.40 7.62 -5.60
C LEU A 13 -1.45 8.18 -7.02
N ASN A 14 -2.65 8.55 -7.49
CA ASN A 14 -2.80 9.01 -8.87
C ASN A 14 -2.01 10.30 -9.09
N ARG A 15 -1.93 11.14 -8.06
CA ARG A 15 -1.23 12.40 -8.15
C ARG A 15 0.28 12.17 -8.08
N TRP A 16 0.70 11.27 -7.20
CA TRP A 16 2.10 10.91 -7.06
C TRP A 16 2.61 10.31 -8.36
N LEU A 17 1.81 9.46 -8.97
CA LEU A 17 2.14 8.88 -10.27
C LEU A 17 2.28 9.97 -11.33
N THR A 18 1.34 10.91 -11.36
CA THR A 18 1.36 11.97 -12.34
C THR A 18 2.68 12.77 -12.28
N ASP A 19 3.25 12.88 -11.09
CA ASP A 19 4.50 13.60 -10.90
C ASP A 19 5.70 12.69 -11.07
N TYR A 20 5.74 11.61 -10.30
CA TYR A 20 6.94 10.79 -10.19
C TYR A 20 7.02 9.68 -11.24
N ALA A 21 6.09 9.68 -12.19
CA ALA A 21 6.19 8.75 -13.32
C ALA A 21 6.87 9.43 -14.50
N LYS A 22 7.20 10.71 -14.34
CA LYS A 22 7.94 11.43 -15.36
C LYS A 22 9.35 10.88 -15.48
N PRO A 23 9.90 10.86 -16.70
CA PRO A 23 11.20 10.25 -17.01
C PRO A 23 12.31 10.67 -16.05
N HIS A 24 12.88 9.69 -15.37
CA HIS A 24 14.05 9.89 -14.53
C HIS A 24 15.08 8.81 -14.81
N LEU A 25 16.33 9.07 -14.46
CA LEU A 25 17.40 8.17 -14.81
C LEU A 25 17.91 7.40 -13.60
N ARG A 26 17.34 6.21 -13.40
CA ARG A 26 17.86 5.24 -12.43
C ARG A 26 17.13 3.91 -12.56
N GLN A 27 17.78 2.97 -13.25
CA GLN A 27 17.27 1.61 -13.43
C GLN A 27 15.99 1.56 -14.25
N SER A 28 16.10 0.98 -15.44
CA SER A 28 14.95 0.74 -16.27
C SER A 28 14.18 -0.47 -15.73
N THR A 29 13.32 -0.22 -14.76
CA THR A 29 12.54 -1.28 -14.15
C THR A 29 11.14 -1.31 -14.78
N TRP A 30 10.44 -2.43 -14.61
CA TRP A 30 9.14 -2.61 -15.24
C TRP A 30 8.06 -1.85 -14.47
N GLU A 31 6.82 -2.00 -14.94
CA GLU A 31 5.68 -1.34 -14.33
C GLU A 31 5.03 -2.23 -13.27
N SER A 32 5.69 -3.35 -13.01
CA SER A 32 5.17 -4.39 -12.12
C SER A 32 4.84 -3.84 -10.74
N TYR A 33 5.66 -2.93 -10.23
CA TYR A 33 5.46 -2.37 -8.90
C TYR A 33 4.18 -1.55 -8.84
N GLU A 34 3.85 -0.93 -9.97
CA GLU A 34 2.63 -0.12 -10.06
C GLU A 34 1.41 -1.01 -10.19
N THR A 35 1.48 -1.95 -11.14
CA THR A 35 0.37 -2.81 -11.47
C THR A 35 -0.15 -3.56 -10.24
N VAL A 36 0.72 -4.28 -9.55
CA VAL A 36 0.30 -5.08 -8.39
C VAL A 36 -0.28 -4.18 -7.30
N LEU A 37 0.31 -3.00 -7.14
CA LEU A 37 -0.08 -2.06 -6.11
C LEU A 37 -1.50 -1.57 -6.36
N ARG A 38 -1.67 -0.84 -7.46
CA ARG A 38 -2.95 -0.21 -7.77
C ARG A 38 -4.07 -1.24 -7.89
N LEU A 39 -3.74 -2.38 -8.51
CA LEU A 39 -4.72 -3.45 -8.72
C LEU A 39 -5.27 -3.97 -7.39
N HIS A 40 -4.41 -4.06 -6.38
CA HIS A 40 -4.82 -4.67 -5.12
C HIS A 40 -5.24 -3.65 -4.07
N VAL A 41 -4.44 -2.62 -3.84
CA VAL A 41 -4.68 -1.75 -2.69
C VAL A 41 -5.67 -0.63 -2.98
N ILE A 42 -5.77 -0.18 -4.23
CA ILE A 42 -6.69 0.92 -4.54
C ILE A 42 -8.16 0.53 -4.33
N PRO A 43 -8.63 -0.59 -4.91
CA PRO A 43 -10.03 -1.01 -4.77
C PRO A 43 -10.35 -1.53 -3.36
N THR A 44 -9.34 -1.62 -2.51
CA THR A 44 -9.54 -2.09 -1.14
C THR A 44 -9.41 -0.96 -0.13
N LEU A 45 -8.19 -0.42 0.00
CA LEU A 45 -7.90 0.59 1.01
C LEU A 45 -7.66 1.95 0.38
N GLY A 46 -7.59 1.98 -0.94
CA GLY A 46 -7.27 3.20 -1.65
C GLY A 46 -8.29 4.30 -1.46
N SER A 47 -9.54 3.91 -1.24
CA SER A 47 -10.62 4.87 -1.04
C SER A 47 -10.72 5.30 0.42
N ILE A 48 -9.67 5.03 1.18
CA ILE A 48 -9.59 5.44 2.58
C ILE A 48 -8.43 6.42 2.75
N PRO A 49 -8.62 7.49 3.54
CA PRO A 49 -7.53 8.43 3.84
C PRO A 49 -6.40 7.76 4.63
N LEU A 50 -5.17 8.16 4.35
CA LEU A 50 -3.99 7.55 4.99
C LEU A 50 -4.00 7.76 6.50
N LYS A 51 -4.55 8.88 6.95
CA LYS A 51 -4.60 9.18 8.37
C LYS A 51 -5.71 8.42 9.08
N LYS A 52 -6.51 7.69 8.32
CA LYS A 52 -7.59 6.90 8.89
C LYS A 52 -7.34 5.41 8.65
N LEU A 53 -6.39 5.11 7.77
CA LEU A 53 -6.06 3.75 7.41
C LEU A 53 -5.43 3.03 8.60
N GLN A 54 -6.07 1.96 9.05
CA GLN A 54 -5.60 1.21 10.20
C GLN A 54 -4.63 0.12 9.77
N PRO A 55 -3.64 -0.20 10.62
CA PRO A 55 -2.71 -1.30 10.39
C PRO A 55 -3.44 -2.64 10.25
N ALA A 56 -4.61 -2.72 10.90
CA ALA A 56 -5.44 -3.91 10.82
C ALA A 56 -5.92 -4.15 9.39
N ASP A 57 -6.23 -3.07 8.69
CA ASP A 57 -6.69 -3.16 7.31
C ASP A 57 -5.60 -3.67 6.39
N ILE A 58 -4.38 -3.21 6.64
CA ILE A 58 -3.22 -3.64 5.87
C ILE A 58 -2.95 -5.13 6.11
N GLN A 59 -3.04 -5.54 7.37
CA GLN A 59 -2.87 -6.94 7.74
C GLN A 59 -3.96 -7.78 7.07
N ARG A 60 -5.19 -7.26 7.13
CA ARG A 60 -6.34 -7.93 6.56
C ARG A 60 -6.18 -8.09 5.04
N LEU A 61 -5.58 -7.09 4.41
CA LEU A 61 -5.35 -7.12 2.97
C LEU A 61 -4.48 -8.31 2.60
N TYR A 62 -3.37 -8.47 3.33
CA TYR A 62 -2.44 -9.57 3.08
C TYR A 62 -3.12 -10.91 3.30
N ALA A 63 -3.87 -11.01 4.39
CA ALA A 63 -4.51 -12.26 4.78
C ALA A 63 -5.65 -12.63 3.86
N SER A 64 -6.55 -11.69 3.61
CA SER A 64 -7.76 -11.97 2.86
C SER A 64 -7.45 -12.30 1.40
N LYS A 65 -6.44 -11.65 0.84
CA LYS A 65 -6.05 -11.93 -0.53
C LYS A 65 -5.25 -13.23 -0.62
N LEU A 66 -4.64 -13.65 0.48
CA LEU A 66 -4.03 -14.96 0.56
C LEU A 66 -5.14 -16.01 0.48
N GLU A 67 -6.23 -15.75 1.19
CA GLU A 67 -7.42 -16.59 1.16
C GLU A 67 -8.04 -16.57 -0.24
N SER A 68 -7.80 -15.48 -0.97
CA SER A 68 -8.34 -15.32 -2.31
C SER A 68 -7.55 -16.12 -3.34
N GLY A 69 -6.43 -16.70 -2.92
CA GLY A 69 -5.67 -17.55 -3.81
C GLY A 69 -4.41 -16.92 -4.34
N LEU A 70 -3.89 -15.94 -3.62
CA LEU A 70 -2.62 -15.33 -4.00
C LEU A 70 -1.46 -16.12 -3.42
N SER A 71 -0.39 -16.24 -4.16
CA SER A 71 0.78 -16.98 -3.72
C SER A 71 1.51 -16.20 -2.63
N PRO A 72 1.97 -16.90 -1.58
CA PRO A 72 2.61 -16.27 -0.42
C PRO A 72 3.77 -15.35 -0.81
N THR A 73 4.54 -15.76 -1.81
CA THR A 73 5.67 -14.98 -2.27
C THR A 73 5.22 -13.69 -2.95
N ARG A 74 4.13 -13.77 -3.71
CA ARG A 74 3.66 -12.62 -4.44
C ARG A 74 2.95 -11.65 -3.50
N VAL A 75 2.29 -12.19 -2.49
CA VAL A 75 1.74 -11.36 -1.42
C VAL A 75 2.88 -10.72 -0.63
N ARG A 76 3.95 -11.49 -0.47
CA ARG A 76 5.15 -11.02 0.20
C ARG A 76 5.75 -9.85 -0.56
N TYR A 77 5.69 -9.90 -1.88
CA TYR A 77 6.15 -8.78 -2.70
C TYR A 77 5.24 -7.57 -2.53
N ILE A 78 3.92 -7.81 -2.54
CA ILE A 78 2.95 -6.75 -2.34
C ILE A 78 3.17 -6.04 -1.00
N HIS A 79 3.56 -6.83 0.00
CA HIS A 79 3.86 -6.31 1.32
C HIS A 79 4.89 -5.19 1.27
N VAL A 80 6.01 -5.43 0.61
CA VAL A 80 7.13 -4.50 0.66
C VAL A 80 6.92 -3.32 -0.28
N VAL A 81 6.32 -3.57 -1.45
CA VAL A 81 6.08 -2.50 -2.39
C VAL A 81 5.05 -1.50 -1.82
N LEU A 82 4.06 -2.04 -1.11
CA LEU A 82 3.08 -1.19 -0.43
C LEU A 82 3.76 -0.38 0.66
N HIS A 83 4.66 -1.03 1.40
CA HIS A 83 5.39 -0.41 2.48
C HIS A 83 6.16 0.81 2.00
N GLU A 84 7.07 0.59 1.05
CA GLU A 84 7.99 1.65 0.65
C GLU A 84 7.31 2.67 -0.26
N ALA A 85 6.17 2.32 -0.83
CA ALA A 85 5.39 3.28 -1.60
C ALA A 85 4.70 4.24 -0.64
N MET A 86 4.13 3.68 0.43
CA MET A 86 3.44 4.46 1.43
C MET A 86 4.42 5.32 2.23
N SER A 87 5.66 4.84 2.33
CA SER A 87 6.72 5.55 3.03
C SER A 87 7.02 6.89 2.34
N GLN A 88 6.69 7.00 1.06
CA GLN A 88 6.91 8.23 0.32
C GLN A 88 5.94 9.31 0.80
N ALA A 89 4.78 8.89 1.28
CA ALA A 89 3.80 9.81 1.86
C ALA A 89 4.25 10.24 3.25
N ARG A 90 4.90 9.31 3.94
CA ARG A 90 5.52 9.58 5.23
C ARG A 90 6.57 10.67 5.09
N GLU A 91 7.45 10.53 4.10
CA GLU A 91 8.50 11.50 3.86
C GLU A 91 7.97 12.73 3.14
N SER A 92 6.69 12.70 2.78
CA SER A 92 6.04 13.84 2.16
C SER A 92 5.41 14.72 3.22
N GLY A 93 5.41 14.24 4.46
CA GLY A 93 4.91 15.02 5.57
C GLY A 93 3.40 15.01 5.68
N LEU A 94 2.75 14.17 4.87
CA LEU A 94 1.30 14.09 4.92
C LEU A 94 0.86 12.86 5.71
N LEU A 95 1.82 12.02 6.03
CA LEU A 95 1.58 10.85 6.85
C LEU A 95 2.50 10.89 8.06
N LEU A 96 1.93 10.72 9.24
CA LEU A 96 2.68 10.82 10.48
C LEU A 96 3.47 9.54 10.76
N GLN A 97 2.89 8.39 10.42
CA GLN A 97 3.51 7.10 10.68
C GLN A 97 3.08 6.11 9.62
N ASN A 98 3.95 5.17 9.27
CA ASN A 98 3.58 4.09 8.36
C ASN A 98 2.78 3.03 9.11
N PRO A 99 1.50 2.86 8.76
CA PRO A 99 0.63 1.86 9.40
C PRO A 99 1.12 0.44 9.15
N THR A 100 1.99 0.29 8.14
CA THR A 100 2.57 -1.01 7.81
C THR A 100 3.48 -1.51 8.93
N GLU A 101 4.04 -0.57 9.69
CA GLU A 101 5.03 -0.89 10.71
C GLU A 101 4.35 -1.42 11.98
N ALA A 102 3.07 -1.14 12.11
CA ALA A 102 2.30 -1.56 13.27
C ALA A 102 1.42 -2.76 12.93
N ALA A 103 1.49 -3.20 11.69
CA ALA A 103 0.71 -4.33 11.24
C ALA A 103 1.46 -5.64 11.47
N LYS A 104 0.79 -6.76 11.21
CA LYS A 104 1.43 -8.07 11.33
C LYS A 104 1.59 -8.70 9.96
N PRO A 105 2.66 -8.33 9.23
CA PRO A 105 2.91 -8.80 7.88
C PRO A 105 3.97 -9.89 7.82
N PRO A 106 4.03 -10.62 6.70
CA PRO A 106 5.09 -11.61 6.46
C PRO A 106 6.48 -10.97 6.52
N ARG A 107 7.43 -11.71 7.09
CA ARG A 107 8.77 -11.19 7.29
C ARG A 107 9.58 -11.24 6.00
N HIS A 108 9.97 -10.06 5.52
CA HIS A 108 10.75 -9.94 4.30
C HIS A 108 11.32 -8.53 4.18
N PRO A 109 12.64 -8.41 4.05
CA PRO A 109 13.31 -7.12 3.88
C PRO A 109 12.96 -6.46 2.55
N LEU A 110 13.26 -5.18 2.42
CA LEU A 110 12.89 -4.43 1.23
C LEU A 110 13.96 -4.57 0.16
N GLU A 111 13.54 -4.89 -1.06
CA GLU A 111 14.43 -4.84 -2.22
C GLU A 111 14.58 -3.39 -2.68
N HIS A 112 13.73 -2.53 -2.11
CA HIS A 112 13.81 -1.08 -2.30
C HIS A 112 13.33 -0.64 -3.67
N HIS A 113 13.29 0.67 -3.86
CA HIS A 113 12.61 1.28 -5.00
C HIS A 113 13.33 1.00 -6.32
N HIS A 114 12.86 -0.03 -7.01
CA HIS A 114 13.23 -0.23 -8.39
C HIS A 114 12.19 0.49 -9.25
N HIS A 115 12.57 1.65 -9.77
CA HIS A 115 11.60 2.57 -10.35
C HIS A 115 11.33 2.29 -11.82
N HIS A 116 11.86 3.15 -12.70
CA HIS A 116 11.43 3.21 -14.09
C HIS A 116 11.94 4.53 -14.68
N HIS A 117 11.96 4.65 -16.00
CA HIS A 117 12.25 5.93 -16.63
C HIS A 117 11.02 6.81 -16.60
N MET A 1 -7.19 29.16 -2.16
CA MET A 1 -6.27 28.24 -1.45
C MET A 1 -7.00 26.94 -1.08
N ILE A 2 -8.25 26.81 -1.50
CA ILE A 2 -9.04 25.65 -1.14
C ILE A 2 -9.25 24.73 -2.35
N GLU A 3 -8.57 23.59 -2.33
CA GLU A 3 -8.77 22.57 -3.34
C GLU A 3 -9.84 21.59 -2.86
N PRO A 4 -11.00 21.56 -3.54
CA PRO A 4 -12.15 20.74 -3.13
C PRO A 4 -11.93 19.24 -3.38
N SER A 5 -10.98 18.66 -2.65
CA SER A 5 -10.74 17.23 -2.68
C SER A 5 -9.74 16.87 -1.58
N LYS A 6 -9.94 15.73 -0.94
CA LYS A 6 -9.08 15.30 0.15
C LYS A 6 -8.12 14.21 -0.29
N ILE A 7 -8.29 13.77 -1.55
CA ILE A 7 -7.45 12.76 -2.21
C ILE A 7 -7.10 11.54 -1.34
N THR A 8 -7.79 10.45 -1.59
CA THR A 8 -7.50 9.19 -0.91
C THR A 8 -6.27 8.52 -1.54
N VAL A 9 -5.92 7.32 -1.05
CA VAL A 9 -4.75 6.60 -1.55
C VAL A 9 -4.71 6.53 -3.07
N GLU A 10 -5.84 6.14 -3.66
CA GLU A 10 -5.94 5.95 -5.10
C GLU A 10 -5.64 7.26 -5.85
N GLN A 11 -6.16 8.37 -5.35
CA GLN A 11 -6.01 9.65 -6.02
C GLN A 11 -4.61 10.22 -5.79
N TRP A 12 -4.08 10.00 -4.60
CA TRP A 12 -2.75 10.49 -4.28
C TRP A 12 -1.70 9.82 -5.17
N LEU A 13 -1.74 8.50 -5.22
CA LEU A 13 -0.80 7.74 -6.04
C LEU A 13 -0.85 8.20 -7.48
N ASN A 14 -2.06 8.30 -8.03
CA ASN A 14 -2.25 8.69 -9.41
C ASN A 14 -1.62 10.06 -9.71
N ARG A 15 -1.90 11.04 -8.86
CA ARG A 15 -1.38 12.39 -9.08
C ARG A 15 0.13 12.42 -8.84
N TRP A 16 0.56 11.87 -7.71
CA TRP A 16 1.97 11.94 -7.30
C TRP A 16 2.87 11.31 -8.35
N LEU A 17 2.49 10.11 -8.80
CA LEU A 17 3.24 9.39 -9.82
C LEU A 17 3.39 10.23 -11.09
N THR A 18 2.28 10.81 -11.53
CA THR A 18 2.26 11.55 -12.78
C THR A 18 2.93 12.91 -12.63
N ASP A 19 2.90 13.46 -11.42
CA ASP A 19 3.44 14.80 -11.17
C ASP A 19 4.96 14.75 -10.99
N TYR A 20 5.43 13.78 -10.22
CA TYR A 20 6.85 13.69 -9.88
C TYR A 20 7.64 12.87 -10.88
N ALA A 21 6.97 12.30 -11.88
CA ALA A 21 7.65 11.55 -12.93
C ALA A 21 8.50 12.48 -13.79
N LYS A 22 7.84 13.26 -14.63
CA LYS A 22 8.50 14.19 -15.55
C LYS A 22 9.44 13.45 -16.51
N PRO A 23 8.92 13.08 -17.68
CA PRO A 23 9.66 12.31 -18.69
C PRO A 23 10.95 13.01 -19.12
N HIS A 24 12.07 12.31 -18.94
CA HIS A 24 13.38 12.85 -19.28
C HIS A 24 14.30 11.74 -19.78
N LEU A 25 14.54 10.76 -18.92
CA LEU A 25 15.37 9.62 -19.29
C LEU A 25 14.54 8.57 -20.00
N ARG A 26 15.22 7.63 -20.66
CA ARG A 26 14.52 6.58 -21.39
C ARG A 26 13.94 5.54 -20.43
N GLN A 27 13.14 4.63 -20.99
CA GLN A 27 12.36 3.68 -20.20
C GLN A 27 13.21 2.89 -19.19
N SER A 28 12.76 2.93 -17.95
CA SER A 28 13.40 2.20 -16.86
C SER A 28 12.33 1.80 -15.84
N THR A 29 11.16 1.45 -16.36
CA THR A 29 10.01 1.14 -15.52
C THR A 29 9.87 -0.36 -15.29
N TRP A 30 9.40 -0.72 -14.10
CA TRP A 30 9.11 -2.11 -13.79
C TRP A 30 7.59 -2.29 -13.83
N GLU A 31 6.88 -1.25 -13.38
CA GLU A 31 5.42 -1.14 -13.53
C GLU A 31 4.66 -2.13 -12.63
N SER A 32 5.38 -3.05 -12.02
CA SER A 32 4.77 -4.03 -11.13
C SER A 32 4.19 -3.34 -9.91
N TYR A 33 4.92 -2.35 -9.39
CA TYR A 33 4.51 -1.58 -8.22
C TYR A 33 3.07 -1.12 -8.37
N GLU A 34 2.81 -0.46 -9.49
CA GLU A 34 1.51 0.12 -9.74
C GLU A 34 0.47 -0.99 -9.91
N THR A 35 0.81 -1.96 -10.77
CA THR A 35 -0.09 -3.06 -11.09
C THR A 35 -0.60 -3.76 -9.84
N VAL A 36 0.31 -4.23 -8.98
CA VAL A 36 -0.08 -5.01 -7.81
C VAL A 36 -0.91 -4.18 -6.82
N LEU A 37 -0.51 -2.92 -6.64
CA LEU A 37 -1.16 -2.06 -5.66
C LEU A 37 -2.57 -1.69 -6.08
N ARG A 38 -2.72 -0.96 -7.19
CA ARG A 38 -4.03 -0.49 -7.60
C ARG A 38 -5.01 -1.64 -7.76
N LEU A 39 -4.52 -2.74 -8.34
CA LEU A 39 -5.34 -3.91 -8.59
C LEU A 39 -5.97 -4.45 -7.30
N HIS A 40 -5.16 -4.65 -6.27
CA HIS A 40 -5.65 -5.33 -5.08
C HIS A 40 -5.99 -4.40 -3.92
N VAL A 41 -5.19 -3.37 -3.70
CA VAL A 41 -5.37 -2.56 -2.50
C VAL A 41 -6.26 -1.34 -2.76
N ILE A 42 -6.37 -0.91 -4.01
CA ILE A 42 -7.15 0.29 -4.32
C ILE A 42 -8.67 0.07 -4.18
N PRO A 43 -9.25 -1.05 -4.68
CA PRO A 43 -10.69 -1.30 -4.58
C PRO A 43 -11.23 -1.25 -3.14
N THR A 44 -10.41 -1.70 -2.18
CA THR A 44 -10.87 -1.78 -0.80
C THR A 44 -10.23 -0.71 0.11
N LEU A 45 -8.93 -0.48 -0.04
CA LEU A 45 -8.22 0.46 0.85
C LEU A 45 -7.89 1.76 0.13
N GLY A 46 -8.15 1.82 -1.17
CA GLY A 46 -7.85 3.01 -1.95
C GLY A 46 -8.78 4.17 -1.60
N SER A 47 -9.92 3.83 -1.03
CA SER A 47 -10.90 4.81 -0.62
C SER A 47 -10.65 5.27 0.81
N ILE A 48 -9.55 4.81 1.38
CA ILE A 48 -9.18 5.17 2.74
C ILE A 48 -8.20 6.33 2.75
N PRO A 49 -8.45 7.36 3.57
CA PRO A 49 -7.52 8.47 3.74
C PRO A 49 -6.23 8.01 4.41
N LEU A 50 -5.10 8.53 3.93
CA LEU A 50 -3.79 8.14 4.42
C LEU A 50 -3.67 8.28 5.94
N LYS A 51 -4.34 9.27 6.49
CA LYS A 51 -4.23 9.55 7.91
C LYS A 51 -5.21 8.71 8.75
N LYS A 52 -5.95 7.82 8.11
CA LYS A 52 -6.79 6.88 8.82
C LYS A 52 -6.19 5.49 8.74
N LEU A 53 -5.30 5.32 7.77
CA LEU A 53 -4.74 4.01 7.43
C LEU A 53 -4.19 3.30 8.67
N GLN A 54 -4.87 2.22 9.06
CA GLN A 54 -4.48 1.44 10.22
C GLN A 54 -3.87 0.11 9.79
N PRO A 55 -3.00 -0.47 10.63
CA PRO A 55 -2.38 -1.77 10.34
C PRO A 55 -3.40 -2.89 10.18
N ALA A 56 -4.54 -2.74 10.84
CA ALA A 56 -5.61 -3.72 10.76
C ALA A 56 -6.12 -3.88 9.32
N ASP A 57 -6.34 -2.75 8.64
CA ASP A 57 -6.80 -2.77 7.26
C ASP A 57 -5.78 -3.45 6.36
N ILE A 58 -4.51 -3.14 6.59
CA ILE A 58 -3.42 -3.70 5.81
C ILE A 58 -3.32 -5.20 6.01
N GLN A 59 -3.33 -5.63 7.26
CA GLN A 59 -3.23 -7.04 7.60
C GLN A 59 -4.41 -7.82 7.05
N ARG A 60 -5.61 -7.27 7.22
CA ARG A 60 -6.81 -7.92 6.71
C ARG A 60 -6.76 -7.99 5.19
N LEU A 61 -6.22 -6.95 4.58
CA LEU A 61 -6.00 -6.92 3.14
C LEU A 61 -5.18 -8.14 2.74
N TYR A 62 -4.05 -8.36 3.40
CA TYR A 62 -3.18 -9.47 3.10
C TYR A 62 -3.89 -10.81 3.34
N ALA A 63 -4.59 -10.90 4.45
CA ALA A 63 -5.29 -12.12 4.84
C ALA A 63 -6.33 -12.52 3.80
N SER A 64 -7.25 -11.62 3.51
CA SER A 64 -8.33 -11.91 2.55
C SER A 64 -7.79 -12.01 1.12
N LYS A 65 -6.67 -11.34 0.86
CA LYS A 65 -6.03 -11.41 -0.44
C LYS A 65 -5.31 -12.75 -0.60
N LEU A 66 -4.96 -13.36 0.53
CA LEU A 66 -4.39 -14.69 0.53
C LEU A 66 -5.50 -15.70 0.23
N GLU A 67 -6.67 -15.44 0.80
CA GLU A 67 -7.86 -16.26 0.57
C GLU A 67 -8.32 -16.14 -0.88
N SER A 68 -7.81 -15.13 -1.58
CA SER A 68 -8.11 -14.94 -2.99
C SER A 68 -7.34 -15.97 -3.82
N GLY A 69 -6.32 -16.58 -3.23
CA GLY A 69 -5.55 -17.59 -3.93
C GLY A 69 -4.21 -17.07 -4.41
N LEU A 70 -3.59 -16.19 -3.64
CA LEU A 70 -2.27 -15.68 -3.98
C LEU A 70 -1.18 -16.39 -3.19
N SER A 71 -0.09 -16.71 -3.87
CA SER A 71 1.07 -17.32 -3.23
C SER A 71 1.66 -16.35 -2.20
N PRO A 72 2.03 -16.87 -1.02
CA PRO A 72 2.59 -16.06 0.07
C PRO A 72 3.83 -15.26 -0.37
N THR A 73 4.52 -15.77 -1.39
CA THR A 73 5.68 -15.09 -1.94
C THR A 73 5.31 -13.73 -2.51
N ARG A 74 4.25 -13.70 -3.31
CA ARG A 74 3.78 -12.46 -3.91
C ARG A 74 3.08 -11.62 -2.87
N VAL A 75 2.50 -12.28 -1.87
CA VAL A 75 1.88 -11.58 -0.75
C VAL A 75 2.92 -10.77 0.01
N ARG A 76 4.09 -11.36 0.21
CA ARG A 76 5.19 -10.69 0.88
C ARG A 76 5.70 -9.54 0.03
N TYR A 77 5.75 -9.75 -1.29
CA TYR A 77 6.14 -8.70 -2.23
C TYR A 77 5.25 -7.47 -2.05
N ILE A 78 3.93 -7.70 -2.01
CA ILE A 78 2.97 -6.62 -1.84
C ILE A 78 3.22 -5.88 -0.52
N HIS A 79 3.65 -6.60 0.50
CA HIS A 79 3.97 -6.00 1.79
C HIS A 79 5.16 -5.06 1.64
N VAL A 80 6.15 -5.48 0.86
CA VAL A 80 7.37 -4.71 0.66
C VAL A 80 7.11 -3.49 -0.23
N VAL A 81 6.41 -3.70 -1.33
CA VAL A 81 6.14 -2.62 -2.29
C VAL A 81 5.23 -1.56 -1.66
N LEU A 82 4.23 -1.99 -0.91
CA LEU A 82 3.34 -1.06 -0.22
C LEU A 82 4.12 -0.25 0.79
N HIS A 83 5.04 -0.92 1.48
CA HIS A 83 5.93 -0.25 2.43
C HIS A 83 6.70 0.88 1.74
N GLU A 84 7.34 0.56 0.63
CA GLU A 84 8.18 1.52 -0.09
C GLU A 84 7.34 2.68 -0.63
N ALA A 85 6.21 2.35 -1.25
CA ALA A 85 5.36 3.35 -1.87
C ALA A 85 4.73 4.26 -0.80
N MET A 86 4.23 3.66 0.27
CA MET A 86 3.60 4.42 1.35
C MET A 86 4.66 5.20 2.14
N SER A 87 5.88 4.68 2.13
CA SER A 87 7.00 5.33 2.79
C SER A 87 7.21 6.74 2.25
N GLN A 88 6.87 6.93 0.98
CA GLN A 88 7.02 8.23 0.34
C GLN A 88 6.10 9.26 0.99
N ALA A 89 4.89 8.83 1.34
CA ALA A 89 3.93 9.71 1.98
C ALA A 89 4.38 10.06 3.39
N ARG A 90 5.03 9.11 4.05
CA ARG A 90 5.54 9.31 5.39
C ARG A 90 6.64 10.37 5.38
N GLU A 91 7.59 10.21 4.48
CA GLU A 91 8.73 11.11 4.39
C GLU A 91 8.35 12.41 3.67
N SER A 92 7.06 12.57 3.39
CA SER A 92 6.55 13.81 2.81
C SER A 92 5.68 14.54 3.82
N GLY A 93 5.59 14.00 5.02
CA GLY A 93 4.84 14.64 6.09
C GLY A 93 3.33 14.43 5.99
N LEU A 94 2.92 13.49 5.15
CA LEU A 94 1.51 13.20 4.98
C LEU A 94 1.08 12.11 5.95
N LEU A 95 2.03 11.26 6.31
CA LEU A 95 1.79 10.21 7.27
C LEU A 95 2.90 10.22 8.30
N LEU A 96 2.53 10.37 9.56
CA LEU A 96 3.50 10.53 10.64
C LEU A 96 4.09 9.19 11.08
N GLN A 97 3.49 8.10 10.62
CA GLN A 97 3.87 6.79 11.09
C GLN A 97 4.09 5.82 9.93
N ASN A 98 4.61 4.64 10.26
CA ASN A 98 4.77 3.57 9.28
C ASN A 98 3.98 2.35 9.76
N PRO A 99 2.74 2.20 9.27
CA PRO A 99 1.83 1.15 9.72
C PRO A 99 2.05 -0.18 9.02
N THR A 100 2.84 -0.16 7.95
CA THR A 100 3.08 -1.35 7.14
C THR A 100 3.79 -2.43 7.95
N GLU A 101 4.72 -2.01 8.81
CA GLU A 101 5.48 -2.94 9.64
C GLU A 101 4.62 -3.45 10.79
N ALA A 102 3.73 -2.60 11.27
CA ALA A 102 2.79 -2.97 12.32
C ALA A 102 1.77 -3.98 11.77
N ALA A 103 1.59 -3.97 10.47
CA ALA A 103 0.72 -4.94 9.82
C ALA A 103 1.51 -6.18 9.45
N LYS A 104 1.48 -7.16 10.35
CA LYS A 104 2.21 -8.40 10.16
C LYS A 104 1.57 -9.26 9.07
N PRO A 105 2.35 -9.65 8.07
CA PRO A 105 1.88 -10.48 6.96
C PRO A 105 1.67 -11.94 7.37
N PRO A 106 1.12 -12.78 6.46
CA PRO A 106 0.92 -14.21 6.72
C PRO A 106 2.18 -14.92 7.20
N ARG A 107 1.99 -16.10 7.80
CA ARG A 107 3.08 -16.86 8.40
C ARG A 107 4.06 -17.37 7.34
N HIS A 108 5.31 -17.52 7.77
CA HIS A 108 6.41 -17.97 6.91
C HIS A 108 6.63 -19.47 7.10
N PRO A 109 6.21 -20.29 6.12
CA PRO A 109 6.26 -21.75 6.23
C PRO A 109 7.68 -22.32 6.15
N LEU A 110 8.20 -22.45 4.93
CA LEU A 110 9.53 -23.00 4.74
C LEU A 110 10.59 -21.94 5.05
N GLU A 111 11.74 -22.37 5.53
CA GLU A 111 12.77 -21.44 5.95
C GLU A 111 14.16 -21.99 5.61
N HIS A 112 15.18 -21.16 5.86
CA HIS A 112 16.58 -21.53 5.72
C HIS A 112 17.01 -21.56 4.25
N HIS A 113 16.33 -22.38 3.46
CA HIS A 113 16.65 -22.48 2.04
C HIS A 113 15.81 -21.49 1.26
N HIS A 114 16.46 -20.48 0.70
CA HIS A 114 15.78 -19.46 -0.08
C HIS A 114 15.36 -20.03 -1.42
N HIS A 115 14.36 -19.42 -2.05
CA HIS A 115 13.90 -19.89 -3.33
C HIS A 115 14.27 -18.89 -4.42
N HIS A 116 15.40 -19.14 -5.07
CA HIS A 116 15.84 -18.32 -6.19
C HIS A 116 15.01 -18.68 -7.43
N HIS A 117 14.41 -19.86 -7.38
CA HIS A 117 13.54 -20.33 -8.43
C HIS A 117 12.43 -21.18 -7.82
N MET A 1 -16.26 9.83 14.73
CA MET A 1 -15.77 10.28 13.40
C MET A 1 -16.25 9.33 12.31
N ILE A 2 -16.55 9.88 11.15
CA ILE A 2 -16.93 9.09 9.99
C ILE A 2 -15.85 9.18 8.93
N GLU A 3 -15.61 10.41 8.48
CA GLU A 3 -14.55 10.69 7.55
C GLU A 3 -13.52 11.60 8.20
N PRO A 4 -12.39 11.03 8.66
CA PRO A 4 -11.36 11.78 9.38
C PRO A 4 -10.74 12.90 8.53
N SER A 5 -10.61 12.64 7.22
CA SER A 5 -10.01 13.59 6.30
C SER A 5 -10.45 13.29 4.88
N LYS A 6 -10.12 14.19 3.95
CA LYS A 6 -10.43 13.98 2.54
C LYS A 6 -9.23 13.47 1.78
N ILE A 7 -8.06 13.55 2.40
CA ILE A 7 -6.85 13.00 1.81
C ILE A 7 -6.90 11.48 1.74
N THR A 8 -7.48 10.98 0.67
CA THR A 8 -7.61 9.55 0.46
C THR A 8 -6.35 8.97 -0.16
N VAL A 9 -6.23 7.65 -0.10
CA VAL A 9 -5.10 6.96 -0.71
C VAL A 9 -5.07 7.20 -2.21
N GLU A 10 -6.22 7.02 -2.86
CA GLU A 10 -6.32 7.15 -4.31
C GLU A 10 -5.92 8.56 -4.77
N GLN A 11 -6.26 9.56 -3.97
CA GLN A 11 -5.97 10.94 -4.32
C GLN A 11 -4.47 11.20 -4.30
N TRP A 12 -3.81 10.72 -3.24
CA TRP A 12 -2.37 10.88 -3.11
C TRP A 12 -1.64 9.99 -4.12
N LEU A 13 -2.07 8.73 -4.19
CA LEU A 13 -1.40 7.73 -5.01
C LEU A 13 -1.40 8.14 -6.49
N ASN A 14 -2.58 8.47 -7.01
CA ASN A 14 -2.71 8.83 -8.42
C ASN A 14 -1.88 10.06 -8.75
N ARG A 15 -1.92 11.06 -7.88
CA ARG A 15 -1.17 12.29 -8.09
C ARG A 15 0.33 12.02 -8.08
N TRP A 16 0.76 11.21 -7.11
CA TRP A 16 2.17 10.85 -7.00
C TRP A 16 2.65 10.17 -8.27
N LEU A 17 1.88 9.20 -8.73
CA LEU A 17 2.21 8.46 -9.95
C LEU A 17 2.22 9.38 -11.16
N THR A 18 1.39 10.41 -11.14
CA THR A 18 1.32 11.36 -12.24
C THR A 18 2.61 12.15 -12.36
N ASP A 19 3.09 12.70 -11.25
CA ASP A 19 4.29 13.53 -11.27
C ASP A 19 5.54 12.68 -11.35
N TYR A 20 5.59 11.63 -10.53
CA TYR A 20 6.77 10.78 -10.44
C TYR A 20 6.77 9.73 -11.55
N ALA A 21 5.82 9.82 -12.47
CA ALA A 21 5.78 8.94 -13.64
C ALA A 21 7.10 8.98 -14.38
N LYS A 22 7.52 10.19 -14.76
CA LYS A 22 8.78 10.40 -15.49
C LYS A 22 8.81 9.56 -16.76
N PRO A 23 8.36 10.14 -17.90
CA PRO A 23 8.25 9.43 -19.18
C PRO A 23 9.35 8.39 -19.38
N HIS A 24 10.60 8.85 -19.49
CA HIS A 24 11.77 7.97 -19.44
C HIS A 24 11.86 7.02 -20.64
N LEU A 25 13.07 6.77 -21.10
CA LEU A 25 13.30 5.81 -22.16
C LEU A 25 13.73 4.48 -21.57
N ARG A 26 13.12 3.40 -22.07
CA ARG A 26 13.45 2.02 -21.67
C ARG A 26 12.87 1.68 -20.29
N GLN A 27 13.05 0.41 -19.91
CA GLN A 27 12.69 -0.10 -18.58
C GLN A 27 11.18 -0.19 -18.38
N SER A 28 10.63 -1.35 -18.64
CA SER A 28 9.23 -1.63 -18.39
C SER A 28 9.07 -2.33 -17.04
N THR A 29 10.21 -2.73 -16.47
CA THR A 29 10.24 -3.43 -15.18
C THR A 29 9.60 -2.59 -14.07
N TRP A 30 9.77 -1.27 -14.17
CA TRP A 30 9.27 -0.34 -13.15
C TRP A 30 7.75 -0.31 -13.14
N GLU A 31 7.15 -0.60 -14.29
CA GLU A 31 5.69 -0.55 -14.42
C GLU A 31 5.02 -1.67 -13.64
N SER A 32 5.83 -2.63 -13.20
CA SER A 32 5.34 -3.70 -12.35
C SER A 32 4.92 -3.15 -10.99
N TYR A 33 5.66 -2.15 -10.52
CA TYR A 33 5.34 -1.48 -9.25
C TYR A 33 4.00 -0.78 -9.36
N GLU A 34 3.83 -0.04 -10.45
CA GLU A 34 2.61 0.71 -10.71
C GLU A 34 1.41 -0.23 -10.72
N THR A 35 1.58 -1.39 -11.35
CA THR A 35 0.50 -2.34 -11.49
C THR A 35 0.14 -3.04 -10.18
N VAL A 36 1.13 -3.54 -9.45
CA VAL A 36 0.84 -4.28 -8.21
C VAL A 36 0.23 -3.37 -7.15
N LEU A 37 0.73 -2.13 -7.06
CA LEU A 37 0.15 -1.15 -6.15
C LEU A 37 -1.30 -0.89 -6.53
N ARG A 38 -1.50 -0.53 -7.79
CA ARG A 38 -2.82 -0.34 -8.36
C ARG A 38 -3.74 -1.52 -8.03
N LEU A 39 -3.27 -2.71 -8.39
CA LEU A 39 -4.08 -3.90 -8.34
C LEU A 39 -4.56 -4.23 -6.93
N HIS A 40 -3.72 -3.97 -5.93
CA HIS A 40 -4.00 -4.46 -4.60
C HIS A 40 -4.66 -3.42 -3.69
N VAL A 41 -4.20 -2.17 -3.75
CA VAL A 41 -4.63 -1.20 -2.74
C VAL A 41 -5.71 -0.24 -3.24
N ILE A 42 -5.72 0.08 -4.53
CA ILE A 42 -6.67 1.07 -5.04
C ILE A 42 -8.12 0.62 -4.84
N PRO A 43 -8.53 -0.57 -5.33
CA PRO A 43 -9.91 -1.05 -5.18
C PRO A 43 -10.26 -1.44 -3.74
N THR A 44 -9.25 -1.52 -2.88
CA THR A 44 -9.47 -1.94 -1.50
C THR A 44 -9.50 -0.75 -0.54
N LEU A 45 -8.35 -0.10 -0.39
CA LEU A 45 -8.18 0.93 0.62
C LEU A 45 -8.01 2.30 -0.03
N GLY A 46 -8.15 2.35 -1.34
CA GLY A 46 -7.93 3.59 -2.08
C GLY A 46 -8.91 4.69 -1.68
N SER A 47 -10.15 4.30 -1.42
CA SER A 47 -11.19 5.27 -1.07
C SER A 47 -11.06 5.68 0.41
N ILE A 48 -10.09 5.11 1.10
CA ILE A 48 -9.88 5.37 2.51
C ILE A 48 -8.87 6.51 2.70
N PRO A 49 -9.20 7.46 3.60
CA PRO A 49 -8.29 8.55 3.94
C PRO A 49 -7.00 8.06 4.58
N LEU A 50 -5.90 8.74 4.26
CA LEU A 50 -4.57 8.36 4.74
C LEU A 50 -4.52 8.33 6.27
N LYS A 51 -5.36 9.13 6.92
CA LYS A 51 -5.37 9.21 8.38
C LYS A 51 -6.07 8.00 9.00
N LYS A 52 -6.84 7.26 8.21
CA LYS A 52 -7.57 6.11 8.72
C LYS A 52 -6.88 4.82 8.29
N LEU A 53 -5.82 4.96 7.50
CA LEU A 53 -5.07 3.82 7.01
C LEU A 53 -4.23 3.23 8.14
N GLN A 54 -4.69 2.13 8.71
CA GLN A 54 -4.01 1.49 9.82
C GLN A 54 -3.23 0.27 9.34
N PRO A 55 -2.25 -0.19 10.13
CA PRO A 55 -1.54 -1.44 9.85
C PRO A 55 -2.48 -2.64 9.84
N ALA A 56 -3.54 -2.54 10.64
CA ALA A 56 -4.54 -3.59 10.73
C ALA A 56 -5.32 -3.75 9.42
N ASP A 57 -5.63 -2.62 8.79
CA ASP A 57 -6.34 -2.64 7.52
C ASP A 57 -5.47 -3.26 6.43
N ILE A 58 -4.19 -2.93 6.47
CA ILE A 58 -3.22 -3.48 5.52
C ILE A 58 -3.03 -4.99 5.75
N GLN A 59 -2.94 -5.37 7.02
CA GLN A 59 -2.77 -6.78 7.38
C GLN A 59 -3.99 -7.58 6.92
N ARG A 60 -5.18 -6.97 7.04
CA ARG A 60 -6.41 -7.60 6.61
C ARG A 60 -6.39 -7.84 5.10
N LEU A 61 -5.90 -6.83 4.38
CA LEU A 61 -5.74 -6.92 2.93
C LEU A 61 -5.06 -8.22 2.55
N TYR A 62 -3.86 -8.41 3.08
CA TYR A 62 -3.08 -9.61 2.80
C TYR A 62 -3.84 -10.85 3.21
N ALA A 63 -4.28 -10.88 4.47
CA ALA A 63 -4.92 -12.05 5.05
C ALA A 63 -6.13 -12.51 4.26
N SER A 64 -6.99 -11.56 3.91
CA SER A 64 -8.24 -11.88 3.24
C SER A 64 -8.01 -12.48 1.85
N LYS A 65 -7.18 -11.84 1.04
CA LYS A 65 -6.96 -12.33 -0.32
C LYS A 65 -5.99 -13.51 -0.33
N LEU A 66 -5.16 -13.61 0.70
CA LEU A 66 -4.30 -14.78 0.87
C LEU A 66 -5.15 -16.03 0.97
N GLU A 67 -6.20 -15.95 1.77
CA GLU A 67 -7.13 -17.04 1.96
C GLU A 67 -7.87 -17.38 0.67
N SER A 68 -7.95 -16.40 -0.23
CA SER A 68 -8.59 -16.60 -1.52
C SER A 68 -7.65 -17.38 -2.44
N GLY A 69 -6.39 -16.96 -2.50
CA GLY A 69 -5.43 -17.67 -3.31
C GLY A 69 -4.21 -16.83 -3.66
N LEU A 70 -3.55 -16.27 -2.65
CA LEU A 70 -2.31 -15.55 -2.87
C LEU A 70 -1.12 -16.43 -2.55
N SER A 71 -0.13 -16.43 -3.43
CA SER A 71 1.10 -17.14 -3.17
C SER A 71 1.86 -16.45 -2.04
N PRO A 72 2.54 -17.21 -1.16
CA PRO A 72 3.30 -16.65 -0.03
C PRO A 72 4.27 -15.57 -0.48
N THR A 73 4.86 -15.76 -1.65
CA THR A 73 5.79 -14.79 -2.22
C THR A 73 5.07 -13.50 -2.58
N ARG A 74 3.88 -13.63 -3.15
CA ARG A 74 3.07 -12.49 -3.56
C ARG A 74 2.68 -11.65 -2.34
N VAL A 75 2.38 -12.32 -1.24
CA VAL A 75 2.04 -11.64 0.00
C VAL A 75 3.20 -10.75 0.45
N ARG A 76 4.41 -11.26 0.31
CA ARG A 76 5.59 -10.50 0.69
C ARG A 76 5.87 -9.40 -0.32
N TYR A 77 5.65 -9.70 -1.59
CA TYR A 77 5.89 -8.75 -2.67
C TYR A 77 4.95 -7.55 -2.55
N ILE A 78 3.65 -7.82 -2.41
CA ILE A 78 2.66 -6.77 -2.19
C ILE A 78 2.99 -5.97 -0.93
N HIS A 79 3.54 -6.67 0.06
CA HIS A 79 3.94 -6.04 1.32
C HIS A 79 5.13 -5.12 1.14
N VAL A 80 6.17 -5.61 0.48
CA VAL A 80 7.41 -4.85 0.33
C VAL A 80 7.22 -3.65 -0.61
N VAL A 81 6.42 -3.83 -1.66
CA VAL A 81 6.18 -2.75 -2.61
C VAL A 81 5.31 -1.68 -1.96
N LEU A 82 4.41 -2.09 -1.07
CA LEU A 82 3.57 -1.15 -0.35
C LEU A 82 4.40 -0.41 0.69
N HIS A 83 5.31 -1.14 1.33
CA HIS A 83 6.20 -0.54 2.32
C HIS A 83 7.12 0.48 1.66
N GLU A 84 7.39 0.29 0.38
CA GLU A 84 8.26 1.18 -0.35
C GLU A 84 7.52 2.45 -0.78
N ALA A 85 6.37 2.26 -1.40
CA ALA A 85 5.66 3.37 -2.03
C ALA A 85 4.74 4.10 -1.04
N MET A 86 4.05 3.36 -0.20
CA MET A 86 3.03 3.95 0.68
C MET A 86 3.67 4.71 1.84
N SER A 87 4.84 4.29 2.27
CA SER A 87 5.54 4.96 3.36
C SER A 87 5.98 6.36 2.94
N GLN A 88 5.99 6.59 1.63
CA GLN A 88 6.32 7.90 1.10
C GLN A 88 5.23 8.91 1.42
N ALA A 89 4.02 8.41 1.72
CA ALA A 89 2.92 9.27 2.13
C ALA A 89 3.22 9.88 3.49
N ARG A 90 3.91 9.10 4.32
CA ARG A 90 4.37 9.58 5.62
C ARG A 90 5.42 10.66 5.43
N GLU A 91 6.34 10.44 4.51
CA GLU A 91 7.41 11.38 4.23
C GLU A 91 6.90 12.58 3.46
N SER A 92 5.73 12.44 2.83
CA SER A 92 5.10 13.54 2.13
C SER A 92 4.50 14.54 3.12
N GLY A 93 4.44 14.14 4.39
CA GLY A 93 3.94 15.02 5.42
C GLY A 93 2.50 14.72 5.79
N LEU A 94 1.88 13.80 5.06
CA LEU A 94 0.48 13.45 5.30
C LEU A 94 0.35 12.59 6.54
N LEU A 95 1.17 11.56 6.62
CA LEU A 95 1.05 10.60 7.72
C LEU A 95 2.29 10.66 8.61
N LEU A 96 2.10 10.38 9.89
CA LEU A 96 3.19 10.44 10.85
C LEU A 96 3.74 9.05 11.16
N GLN A 97 2.89 8.04 11.09
CA GLN A 97 3.28 6.68 11.44
C GLN A 97 3.51 5.85 10.19
N ASN A 98 4.10 4.67 10.37
CA ASN A 98 4.36 3.77 9.25
C ASN A 98 3.57 2.46 9.40
N PRO A 99 2.39 2.40 8.77
CA PRO A 99 1.50 1.25 8.88
C PRO A 99 1.98 0.05 8.08
N THR A 100 2.81 0.31 7.08
CA THR A 100 3.30 -0.75 6.20
C THR A 100 4.27 -1.69 6.93
N GLU A 101 5.05 -1.11 7.84
CA GLU A 101 6.01 -1.88 8.62
C GLU A 101 5.30 -2.69 9.70
N ALA A 102 4.24 -2.10 10.24
CA ALA A 102 3.55 -2.69 11.37
C ALA A 102 2.42 -3.62 10.91
N ALA A 103 2.36 -3.89 9.62
CA ALA A 103 1.37 -4.83 9.10
C ALA A 103 1.92 -6.23 9.17
N LYS A 104 1.66 -6.88 10.29
CA LYS A 104 2.17 -8.22 10.55
C LYS A 104 1.06 -9.11 11.11
N PRO A 105 0.94 -10.35 10.63
CA PRO A 105 0.00 -11.32 11.17
C PRO A 105 0.36 -11.72 12.61
N PRO A 106 -0.44 -11.30 13.59
CA PRO A 106 -0.15 -11.53 15.00
C PRO A 106 -0.46 -12.94 15.46
N ARG A 107 -1.57 -13.49 14.96
CA ARG A 107 -2.06 -14.80 15.39
C ARG A 107 -2.13 -14.87 16.92
N HIS A 108 -3.01 -14.10 17.50
CA HIS A 108 -3.13 -14.03 18.95
C HIS A 108 -4.59 -13.99 19.38
N PRO A 109 -4.92 -14.72 20.46
CA PRO A 109 -6.23 -14.65 21.11
C PRO A 109 -6.58 -13.24 21.54
N LEU A 110 -5.55 -12.50 21.92
CA LEU A 110 -5.72 -11.12 22.33
C LEU A 110 -5.80 -10.21 21.11
N GLU A 111 -7.00 -9.75 20.83
CA GLU A 111 -7.25 -8.95 19.63
C GLU A 111 -6.98 -7.48 19.92
N HIS A 112 -5.71 -7.10 19.83
CA HIS A 112 -5.26 -5.72 20.10
C HIS A 112 -5.43 -5.37 21.57
N HIS A 113 -4.91 -4.22 21.96
CA HIS A 113 -5.08 -3.74 23.32
C HIS A 113 -5.65 -2.33 23.31
N HIS A 114 -6.96 -2.24 23.45
CA HIS A 114 -7.61 -0.94 23.54
C HIS A 114 -7.39 -0.35 24.94
N HIS A 115 -6.94 0.89 24.98
CA HIS A 115 -6.67 1.55 26.25
C HIS A 115 -7.96 2.13 26.81
N HIS A 116 -7.88 2.73 27.99
CA HIS A 116 -9.06 3.29 28.65
C HIS A 116 -9.67 4.41 27.80
N HIS A 117 -8.92 5.49 27.63
CA HIS A 117 -9.38 6.63 26.84
C HIS A 117 -8.24 7.64 26.71
N MET A 1 -6.82 26.38 0.24
CA MET A 1 -8.08 25.76 -0.24
C MET A 1 -9.21 25.99 0.76
N ILE A 2 -10.41 26.17 0.25
CA ILE A 2 -11.59 26.31 1.10
C ILE A 2 -12.40 25.02 1.07
N GLU A 3 -12.27 24.29 -0.03
CA GLU A 3 -12.93 23.02 -0.19
C GLU A 3 -12.09 21.92 0.47
N PRO A 4 -12.67 21.16 1.41
CA PRO A 4 -11.96 20.10 2.11
C PRO A 4 -11.56 18.97 1.18
N SER A 5 -10.33 19.04 0.69
CA SER A 5 -9.82 18.04 -0.22
C SER A 5 -9.58 16.72 0.52
N LYS A 6 -10.48 15.77 0.34
CA LYS A 6 -10.30 14.43 0.86
C LYS A 6 -9.53 13.59 -0.15
N ILE A 7 -8.24 13.47 0.08
CA ILE A 7 -7.37 12.83 -0.88
C ILE A 7 -7.17 11.36 -0.52
N THR A 8 -7.77 10.48 -1.31
CA THR A 8 -7.61 9.06 -1.12
C THR A 8 -6.25 8.60 -1.68
N VAL A 9 -5.87 7.37 -1.36
CA VAL A 9 -4.55 6.86 -1.73
C VAL A 9 -4.31 6.95 -3.23
N GLU A 10 -5.31 6.53 -4.00
CA GLU A 10 -5.20 6.53 -5.45
C GLU A 10 -5.07 7.95 -6.00
N GLN A 11 -5.70 8.89 -5.33
CA GLN A 11 -5.77 10.27 -5.79
C GLN A 11 -4.38 10.92 -5.81
N TRP A 12 -3.68 10.86 -4.68
CA TRP A 12 -2.37 11.49 -4.60
C TRP A 12 -1.30 10.65 -5.30
N LEU A 13 -1.44 9.33 -5.22
CA LEU A 13 -0.42 8.43 -5.75
C LEU A 13 -0.32 8.53 -7.27
N ASN A 14 -1.47 8.66 -7.92
CA ASN A 14 -1.52 8.75 -9.38
C ASN A 14 -0.69 9.94 -9.88
N ARG A 15 -0.90 11.09 -9.25
CA ARG A 15 -0.17 12.30 -9.63
C ARG A 15 1.23 12.30 -9.02
N TRP A 16 1.37 11.64 -7.88
CA TRP A 16 2.67 11.55 -7.20
C TRP A 16 3.71 10.93 -8.12
N LEU A 17 3.39 9.76 -8.66
CA LEU A 17 4.33 9.06 -9.52
C LEU A 17 4.57 9.85 -10.81
N THR A 18 3.59 10.66 -11.20
CA THR A 18 3.72 11.48 -12.39
C THR A 18 4.84 12.51 -12.22
N ASP A 19 4.96 13.06 -11.01
CA ASP A 19 5.95 14.08 -10.73
C ASP A 19 7.22 13.52 -10.10
N TYR A 20 7.05 12.73 -9.05
CA TYR A 20 8.18 12.35 -8.19
C TYR A 20 8.78 10.99 -8.53
N ALA A 21 8.35 10.37 -9.63
CA ALA A 21 8.91 9.08 -10.05
C ALA A 21 10.42 9.13 -10.20
N LYS A 22 10.91 10.22 -10.81
CA LYS A 22 12.34 10.41 -11.07
C LYS A 22 12.85 9.42 -12.11
N PRO A 23 13.99 9.71 -12.75
CA PRO A 23 14.64 8.77 -13.65
C PRO A 23 15.35 7.66 -12.87
N HIS A 24 14.61 6.59 -12.59
CA HIS A 24 15.18 5.45 -11.87
C HIS A 24 15.97 4.57 -12.81
N LEU A 25 17.05 4.00 -12.31
CA LEU A 25 17.85 3.06 -13.07
C LEU A 25 17.58 1.65 -12.57
N ARG A 26 18.16 0.66 -13.24
CA ARG A 26 17.94 -0.76 -12.90
C ARG A 26 16.50 -1.16 -13.26
N GLN A 27 16.23 -2.46 -13.32
CA GLN A 27 14.94 -2.91 -13.83
C GLN A 27 14.63 -4.36 -13.50
N SER A 28 13.35 -4.68 -13.58
CA SER A 28 12.92 -6.06 -13.70
C SER A 28 12.54 -6.27 -15.17
N THR A 29 11.34 -5.81 -15.53
CA THR A 29 10.92 -5.68 -16.93
C THR A 29 9.39 -5.50 -17.01
N TRP A 30 8.68 -6.12 -16.07
CA TRP A 30 7.22 -6.11 -16.08
C TRP A 30 6.67 -4.83 -15.45
N GLU A 31 5.44 -4.48 -15.82
CA GLU A 31 4.74 -3.37 -15.18
C GLU A 31 3.92 -3.92 -14.02
N SER A 32 4.57 -4.12 -12.89
CA SER A 32 3.92 -4.68 -11.72
C SER A 32 3.39 -3.58 -10.80
N TYR A 33 4.25 -2.59 -10.56
CA TYR A 33 4.03 -1.56 -9.54
C TYR A 33 2.61 -1.01 -9.54
N GLU A 34 2.20 -0.41 -10.64
CA GLU A 34 0.91 0.27 -10.70
C GLU A 34 -0.25 -0.72 -10.71
N THR A 35 -0.05 -1.85 -11.39
CA THR A 35 -1.10 -2.85 -11.53
C THR A 35 -1.42 -3.51 -10.19
N VAL A 36 -0.39 -3.92 -9.45
CA VAL A 36 -0.60 -4.66 -8.21
C VAL A 36 -1.30 -3.81 -7.15
N LEU A 37 -0.91 -2.54 -7.07
CA LEU A 37 -1.54 -1.61 -6.14
C LEU A 37 -2.98 -1.35 -6.56
N ARG A 38 -3.15 -0.89 -7.78
CA ARG A 38 -4.47 -0.62 -8.35
C ARG A 38 -5.41 -1.77 -8.10
N LEU A 39 -5.09 -2.90 -8.72
CA LEU A 39 -5.92 -4.10 -8.71
C LEU A 39 -6.29 -4.54 -7.29
N HIS A 40 -5.36 -4.51 -6.37
CA HIS A 40 -5.57 -5.10 -5.05
C HIS A 40 -5.95 -4.09 -3.98
N VAL A 41 -5.11 -3.08 -3.78
CA VAL A 41 -5.27 -2.23 -2.61
C VAL A 41 -6.04 -0.95 -2.89
N ILE A 42 -6.24 -0.60 -4.16
CA ILE A 42 -6.96 0.64 -4.48
C ILE A 42 -8.46 0.55 -4.11
N PRO A 43 -9.18 -0.52 -4.49
CA PRO A 43 -10.61 -0.66 -4.16
C PRO A 43 -10.83 -0.99 -2.68
N THR A 44 -9.76 -1.29 -1.97
CA THR A 44 -9.85 -1.68 -0.57
C THR A 44 -9.34 -0.56 0.36
N LEU A 45 -8.04 -0.30 0.29
CA LEU A 45 -7.40 0.66 1.17
C LEU A 45 -7.24 2.01 0.49
N GLY A 46 -7.11 1.98 -0.84
CA GLY A 46 -6.89 3.19 -1.61
C GLY A 46 -8.09 4.11 -1.60
N SER A 47 -9.25 3.56 -1.30
CA SER A 47 -10.47 4.34 -1.21
C SER A 47 -10.60 4.98 0.17
N ILE A 48 -9.66 4.66 1.05
CA ILE A 48 -9.66 5.18 2.40
C ILE A 48 -8.60 6.27 2.54
N PRO A 49 -8.96 7.42 3.16
CA PRO A 49 -8.00 8.47 3.47
C PRO A 49 -6.87 7.97 4.36
N LEU A 50 -5.68 8.49 4.16
CA LEU A 50 -4.49 8.05 4.87
C LEU A 50 -4.60 8.33 6.37
N LYS A 51 -5.45 9.29 6.70
CA LYS A 51 -5.65 9.69 8.09
C LYS A 51 -6.51 8.65 8.84
N LYS A 52 -6.95 7.62 8.12
CA LYS A 52 -7.75 6.57 8.73
C LYS A 52 -7.10 5.20 8.49
N LEU A 53 -6.15 5.15 7.57
CA LEU A 53 -5.51 3.89 7.17
C LEU A 53 -4.74 3.28 8.34
N GLN A 54 -5.09 2.05 8.70
CA GLN A 54 -4.44 1.34 9.79
C GLN A 54 -3.51 0.26 9.26
N PRO A 55 -2.48 -0.11 10.02
CA PRO A 55 -1.60 -1.23 9.68
C PRO A 55 -2.36 -2.55 9.70
N ALA A 56 -3.39 -2.60 10.52
CA ALA A 56 -4.24 -3.79 10.64
C ALA A 56 -4.93 -4.09 9.32
N ASP A 57 -5.45 -3.04 8.68
CA ASP A 57 -6.13 -3.17 7.41
C ASP A 57 -5.17 -3.68 6.34
N ILE A 58 -3.94 -3.19 6.41
CA ILE A 58 -2.89 -3.62 5.50
C ILE A 58 -2.66 -5.12 5.59
N GLN A 59 -2.36 -5.60 6.79
CA GLN A 59 -2.07 -7.01 7.02
C GLN A 59 -3.33 -7.84 6.74
N ARG A 60 -4.49 -7.27 7.05
CA ARG A 60 -5.76 -7.92 6.79
C ARG A 60 -5.97 -8.12 5.29
N LEU A 61 -5.63 -7.09 4.51
CA LEU A 61 -5.77 -7.14 3.05
C LEU A 61 -5.03 -8.35 2.49
N TYR A 62 -3.78 -8.51 2.90
CA TYR A 62 -2.97 -9.63 2.41
C TYR A 62 -3.57 -10.96 2.83
N ALA A 63 -3.94 -11.07 4.10
CA ALA A 63 -4.44 -12.33 4.66
C ALA A 63 -5.79 -12.72 4.04
N SER A 64 -6.66 -11.74 3.86
CA SER A 64 -8.00 -12.01 3.35
C SER A 64 -7.97 -12.53 1.91
N LYS A 65 -7.11 -11.96 1.09
CA LYS A 65 -7.02 -12.40 -0.30
C LYS A 65 -6.09 -13.60 -0.43
N LEU A 66 -5.24 -13.80 0.58
CA LEU A 66 -4.39 -14.99 0.66
C LEU A 66 -5.25 -16.22 0.86
N GLU A 67 -6.37 -16.03 1.55
CA GLU A 67 -7.29 -17.11 1.93
C GLU A 67 -7.85 -17.82 0.70
N SER A 68 -8.20 -17.06 -0.33
CA SER A 68 -8.84 -17.62 -1.51
C SER A 68 -7.88 -18.46 -2.34
N GLY A 69 -6.73 -17.91 -2.67
CA GLY A 69 -5.79 -18.65 -3.49
C GLY A 69 -4.57 -17.84 -3.89
N LEU A 70 -4.04 -17.05 -2.97
CA LEU A 70 -2.79 -16.37 -3.20
C LEU A 70 -1.66 -17.11 -2.49
N SER A 71 -0.43 -16.79 -2.85
CA SER A 71 0.73 -17.37 -2.21
C SER A 71 1.42 -16.32 -1.35
N PRO A 72 2.11 -16.76 -0.27
CA PRO A 72 2.81 -15.85 0.64
C PRO A 72 3.84 -14.97 -0.06
N THR A 73 4.31 -15.41 -1.21
CA THR A 73 5.30 -14.65 -1.96
C THR A 73 4.65 -13.54 -2.78
N ARG A 74 3.49 -13.83 -3.37
CA ARG A 74 2.79 -12.85 -4.19
C ARG A 74 2.20 -11.74 -3.33
N VAL A 75 1.74 -12.10 -2.14
CA VAL A 75 1.23 -11.10 -1.21
C VAL A 75 2.40 -10.36 -0.56
N ARG A 76 3.57 -10.99 -0.56
CA ARG A 76 4.77 -10.37 -0.02
C ARG A 76 5.21 -9.21 -0.90
N TYR A 77 5.20 -9.41 -2.21
CA TYR A 77 5.56 -8.36 -3.15
C TYR A 77 4.68 -7.13 -2.96
N ILE A 78 3.37 -7.37 -2.91
CA ILE A 78 2.41 -6.30 -2.68
C ILE A 78 2.69 -5.60 -1.34
N HIS A 79 3.12 -6.40 -0.37
CA HIS A 79 3.45 -5.89 0.95
C HIS A 79 4.69 -4.99 0.88
N VAL A 80 5.64 -5.38 0.07
CA VAL A 80 6.91 -4.66 -0.06
C VAL A 80 6.70 -3.36 -0.84
N VAL A 81 6.03 -3.46 -1.97
CA VAL A 81 5.82 -2.31 -2.85
C VAL A 81 4.98 -1.24 -2.16
N LEU A 82 3.98 -1.65 -1.39
CA LEU A 82 3.13 -0.72 -0.66
C LEU A 82 3.92 -0.10 0.50
N HIS A 83 4.84 -0.89 1.07
CA HIS A 83 5.70 -0.42 2.15
C HIS A 83 6.46 0.83 1.74
N GLU A 84 7.11 0.77 0.58
CA GLU A 84 7.93 1.87 0.13
C GLU A 84 7.08 3.07 -0.30
N ALA A 85 5.97 2.79 -0.96
CA ALA A 85 5.11 3.85 -1.46
C ALA A 85 4.56 4.72 -0.33
N MET A 86 3.96 4.08 0.67
CA MET A 86 3.36 4.82 1.78
C MET A 86 4.43 5.43 2.68
N SER A 87 5.65 4.93 2.56
CA SER A 87 6.76 5.45 3.36
C SER A 87 7.08 6.88 2.93
N GLN A 88 6.88 7.18 1.65
CA GLN A 88 7.11 8.52 1.13
C GLN A 88 5.99 9.45 1.56
N ALA A 89 4.80 8.90 1.75
CA ALA A 89 3.66 9.67 2.24
C ALA A 89 3.87 10.06 3.70
N ARG A 90 4.55 9.19 4.44
CA ARG A 90 4.94 9.48 5.82
C ARG A 90 5.80 10.74 5.87
N GLU A 91 6.74 10.83 4.94
CA GLU A 91 7.65 11.97 4.86
C GLU A 91 6.88 13.26 4.64
N SER A 92 5.88 13.20 3.76
CA SER A 92 5.05 14.35 3.44
C SER A 92 4.21 14.78 4.64
N GLY A 93 3.99 13.84 5.55
CA GLY A 93 3.17 14.13 6.71
C GLY A 93 1.76 13.60 6.56
N LEU A 94 1.54 12.85 5.49
CA LEU A 94 0.25 12.24 5.26
C LEU A 94 0.06 11.10 6.24
N LEU A 95 1.15 10.41 6.54
CA LEU A 95 1.18 9.40 7.58
C LEU A 95 2.06 9.86 8.73
N LEU A 96 1.47 10.09 9.89
CA LEU A 96 2.24 10.50 11.07
C LEU A 96 3.10 9.34 11.57
N GLN A 97 2.66 8.13 11.26
CA GLN A 97 3.38 6.92 11.62
C GLN A 97 3.60 6.06 10.38
N ASN A 98 4.23 4.91 10.54
CA ASN A 98 4.48 4.03 9.40
C ASN A 98 3.71 2.72 9.54
N PRO A 99 2.52 2.65 8.92
CA PRO A 99 1.62 1.50 9.05
C PRO A 99 2.09 0.28 8.25
N THR A 100 2.76 0.54 7.13
CA THR A 100 3.24 -0.54 6.28
C THR A 100 4.43 -1.27 6.90
N GLU A 101 5.07 -0.61 7.84
CA GLU A 101 6.19 -1.18 8.56
C GLU A 101 5.68 -1.79 9.87
N ALA A 102 4.55 -1.28 10.34
CA ALA A 102 3.89 -1.83 11.51
C ALA A 102 3.25 -3.19 11.18
N ALA A 103 3.18 -3.49 9.89
CA ALA A 103 2.77 -4.80 9.42
C ALA A 103 3.99 -5.71 9.33
N LYS A 104 3.80 -6.98 9.00
CA LYS A 104 4.90 -7.95 9.06
C LYS A 104 6.00 -7.62 8.05
N PRO A 105 7.27 -7.76 8.48
CA PRO A 105 8.47 -7.32 7.74
C PRO A 105 8.47 -7.63 6.24
N PRO A 106 8.28 -6.59 5.42
CA PRO A 106 8.32 -6.70 3.97
C PRO A 106 9.71 -6.39 3.38
N ARG A 107 10.45 -5.49 4.03
CA ARG A 107 11.72 -4.99 3.50
C ARG A 107 11.45 -4.13 2.24
N HIS A 108 12.49 -3.82 1.46
CA HIS A 108 12.33 -3.04 0.26
C HIS A 108 13.39 -3.44 -0.77
N PRO A 109 13.04 -3.46 -2.06
CA PRO A 109 13.97 -3.75 -3.13
C PRO A 109 14.41 -2.50 -3.88
N LEU A 110 14.94 -2.67 -5.08
CA LEU A 110 15.27 -1.55 -5.94
C LEU A 110 14.20 -1.43 -7.02
N GLU A 111 13.45 -0.33 -6.99
CA GLU A 111 12.38 -0.12 -7.95
C GLU A 111 12.94 -0.09 -9.38
N HIS A 112 12.12 -0.54 -10.31
CA HIS A 112 12.54 -0.75 -11.69
C HIS A 112 12.25 0.47 -12.55
N HIS A 113 13.04 0.66 -13.59
CA HIS A 113 12.70 1.63 -14.62
C HIS A 113 11.75 0.96 -15.61
N HIS A 114 12.33 0.27 -16.60
CA HIS A 114 11.56 -0.48 -17.60
C HIS A 114 12.50 -1.02 -18.65
N HIS A 115 12.09 -2.07 -19.36
CA HIS A 115 12.83 -2.56 -20.51
C HIS A 115 13.05 -1.42 -21.49
N HIS A 116 14.27 -1.28 -21.99
CA HIS A 116 14.61 -0.16 -22.87
C HIS A 116 13.99 -0.31 -24.25
N HIS A 117 12.69 -0.02 -24.32
CA HIS A 117 11.95 -0.05 -25.58
C HIS A 117 10.50 0.34 -25.31
N MET A 1 -20.19 24.27 0.73
CA MET A 1 -20.45 23.85 -0.66
C MET A 1 -19.84 22.49 -0.92
N ILE A 2 -20.25 21.85 -2.02
CA ILE A 2 -19.70 20.55 -2.40
C ILE A 2 -18.18 20.61 -2.57
N GLU A 3 -17.49 19.63 -2.02
CA GLU A 3 -16.05 19.55 -2.16
C GLU A 3 -15.63 18.18 -2.69
N PRO A 4 -15.53 18.05 -4.02
CA PRO A 4 -15.06 16.82 -4.66
C PRO A 4 -13.55 16.83 -4.81
N SER A 5 -12.90 17.62 -3.96
CA SER A 5 -11.46 17.78 -3.99
C SER A 5 -10.76 16.46 -3.69
N LYS A 6 -11.34 15.67 -2.79
CA LYS A 6 -10.74 14.41 -2.39
C LYS A 6 -11.74 13.27 -2.56
N ILE A 7 -11.34 12.26 -3.30
CA ILE A 7 -12.22 11.10 -3.53
C ILE A 7 -11.59 9.84 -2.95
N THR A 8 -10.65 9.27 -3.69
CA THR A 8 -9.98 8.05 -3.27
C THR A 8 -8.47 8.24 -3.17
N VAL A 9 -7.78 7.29 -2.55
CA VAL A 9 -6.33 7.34 -2.39
C VAL A 9 -5.62 7.34 -3.75
N GLU A 10 -6.22 6.67 -4.73
CA GLU A 10 -5.64 6.57 -6.07
C GLU A 10 -5.51 7.95 -6.70
N GLN A 11 -6.29 8.91 -6.22
CA GLN A 11 -6.30 10.27 -6.76
C GLN A 11 -4.93 10.92 -6.60
N TRP A 12 -4.40 10.92 -5.38
CA TRP A 12 -3.13 11.58 -5.13
C TRP A 12 -2.01 10.70 -5.64
N LEU A 13 -2.25 9.39 -5.72
CA LEU A 13 -1.30 8.48 -6.34
C LEU A 13 -1.08 8.84 -7.81
N ASN A 14 -2.18 9.13 -8.50
CA ASN A 14 -2.12 9.55 -9.89
C ASN A 14 -1.30 10.83 -10.05
N ARG A 15 -1.58 11.81 -9.21
CA ARG A 15 -0.83 13.07 -9.23
C ARG A 15 0.63 12.84 -8.88
N TRP A 16 0.86 12.11 -7.80
CA TRP A 16 2.20 11.82 -7.30
C TRP A 16 3.04 11.14 -8.36
N LEU A 17 2.57 9.97 -8.79
CA LEU A 17 3.30 9.14 -9.72
C LEU A 17 3.56 9.86 -11.04
N THR A 18 2.60 10.64 -11.50
CA THR A 18 2.75 11.36 -12.76
C THR A 18 3.76 12.50 -12.63
N ASP A 19 3.59 13.32 -11.61
CA ASP A 19 4.41 14.51 -11.44
C ASP A 19 5.83 14.15 -11.01
N TYR A 20 5.94 13.24 -10.06
CA TYR A 20 7.22 12.93 -9.44
C TYR A 20 7.96 11.80 -10.16
N ALA A 21 7.36 11.27 -11.22
CA ALA A 21 8.07 10.34 -12.10
C ALA A 21 9.23 11.06 -12.77
N LYS A 22 8.94 12.27 -13.24
CA LYS A 22 9.93 13.13 -13.89
C LYS A 22 10.46 12.48 -15.16
N PRO A 23 9.86 12.83 -16.30
CA PRO A 23 10.11 12.18 -17.60
C PRO A 23 11.59 12.04 -17.96
N HIS A 24 12.03 10.80 -18.09
CA HIS A 24 13.37 10.46 -18.57
C HIS A 24 13.35 9.13 -19.30
N LEU A 25 14.53 8.62 -19.62
CA LEU A 25 14.65 7.37 -20.36
C LEU A 25 14.27 6.19 -19.48
N ARG A 26 13.17 5.52 -19.83
CA ARG A 26 12.72 4.34 -19.12
C ARG A 26 12.49 3.20 -20.08
N GLN A 27 11.84 3.51 -21.22
CA GLN A 27 11.54 2.52 -22.26
C GLN A 27 10.55 1.48 -21.76
N SER A 28 9.84 1.80 -20.70
CA SER A 28 8.95 0.84 -20.07
C SER A 28 7.73 1.52 -19.47
N THR A 29 6.64 0.77 -19.41
CA THR A 29 5.42 1.22 -18.74
C THR A 29 4.75 0.00 -18.10
N TRP A 30 5.55 -1.02 -17.83
CA TRP A 30 5.06 -2.30 -17.36
C TRP A 30 5.73 -2.71 -16.06
N GLU A 31 6.47 -1.79 -15.46
CA GLU A 31 7.06 -2.01 -14.14
C GLU A 31 5.95 -2.30 -13.12
N SER A 32 5.99 -3.52 -12.60
CA SER A 32 4.89 -4.07 -11.82
C SER A 32 4.66 -3.37 -10.48
N TYR A 33 5.56 -2.47 -10.08
CA TYR A 33 5.43 -1.79 -8.79
C TYR A 33 4.16 -0.93 -8.77
N GLU A 34 3.79 -0.42 -9.93
CA GLU A 34 2.58 0.38 -10.06
C GLU A 34 1.36 -0.53 -10.18
N THR A 35 1.52 -1.59 -10.97
CA THR A 35 0.45 -2.54 -11.23
C THR A 35 -0.05 -3.17 -9.93
N VAL A 36 0.85 -3.81 -9.19
CA VAL A 36 0.46 -4.52 -7.98
C VAL A 36 -0.11 -3.56 -6.94
N LEU A 37 0.39 -2.33 -6.95
CA LEU A 37 -0.03 -1.34 -5.98
C LEU A 37 -1.51 -1.01 -6.15
N ARG A 38 -1.86 -0.45 -7.30
CA ARG A 38 -3.22 0.01 -7.51
C ARG A 38 -4.19 -1.15 -7.69
N LEU A 39 -3.74 -2.22 -8.35
CA LEU A 39 -4.62 -3.34 -8.66
C LEU A 39 -5.04 -4.08 -7.40
N HIS A 40 -4.12 -4.21 -6.44
CA HIS A 40 -4.40 -5.00 -5.24
C HIS A 40 -5.04 -4.16 -4.14
N VAL A 41 -4.41 -3.08 -3.74
CA VAL A 41 -4.84 -2.38 -2.53
C VAL A 41 -5.82 -1.23 -2.81
N ILE A 42 -5.77 -0.64 -4.00
CA ILE A 42 -6.59 0.54 -4.30
C ILE A 42 -8.11 0.24 -4.34
N PRO A 43 -8.57 -0.86 -4.97
CA PRO A 43 -10.01 -1.16 -5.07
C PRO A 43 -10.68 -1.32 -3.70
N THR A 44 -9.91 -1.70 -2.70
CA THR A 44 -10.46 -1.93 -1.37
C THR A 44 -10.03 -0.83 -0.38
N LEU A 45 -8.73 -0.64 -0.19
CA LEU A 45 -8.23 0.32 0.80
C LEU A 45 -8.08 1.70 0.20
N GLY A 46 -8.28 1.80 -1.11
CA GLY A 46 -8.20 3.08 -1.79
C GLY A 46 -9.35 3.99 -1.43
N SER A 47 -10.40 3.41 -0.85
CA SER A 47 -11.55 4.16 -0.41
C SER A 47 -11.44 4.50 1.08
N ILE A 48 -10.26 4.22 1.64
CA ILE A 48 -10.00 4.51 3.04
C ILE A 48 -8.97 5.63 3.16
N PRO A 49 -9.34 6.74 3.83
CA PRO A 49 -8.42 7.87 4.03
C PRO A 49 -7.14 7.44 4.74
N LEU A 50 -6.00 7.91 4.22
CA LEU A 50 -4.69 7.53 4.74
C LEU A 50 -4.57 7.80 6.25
N LYS A 51 -5.28 8.81 6.73
CA LYS A 51 -5.17 9.20 8.13
C LYS A 51 -5.92 8.21 9.03
N LYS A 52 -6.79 7.41 8.42
CA LYS A 52 -7.54 6.39 9.16
C LYS A 52 -7.03 5.00 8.79
N LEU A 53 -6.04 4.96 7.89
CA LEU A 53 -5.46 3.70 7.46
C LEU A 53 -4.63 3.11 8.59
N GLN A 54 -5.04 1.95 9.06
CA GLN A 54 -4.36 1.29 10.16
C GLN A 54 -3.55 0.09 9.67
N PRO A 55 -2.48 -0.26 10.39
CA PRO A 55 -1.68 -1.46 10.09
C PRO A 55 -2.53 -2.72 10.07
N ALA A 56 -3.55 -2.76 10.92
CA ALA A 56 -4.47 -3.88 10.97
C ALA A 56 -5.21 -4.06 9.63
N ASP A 57 -5.50 -2.94 8.98
CA ASP A 57 -6.19 -2.97 7.68
C ASP A 57 -5.26 -3.52 6.61
N ILE A 58 -3.99 -3.15 6.68
CA ILE A 58 -2.99 -3.67 5.75
C ILE A 58 -2.83 -5.18 5.96
N GLN A 59 -2.79 -5.60 7.22
CA GLN A 59 -2.71 -7.00 7.56
C GLN A 59 -3.96 -7.73 7.07
N ARG A 60 -5.12 -7.08 7.24
CA ARG A 60 -6.38 -7.61 6.76
C ARG A 60 -6.37 -7.73 5.24
N LEU A 61 -5.79 -6.73 4.58
CA LEU A 61 -5.65 -6.74 3.12
C LEU A 61 -4.99 -8.04 2.67
N TYR A 62 -3.92 -8.43 3.34
CA TYR A 62 -3.21 -9.65 3.02
C TYR A 62 -4.11 -10.87 3.28
N ALA A 63 -4.71 -10.90 4.47
CA ALA A 63 -5.54 -12.02 4.89
C ALA A 63 -6.75 -12.20 3.96
N SER A 64 -7.44 -11.11 3.68
CA SER A 64 -8.65 -11.15 2.87
C SER A 64 -8.34 -11.60 1.44
N LYS A 65 -7.21 -11.16 0.89
CA LYS A 65 -6.83 -11.54 -0.46
C LYS A 65 -6.20 -12.93 -0.47
N LEU A 66 -5.56 -13.30 0.63
CA LEU A 66 -5.00 -14.64 0.78
C LEU A 66 -6.11 -15.68 0.70
N GLU A 67 -7.26 -15.32 1.26
CA GLU A 67 -8.43 -16.20 1.24
C GLU A 67 -8.97 -16.33 -0.18
N SER A 68 -8.78 -15.28 -0.98
CA SER A 68 -9.23 -15.29 -2.36
C SER A 68 -8.33 -16.14 -3.24
N GLY A 69 -7.19 -16.54 -2.69
CA GLY A 69 -6.26 -17.37 -3.43
C GLY A 69 -5.05 -16.60 -3.90
N LEU A 70 -4.45 -15.84 -2.99
CA LEU A 70 -3.24 -15.10 -3.30
C LEU A 70 -2.03 -15.91 -2.87
N SER A 71 -0.98 -15.89 -3.68
CA SER A 71 0.23 -16.64 -3.37
C SER A 71 1.02 -15.96 -2.25
N PRO A 72 1.48 -16.75 -1.25
CA PRO A 72 2.21 -16.24 -0.08
C PRO A 72 3.42 -15.40 -0.46
N THR A 73 4.11 -15.81 -1.51
CA THR A 73 5.28 -15.07 -1.99
C THR A 73 4.87 -13.69 -2.50
N ARG A 74 3.74 -13.65 -3.20
CA ARG A 74 3.23 -12.43 -3.77
C ARG A 74 2.81 -11.48 -2.65
N VAL A 75 2.31 -12.04 -1.56
CA VAL A 75 1.97 -11.27 -0.37
C VAL A 75 3.20 -10.55 0.16
N ARG A 76 4.33 -11.25 0.16
CA ARG A 76 5.59 -10.68 0.62
C ARG A 76 6.01 -9.52 -0.27
N TYR A 77 5.83 -9.69 -1.58
CA TYR A 77 6.15 -8.62 -2.53
C TYR A 77 5.28 -7.39 -2.28
N ILE A 78 3.98 -7.61 -2.15
CA ILE A 78 3.06 -6.52 -1.85
C ILE A 78 3.47 -5.80 -0.56
N HIS A 79 3.98 -6.57 0.40
CA HIS A 79 4.40 -6.01 1.68
C HIS A 79 5.61 -5.08 1.50
N VAL A 80 6.56 -5.48 0.66
CA VAL A 80 7.78 -4.70 0.49
C VAL A 80 7.57 -3.49 -0.42
N VAL A 81 6.74 -3.65 -1.46
CA VAL A 81 6.47 -2.56 -2.38
C VAL A 81 5.64 -1.47 -1.69
N LEU A 82 4.74 -1.89 -0.80
CA LEU A 82 3.93 -0.95 -0.05
C LEU A 82 4.79 -0.22 0.97
N HIS A 83 5.77 -0.94 1.52
CA HIS A 83 6.74 -0.35 2.44
C HIS A 83 7.47 0.79 1.77
N GLU A 84 7.82 0.61 0.51
CA GLU A 84 8.48 1.64 -0.28
C GLU A 84 7.54 2.82 -0.49
N ALA A 85 6.40 2.56 -1.10
CA ALA A 85 5.44 3.60 -1.48
C ALA A 85 5.01 4.46 -0.28
N MET A 86 4.83 3.82 0.87
CA MET A 86 4.35 4.53 2.04
C MET A 86 5.49 5.24 2.78
N SER A 87 6.72 5.03 2.34
CA SER A 87 7.86 5.75 2.91
C SER A 87 7.75 7.24 2.57
N GLN A 88 7.42 7.53 1.30
CA GLN A 88 7.29 8.90 0.85
C GLN A 88 6.03 9.53 1.43
N ALA A 89 4.97 8.73 1.55
CA ALA A 89 3.72 9.20 2.14
C ALA A 89 3.92 9.53 3.61
N ARG A 90 4.70 8.69 4.29
CA ARG A 90 5.08 8.93 5.68
C ARG A 90 5.78 10.28 5.82
N GLU A 91 6.85 10.44 5.06
CA GLU A 91 7.69 11.63 5.13
C GLU A 91 7.06 12.81 4.39
N SER A 92 5.81 12.64 3.97
CA SER A 92 5.04 13.72 3.38
C SER A 92 4.08 14.30 4.44
N GLY A 93 3.99 13.61 5.58
CA GLY A 93 3.13 14.06 6.66
C GLY A 93 1.80 13.33 6.68
N LEU A 94 1.63 12.41 5.75
CA LEU A 94 0.39 11.64 5.66
C LEU A 94 0.39 10.52 6.69
N LEU A 95 1.52 9.83 6.81
CA LEU A 95 1.65 8.75 7.78
C LEU A 95 2.61 9.15 8.89
N LEU A 96 2.10 9.14 10.12
CA LEU A 96 2.90 9.43 11.30
C LEU A 96 3.91 8.31 11.54
N GLN A 97 3.41 7.09 11.53
CA GLN A 97 4.24 5.92 11.71
C GLN A 97 4.12 5.03 10.49
N ASN A 98 5.04 4.09 10.34
CA ASN A 98 5.01 3.20 9.18
C ASN A 98 4.14 1.98 9.50
N PRO A 99 2.97 1.87 8.87
CA PRO A 99 1.99 0.84 9.18
C PRO A 99 2.36 -0.52 8.58
N THR A 100 3.29 -0.53 7.63
CA THR A 100 3.66 -1.77 6.95
C THR A 100 4.42 -2.70 7.89
N GLU A 101 5.20 -2.12 8.79
CA GLU A 101 6.00 -2.91 9.72
C GLU A 101 5.14 -3.48 10.84
N ALA A 102 4.05 -2.81 11.14
CA ALA A 102 3.15 -3.24 12.20
C ALA A 102 2.15 -4.27 11.69
N ALA A 103 2.13 -4.43 10.37
CA ALA A 103 1.26 -5.40 9.75
C ALA A 103 1.96 -6.76 9.65
N LYS A 104 1.74 -7.59 10.65
CA LYS A 104 2.37 -8.90 10.70
C LYS A 104 1.30 -9.99 10.70
N PRO A 105 1.31 -10.84 9.66
CA PRO A 105 0.43 -12.01 9.58
C PRO A 105 0.72 -13.02 10.70
N PRO A 106 -0.23 -13.92 10.97
CA PRO A 106 -0.07 -14.98 11.97
C PRO A 106 1.10 -15.89 11.63
N ARG A 107 1.67 -16.54 12.65
CA ARG A 107 2.82 -17.43 12.49
C ARG A 107 4.05 -16.62 12.08
N HIS A 108 4.97 -17.25 11.35
CA HIS A 108 6.19 -16.59 10.94
C HIS A 108 6.13 -16.16 9.48
N PRO A 109 5.94 -14.87 9.21
CA PRO A 109 6.01 -14.32 7.86
C PRO A 109 7.45 -14.14 7.40
N LEU A 110 8.32 -13.80 8.33
CA LEU A 110 9.74 -13.60 8.07
C LEU A 110 10.54 -13.87 9.34
N GLU A 111 11.66 -14.55 9.21
CA GLU A 111 12.54 -14.78 10.35
C GLU A 111 13.45 -13.57 10.57
N HIS A 112 13.54 -12.74 9.55
CA HIS A 112 14.40 -11.56 9.62
C HIS A 112 13.55 -10.31 9.87
N HIS A 113 13.33 -10.01 11.14
CA HIS A 113 12.56 -8.83 11.52
C HIS A 113 13.43 -7.57 11.44
N HIS A 114 13.32 -6.86 10.32
CA HIS A 114 14.12 -5.67 10.06
C HIS A 114 15.60 -6.03 10.11
N HIS A 115 16.44 -5.14 10.61
CA HIS A 115 17.87 -5.42 10.69
C HIS A 115 18.45 -4.82 11.96
N HIS A 116 19.27 -5.60 12.65
CA HIS A 116 19.96 -5.13 13.85
C HIS A 116 21.22 -4.38 13.48
N HIS A 117 21.04 -3.12 13.11
CA HIS A 117 22.15 -2.26 12.72
C HIS A 117 21.63 -0.85 12.50
N MET A 1 -17.46 25.13 -3.13
CA MET A 1 -17.23 25.95 -1.91
C MET A 1 -17.46 25.10 -0.65
N ILE A 2 -18.43 24.19 -0.70
CA ILE A 2 -18.71 23.33 0.46
C ILE A 2 -18.04 21.97 0.28
N GLU A 3 -17.73 21.32 1.40
CA GLU A 3 -17.02 20.04 1.40
C GLU A 3 -15.69 20.15 0.65
N PRO A 4 -14.73 20.90 1.21
CA PRO A 4 -13.45 21.16 0.58
C PRO A 4 -12.42 20.06 0.83
N SER A 5 -12.75 19.12 1.71
CA SER A 5 -11.83 18.06 2.06
C SER A 5 -12.20 16.76 1.35
N LYS A 6 -11.46 16.45 0.29
CA LYS A 6 -11.64 15.22 -0.44
C LYS A 6 -10.29 14.70 -0.91
N ILE A 7 -9.69 13.82 -0.11
CA ILE A 7 -8.39 13.26 -0.42
C ILE A 7 -8.24 11.87 0.18
N THR A 8 -8.28 10.86 -0.68
CA THR A 8 -8.14 9.48 -0.24
C THR A 8 -6.98 8.80 -0.97
N VAL A 9 -6.67 7.57 -0.58
CA VAL A 9 -5.56 6.81 -1.16
C VAL A 9 -5.67 6.74 -2.69
N GLU A 10 -6.84 6.35 -3.19
CA GLU A 10 -7.04 6.17 -4.62
C GLU A 10 -6.78 7.47 -5.39
N GLN A 11 -7.32 8.57 -4.86
CA GLN A 11 -7.23 9.87 -5.52
C GLN A 11 -5.81 10.42 -5.47
N TRP A 12 -5.12 10.18 -4.36
CA TRP A 12 -3.78 10.71 -4.17
C TRP A 12 -2.78 9.97 -5.03
N LEU A 13 -2.80 8.64 -4.97
CA LEU A 13 -1.84 7.82 -5.71
C LEU A 13 -1.95 8.05 -7.20
N ASN A 14 -3.18 8.06 -7.72
CA ASN A 14 -3.42 8.24 -9.14
C ASN A 14 -2.82 9.55 -9.65
N ARG A 15 -3.03 10.63 -8.89
CA ARG A 15 -2.52 11.93 -9.30
C ARG A 15 -1.00 11.97 -9.18
N TRP A 16 -0.50 11.40 -8.08
CA TRP A 16 0.92 11.41 -7.78
C TRP A 16 1.73 10.78 -8.92
N LEU A 17 1.31 9.60 -9.36
CA LEU A 17 2.05 8.90 -10.41
C LEU A 17 1.92 9.62 -11.75
N THR A 18 0.81 10.33 -11.96
CA THR A 18 0.56 11.01 -13.22
C THR A 18 1.52 12.17 -13.44
N ASP A 19 1.66 13.04 -12.44
CA ASP A 19 2.48 14.24 -12.58
C ASP A 19 3.95 13.91 -12.33
N TYR A 20 4.21 12.83 -11.61
CA TYR A 20 5.58 12.45 -11.29
C TYR A 20 6.08 11.33 -12.20
N ALA A 21 5.29 10.99 -13.20
CA ALA A 21 5.61 9.95 -14.17
C ALA A 21 7.03 10.07 -14.75
N LYS A 22 7.53 11.30 -14.92
CA LYS A 22 8.86 11.49 -15.47
C LYS A 22 9.87 11.74 -14.36
N PRO A 23 10.85 10.83 -14.19
CA PRO A 23 11.89 10.94 -13.19
C PRO A 23 13.11 11.69 -13.71
N HIS A 24 12.86 12.70 -14.55
CA HIS A 24 13.92 13.47 -15.22
C HIS A 24 14.65 12.59 -16.23
N LEU A 25 15.55 11.76 -15.74
CA LEU A 25 16.27 10.82 -16.58
C LEU A 25 15.74 9.42 -16.34
N ARG A 26 15.15 8.83 -17.37
CA ARG A 26 14.57 7.50 -17.23
C ARG A 26 15.65 6.43 -17.35
N GLN A 27 16.25 6.11 -16.22
CA GLN A 27 17.36 5.15 -16.17
C GLN A 27 16.83 3.74 -15.93
N SER A 28 15.94 3.63 -14.98
CA SER A 28 15.35 2.34 -14.64
C SER A 28 14.16 2.05 -15.54
N THR A 29 13.95 0.77 -15.83
CA THR A 29 12.82 0.34 -16.63
C THR A 29 11.59 0.19 -15.72
N TRP A 30 10.41 0.11 -16.33
CA TRP A 30 9.18 -0.06 -15.57
C TRP A 30 9.27 -1.30 -14.69
N GLU A 31 9.21 -1.11 -13.39
CA GLU A 31 9.38 -2.21 -12.45
C GLU A 31 8.03 -2.77 -12.04
N SER A 32 8.06 -3.84 -11.24
CA SER A 32 6.84 -4.50 -10.82
C SER A 32 6.04 -3.64 -9.83
N TYR A 33 6.75 -2.76 -9.12
CA TYR A 33 6.13 -1.85 -8.15
C TYR A 33 5.01 -1.05 -8.81
N GLU A 34 5.26 -0.62 -10.04
CA GLU A 34 4.33 0.21 -10.81
C GLU A 34 2.95 -0.45 -10.93
N THR A 35 2.95 -1.76 -11.11
CA THR A 35 1.70 -2.48 -11.33
C THR A 35 1.08 -2.97 -10.02
N VAL A 36 1.84 -3.75 -9.24
CA VAL A 36 1.29 -4.41 -8.07
C VAL A 36 0.73 -3.43 -7.05
N LEU A 37 1.36 -2.27 -6.94
CA LEU A 37 0.98 -1.29 -5.94
C LEU A 37 -0.47 -0.84 -6.12
N ARG A 38 -0.74 -0.19 -7.24
CA ARG A 38 -2.05 0.38 -7.49
C ARG A 38 -3.11 -0.70 -7.62
N LEU A 39 -2.68 -1.88 -8.07
CA LEU A 39 -3.59 -2.99 -8.31
C LEU A 39 -4.17 -3.53 -7.00
N HIS A 40 -3.36 -3.56 -5.94
CA HIS A 40 -3.78 -4.21 -4.71
C HIS A 40 -4.45 -3.25 -3.72
N VAL A 41 -4.00 -2.00 -3.67
CA VAL A 41 -4.47 -1.10 -2.61
C VAL A 41 -5.54 -0.10 -3.08
N ILE A 42 -5.45 0.39 -4.32
CA ILE A 42 -6.37 1.42 -4.78
C ILE A 42 -7.83 0.96 -4.81
N PRO A 43 -8.15 -0.17 -5.47
CA PRO A 43 -9.53 -0.65 -5.56
C PRO A 43 -10.05 -1.28 -4.26
N THR A 44 -9.19 -1.37 -3.26
CA THR A 44 -9.55 -1.98 -1.99
C THR A 44 -9.71 -0.94 -0.88
N LEU A 45 -8.61 -0.26 -0.55
CA LEU A 45 -8.60 0.68 0.55
C LEU A 45 -8.54 2.11 0.02
N GLY A 46 -8.90 2.27 -1.24
CA GLY A 46 -8.80 3.56 -1.90
C GLY A 46 -9.60 4.66 -1.23
N SER A 47 -10.73 4.31 -0.63
CA SER A 47 -11.62 5.30 -0.03
C SER A 47 -11.17 5.62 1.41
N ILE A 48 -10.02 5.11 1.79
CA ILE A 48 -9.46 5.38 3.09
C ILE A 48 -8.47 6.54 3.03
N PRO A 49 -8.61 7.52 3.92
CA PRO A 49 -7.63 8.60 4.06
C PRO A 49 -6.30 8.08 4.58
N LEU A 50 -5.21 8.70 4.15
CA LEU A 50 -3.86 8.27 4.52
C LEU A 50 -3.67 8.24 6.04
N LYS A 51 -4.36 9.13 6.74
CA LYS A 51 -4.21 9.24 8.18
C LYS A 51 -5.21 8.35 8.92
N LYS A 52 -5.96 7.56 8.17
CA LYS A 52 -6.87 6.58 8.75
C LYS A 52 -6.44 5.18 8.37
N LEU A 53 -5.26 5.09 7.79
CA LEU A 53 -4.71 3.82 7.36
C LEU A 53 -4.11 3.09 8.56
N GLN A 54 -4.85 2.10 9.05
CA GLN A 54 -4.43 1.34 10.23
C GLN A 54 -3.82 0.00 9.83
N PRO A 55 -2.90 -0.53 10.65
CA PRO A 55 -2.25 -1.82 10.40
C PRO A 55 -3.26 -2.96 10.26
N ALA A 56 -4.39 -2.84 10.98
CA ALA A 56 -5.44 -3.85 10.92
C ALA A 56 -5.98 -3.98 9.50
N ASP A 57 -6.19 -2.84 8.85
CA ASP A 57 -6.74 -2.83 7.50
C ASP A 57 -5.72 -3.40 6.51
N ILE A 58 -4.45 -3.17 6.78
CA ILE A 58 -3.39 -3.71 5.95
C ILE A 58 -3.34 -5.23 6.08
N GLN A 59 -3.37 -5.71 7.33
CA GLN A 59 -3.40 -7.13 7.59
C GLN A 59 -4.65 -7.76 6.97
N ARG A 60 -5.76 -7.05 7.09
CA ARG A 60 -7.01 -7.46 6.47
C ARG A 60 -6.84 -7.61 4.97
N LEU A 61 -6.20 -6.61 4.36
CA LEU A 61 -5.93 -6.61 2.94
C LEU A 61 -5.11 -7.83 2.55
N TYR A 62 -4.09 -8.14 3.35
CA TYR A 62 -3.23 -9.29 3.09
C TYR A 62 -4.01 -10.60 3.14
N ALA A 63 -4.88 -10.72 4.13
CA ALA A 63 -5.68 -11.93 4.32
C ALA A 63 -6.74 -12.07 3.23
N SER A 64 -7.43 -10.96 2.96
CA SER A 64 -8.54 -10.97 2.02
C SER A 64 -8.10 -11.37 0.61
N LYS A 65 -6.99 -10.82 0.14
CA LYS A 65 -6.48 -11.16 -1.19
C LYS A 65 -5.89 -12.56 -1.19
N LEU A 66 -5.48 -13.05 -0.02
CA LEU A 66 -4.93 -14.38 0.11
C LEU A 66 -6.03 -15.41 -0.09
N GLU A 67 -7.21 -15.11 0.45
CA GLU A 67 -8.40 -15.94 0.30
C GLU A 67 -8.69 -16.17 -1.18
N SER A 68 -8.38 -15.17 -1.99
CA SER A 68 -8.64 -15.19 -3.42
C SER A 68 -7.75 -16.23 -4.13
N GLY A 69 -6.80 -16.81 -3.42
CA GLY A 69 -5.98 -17.85 -4.00
C GLY A 69 -4.54 -17.43 -4.26
N LEU A 70 -4.09 -16.40 -3.55
CA LEU A 70 -2.72 -15.93 -3.71
C LEU A 70 -1.74 -16.83 -2.97
N SER A 71 -0.48 -16.76 -3.38
CA SER A 71 0.57 -17.53 -2.73
C SER A 71 1.37 -16.64 -1.79
N PRO A 72 1.98 -17.22 -0.74
CA PRO A 72 2.80 -16.48 0.23
C PRO A 72 3.87 -15.61 -0.43
N THR A 73 4.48 -16.12 -1.48
CA THR A 73 5.51 -15.37 -2.21
C THR A 73 4.94 -14.06 -2.75
N ARG A 74 3.74 -14.15 -3.32
CA ARG A 74 3.08 -13.00 -3.93
C ARG A 74 2.69 -11.99 -2.86
N VAL A 75 2.10 -12.47 -1.76
CA VAL A 75 1.64 -11.58 -0.72
C VAL A 75 2.80 -10.94 0.03
N ARG A 76 3.95 -11.60 0.00
CA ARG A 76 5.16 -11.06 0.61
C ARG A 76 5.64 -9.84 -0.17
N TYR A 77 5.61 -9.95 -1.50
CA TYR A 77 6.02 -8.84 -2.36
C TYR A 77 5.05 -7.67 -2.20
N ILE A 78 3.77 -7.99 -2.08
CA ILE A 78 2.75 -6.96 -1.83
C ILE A 78 3.01 -6.25 -0.50
N HIS A 79 3.58 -6.96 0.45
CA HIS A 79 3.91 -6.38 1.75
C HIS A 79 5.04 -5.35 1.62
N VAL A 80 6.05 -5.69 0.82
CA VAL A 80 7.22 -4.83 0.69
C VAL A 80 6.93 -3.65 -0.24
N VAL A 81 6.15 -3.87 -1.30
CA VAL A 81 5.80 -2.78 -2.22
C VAL A 81 4.95 -1.73 -1.51
N LEU A 82 4.08 -2.18 -0.61
CA LEU A 82 3.23 -1.26 0.14
C LEU A 82 4.07 -0.39 1.06
N HIS A 83 4.98 -1.03 1.79
CA HIS A 83 5.88 -0.31 2.69
C HIS A 83 6.78 0.66 1.90
N GLU A 84 7.21 0.22 0.73
CA GLU A 84 8.12 1.00 -0.11
C GLU A 84 7.53 2.38 -0.41
N ALA A 85 6.37 2.39 -1.06
CA ALA A 85 5.77 3.64 -1.52
C ALA A 85 5.14 4.43 -0.36
N MET A 86 4.72 3.72 0.67
CA MET A 86 4.07 4.35 1.81
C MET A 86 5.07 5.18 2.63
N SER A 87 6.35 4.87 2.46
CA SER A 87 7.41 5.58 3.16
C SER A 87 7.49 7.04 2.69
N GLN A 88 7.20 7.29 1.43
CA GLN A 88 7.21 8.65 0.90
C GLN A 88 6.13 9.51 1.55
N ALA A 89 4.99 8.89 1.85
CA ALA A 89 3.92 9.58 2.54
C ALA A 89 4.33 9.89 3.97
N ARG A 90 5.09 8.96 4.56
CA ARG A 90 5.64 9.14 5.89
C ARG A 90 6.64 10.30 5.90
N GLU A 91 7.57 10.28 4.95
CA GLU A 91 8.60 11.31 4.85
C GLU A 91 7.98 12.69 4.67
N SER A 92 6.94 12.77 3.85
CA SER A 92 6.29 14.02 3.53
C SER A 92 5.55 14.59 4.74
N GLY A 93 5.45 13.81 5.81
CA GLY A 93 4.81 14.28 7.02
C GLY A 93 3.32 13.99 7.06
N LEU A 94 2.82 13.40 5.98
CA LEU A 94 1.42 13.01 5.91
C LEU A 94 1.15 11.89 6.90
N LEU A 95 2.10 10.97 6.97
CA LEU A 95 2.01 9.86 7.89
C LEU A 95 3.15 9.93 8.90
N LEU A 96 2.84 9.67 10.16
CA LEU A 96 3.81 9.85 11.24
C LEU A 96 4.65 8.61 11.49
N GLN A 97 4.20 7.47 10.98
CA GLN A 97 4.85 6.20 11.27
C GLN A 97 4.77 5.25 10.09
N ASN A 98 5.34 4.07 10.25
CA ASN A 98 5.26 3.02 9.26
C ASN A 98 4.29 1.93 9.72
N PRO A 99 3.02 2.01 9.28
CA PRO A 99 1.97 1.07 9.69
C PRO A 99 2.16 -0.31 9.07
N THR A 100 2.96 -0.36 8.01
CA THR A 100 3.22 -1.60 7.31
C THR A 100 4.14 -2.50 8.15
N GLU A 101 4.74 -1.90 9.18
CA GLU A 101 5.59 -2.63 10.10
C GLU A 101 4.74 -3.39 11.11
N ALA A 102 3.65 -2.76 11.55
CA ALA A 102 2.75 -3.37 12.51
C ALA A 102 1.74 -4.25 11.81
N ALA A 103 1.77 -4.24 10.48
CA ALA A 103 0.92 -5.10 9.69
C ALA A 103 1.66 -6.38 9.35
N LYS A 104 1.42 -7.40 10.16
CA LYS A 104 2.12 -8.67 10.02
C LYS A 104 1.17 -9.73 9.49
N PRO A 105 1.67 -10.61 8.60
CA PRO A 105 0.87 -11.67 7.98
C PRO A 105 0.26 -12.61 9.00
N PRO A 106 -1.07 -12.74 9.00
CA PRO A 106 -1.79 -13.63 9.91
C PRO A 106 -1.80 -15.06 9.40
N ARG A 107 -0.75 -15.80 9.72
CA ARG A 107 -0.68 -17.20 9.29
C ARG A 107 -1.46 -18.06 10.27
N HIS A 108 -1.71 -17.51 11.45
CA HIS A 108 -2.64 -18.12 12.39
C HIS A 108 -3.89 -17.26 12.47
N PRO A 109 -4.92 -17.59 11.68
CA PRO A 109 -6.12 -16.78 11.53
C PRO A 109 -7.18 -17.09 12.57
N LEU A 110 -8.19 -16.24 12.61
CA LEU A 110 -9.28 -16.40 13.55
C LEU A 110 -10.56 -16.73 12.82
N GLU A 111 -11.37 -17.59 13.40
CA GLU A 111 -12.63 -17.99 12.79
C GLU A 111 -13.75 -17.06 13.25
N HIS A 112 -14.86 -17.07 12.52
CA HIS A 112 -16.00 -16.26 12.92
C HIS A 112 -16.73 -16.96 14.05
N HIS A 113 -16.92 -16.27 15.16
CA HIS A 113 -17.58 -16.85 16.31
C HIS A 113 -19.08 -16.71 16.17
N HIS A 114 -19.78 -17.81 16.40
CA HIS A 114 -21.21 -17.90 16.15
C HIS A 114 -21.98 -17.95 17.46
N HIS A 115 -21.24 -17.80 18.56
CA HIS A 115 -21.79 -17.82 19.92
C HIS A 115 -22.26 -19.22 20.30
N HIS A 116 -23.46 -19.58 19.88
CA HIS A 116 -24.03 -20.87 20.24
C HIS A 116 -25.25 -21.17 19.36
N HIS A 117 -26.13 -20.19 19.24
CA HIS A 117 -27.31 -20.33 18.39
C HIS A 117 -27.14 -19.54 17.11
N MET A 1 -15.29 28.11 -0.53
CA MET A 1 -16.77 28.23 -0.64
C MET A 1 -17.41 26.87 -0.38
N ILE A 2 -16.91 25.86 -1.05
CA ILE A 2 -17.35 24.49 -0.82
C ILE A 2 -16.13 23.59 -0.58
N GLU A 3 -16.22 22.77 0.44
CA GLU A 3 -15.12 21.88 0.80
C GLU A 3 -14.78 20.95 -0.36
N PRO A 4 -13.48 20.70 -0.58
CA PRO A 4 -13.02 19.78 -1.62
C PRO A 4 -13.66 18.40 -1.47
N SER A 5 -13.53 17.83 -0.27
CA SER A 5 -14.08 16.51 0.06
C SER A 5 -13.70 15.45 -0.98
N LYS A 6 -12.53 15.62 -1.59
CA LYS A 6 -12.06 14.73 -2.62
C LYS A 6 -10.55 14.52 -2.49
N ILE A 7 -10.17 13.60 -1.61
CA ILE A 7 -8.76 13.28 -1.36
C ILE A 7 -8.61 11.88 -0.77
N THR A 8 -8.61 10.87 -1.63
CA THR A 8 -8.46 9.49 -1.20
C THR A 8 -7.12 8.93 -1.64
N VAL A 9 -6.79 7.72 -1.17
CA VAL A 9 -5.54 7.07 -1.55
C VAL A 9 -5.51 6.83 -3.05
N GLU A 10 -6.68 6.52 -3.61
CA GLU A 10 -6.82 6.27 -5.04
C GLU A 10 -6.28 7.44 -5.85
N GLN A 11 -6.73 8.62 -5.48
CA GLN A 11 -6.42 9.84 -6.21
C GLN A 11 -5.04 10.37 -5.82
N TRP A 12 -4.62 10.10 -4.59
CA TRP A 12 -3.29 10.50 -4.15
C TRP A 12 -2.22 9.73 -4.91
N LEU A 13 -2.43 8.42 -5.04
CA LEU A 13 -1.52 7.57 -5.80
C LEU A 13 -1.62 7.87 -7.28
N ASN A 14 -2.82 8.25 -7.72
CA ASN A 14 -3.07 8.54 -9.13
C ASN A 14 -2.12 9.64 -9.62
N ARG A 15 -2.00 10.71 -8.84
CA ARG A 15 -1.11 11.80 -9.17
C ARG A 15 0.34 11.35 -8.98
N TRP A 16 0.56 10.57 -7.93
CA TRP A 16 1.88 10.15 -7.52
C TRP A 16 2.56 9.28 -8.59
N LEU A 17 1.98 8.13 -8.88
CA LEU A 17 2.64 7.16 -9.76
C LEU A 17 2.80 7.71 -11.19
N THR A 18 1.90 8.60 -11.58
CA THR A 18 1.96 9.17 -12.93
C THR A 18 3.12 10.15 -13.08
N ASP A 19 3.37 10.93 -12.03
CA ASP A 19 4.47 11.89 -12.06
C ASP A 19 5.78 11.23 -11.64
N TYR A 20 5.69 10.31 -10.70
CA TYR A 20 6.86 9.64 -10.16
C TYR A 20 7.24 8.40 -10.97
N ALA A 21 6.54 8.18 -12.09
CA ALA A 21 6.87 7.06 -13.00
C ALA A 21 8.24 7.24 -13.65
N LYS A 22 8.91 8.32 -13.32
CA LYS A 22 10.27 8.59 -13.78
C LYS A 22 11.24 7.60 -13.14
N PRO A 23 12.54 7.62 -13.53
CA PRO A 23 13.57 6.80 -12.89
C PRO A 23 13.50 6.89 -11.36
N HIS A 24 13.34 5.73 -10.73
CA HIS A 24 13.07 5.67 -9.29
C HIS A 24 14.37 5.47 -8.51
N LEU A 25 15.49 5.87 -9.10
CA LEU A 25 16.83 5.59 -8.56
C LEU A 25 17.15 4.11 -8.69
N ARG A 26 16.33 3.28 -8.06
CA ARG A 26 16.43 1.84 -8.23
C ARG A 26 15.81 1.46 -9.58
N GLN A 27 16.34 0.44 -10.21
CA GLN A 27 15.92 0.06 -11.56
C GLN A 27 14.46 -0.41 -11.58
N SER A 28 14.23 -1.62 -11.06
CA SER A 28 12.91 -2.25 -11.07
C SER A 28 12.47 -2.54 -12.51
N THR A 29 11.36 -3.24 -12.67
CA THR A 29 10.89 -3.63 -13.99
C THR A 29 10.09 -2.51 -14.66
N TRP A 30 9.57 -1.59 -13.83
CA TRP A 30 8.71 -0.48 -14.28
C TRP A 30 7.33 -1.01 -14.67
N GLU A 31 6.29 -0.26 -14.26
CA GLU A 31 4.90 -0.71 -14.36
C GLU A 31 4.66 -1.82 -13.33
N SER A 32 5.64 -2.01 -12.46
CA SER A 32 5.58 -3.04 -11.44
C SER A 32 4.62 -2.63 -10.33
N TYR A 33 4.93 -1.54 -9.63
CA TYR A 33 4.09 -1.09 -8.53
C TYR A 33 2.86 -0.39 -9.09
N GLU A 34 3.02 0.17 -10.28
CA GLU A 34 1.94 0.84 -10.97
C GLU A 34 0.80 -0.14 -11.24
N THR A 35 1.14 -1.42 -11.36
CA THR A 35 0.14 -2.45 -11.53
C THR A 35 -0.31 -3.02 -10.19
N VAL A 36 0.65 -3.52 -9.40
CA VAL A 36 0.31 -4.26 -8.19
C VAL A 36 -0.43 -3.41 -7.15
N LEU A 37 0.00 -2.15 -6.98
CA LEU A 37 -0.59 -1.31 -5.94
C LEU A 37 -2.05 -1.02 -6.23
N ARG A 38 -2.33 -0.40 -7.37
CA ARG A 38 -3.70 -0.01 -7.70
C ARG A 38 -4.63 -1.22 -7.75
N LEU A 39 -4.09 -2.33 -8.23
CA LEU A 39 -4.87 -3.56 -8.38
C LEU A 39 -5.31 -4.12 -7.02
N HIS A 40 -4.47 -3.95 -6.00
CA HIS A 40 -4.74 -4.56 -4.71
C HIS A 40 -5.32 -3.56 -3.70
N VAL A 41 -4.73 -2.38 -3.60
CA VAL A 41 -5.04 -1.49 -2.48
C VAL A 41 -6.03 -0.37 -2.84
N ILE A 42 -6.18 -0.04 -4.13
CA ILE A 42 -7.07 1.05 -4.50
C ILE A 42 -8.56 0.71 -4.29
N PRO A 43 -9.05 -0.43 -4.82
CA PRO A 43 -10.45 -0.82 -4.63
C PRO A 43 -10.78 -1.14 -3.17
N THR A 44 -9.74 -1.42 -2.40
CA THR A 44 -9.92 -1.84 -1.01
C THR A 44 -9.77 -0.68 -0.03
N LEU A 45 -8.56 -0.15 0.06
CA LEU A 45 -8.24 0.85 1.06
C LEU A 45 -8.11 2.24 0.43
N GLY A 46 -8.37 2.31 -0.87
CA GLY A 46 -8.30 3.57 -1.59
C GLY A 46 -9.26 4.60 -1.03
N SER A 47 -10.38 4.11 -0.50
CA SER A 47 -11.42 4.97 0.05
C SER A 47 -11.09 5.44 1.46
N ILE A 48 -9.95 4.99 1.98
CA ILE A 48 -9.55 5.33 3.33
C ILE A 48 -8.60 6.52 3.33
N PRO A 49 -8.90 7.55 4.14
CA PRO A 49 -8.00 8.69 4.33
C PRO A 49 -6.63 8.24 4.84
N LEU A 50 -5.58 8.87 4.34
CA LEU A 50 -4.21 8.48 4.68
C LEU A 50 -3.96 8.53 6.18
N LYS A 51 -4.49 9.56 6.84
CA LYS A 51 -4.28 9.74 8.27
C LYS A 51 -5.21 8.83 9.08
N LYS A 52 -6.07 8.09 8.39
CA LYS A 52 -6.96 7.14 9.04
C LYS A 52 -6.46 5.71 8.86
N LEU A 53 -5.83 5.48 7.71
CA LEU A 53 -5.34 4.14 7.33
C LEU A 53 -4.47 3.55 8.43
N GLN A 54 -4.85 2.37 8.90
CA GLN A 54 -4.16 1.70 9.98
C GLN A 54 -3.58 0.38 9.51
N PRO A 55 -2.58 -0.16 10.25
CA PRO A 55 -1.96 -1.45 9.91
C PRO A 55 -2.97 -2.60 9.90
N ALA A 56 -4.07 -2.43 10.64
CA ALA A 56 -5.10 -3.45 10.71
C ALA A 56 -5.83 -3.60 9.38
N ASP A 57 -5.97 -2.49 8.67
CA ASP A 57 -6.64 -2.49 7.38
C ASP A 57 -5.81 -3.22 6.35
N ILE A 58 -4.51 -2.96 6.38
CA ILE A 58 -3.57 -3.63 5.48
C ILE A 58 -3.44 -5.10 5.87
N GLN A 59 -3.54 -5.38 7.16
CA GLN A 59 -3.55 -6.75 7.67
C GLN A 59 -4.69 -7.53 7.03
N ARG A 60 -5.87 -6.91 7.04
CA ARG A 60 -7.06 -7.49 6.41
C ARG A 60 -6.86 -7.66 4.91
N LEU A 61 -6.21 -6.69 4.28
CA LEU A 61 -5.93 -6.74 2.86
C LEU A 61 -5.12 -8.01 2.53
N TYR A 62 -4.05 -8.23 3.29
CA TYR A 62 -3.23 -9.42 3.11
C TYR A 62 -4.05 -10.69 3.32
N ALA A 63 -4.73 -10.75 4.46
CA ALA A 63 -5.50 -11.93 4.83
C ALA A 63 -6.57 -12.25 3.79
N SER A 64 -7.23 -11.21 3.29
CA SER A 64 -8.32 -11.37 2.33
C SER A 64 -7.82 -12.00 1.04
N LYS A 65 -6.64 -11.57 0.58
CA LYS A 65 -6.09 -12.09 -0.66
C LYS A 65 -5.44 -13.46 -0.45
N LEU A 66 -4.86 -13.69 0.73
CA LEU A 66 -4.32 -15.01 1.07
C LEU A 66 -5.46 -16.04 1.12
N GLU A 67 -6.62 -15.57 1.56
CA GLU A 67 -7.82 -16.38 1.59
C GLU A 67 -8.18 -16.86 0.18
N SER A 68 -7.88 -16.03 -0.81
CA SER A 68 -8.19 -16.36 -2.20
C SER A 68 -7.17 -17.35 -2.76
N GLY A 69 -5.99 -17.39 -2.14
CA GLY A 69 -4.98 -18.35 -2.54
C GLY A 69 -4.00 -17.80 -3.55
N LEU A 70 -3.55 -16.57 -3.35
CA LEU A 70 -2.55 -15.97 -4.25
C LEU A 70 -1.17 -16.47 -3.86
N SER A 71 -0.21 -16.35 -4.77
CA SER A 71 1.15 -16.79 -4.52
C SER A 71 1.81 -15.92 -3.45
N PRO A 72 2.40 -16.57 -2.42
CA PRO A 72 3.07 -15.86 -1.32
C PRO A 72 4.14 -14.88 -1.80
N THR A 73 4.83 -15.22 -2.88
CA THR A 73 5.85 -14.35 -3.44
C THR A 73 5.23 -13.03 -3.92
N ARG A 74 3.97 -13.10 -4.33
CA ARG A 74 3.25 -11.93 -4.81
C ARG A 74 2.92 -11.00 -3.65
N VAL A 75 2.30 -11.55 -2.61
CA VAL A 75 1.89 -10.76 -1.46
C VAL A 75 3.10 -10.25 -0.67
N ARG A 76 4.19 -11.00 -0.73
CA ARG A 76 5.43 -10.60 -0.08
C ARG A 76 5.97 -9.34 -0.76
N TYR A 77 5.89 -9.31 -2.08
CA TYR A 77 6.30 -8.13 -2.84
C TYR A 77 5.40 -6.96 -2.51
N ILE A 78 4.09 -7.24 -2.41
CA ILE A 78 3.12 -6.21 -2.04
C ILE A 78 3.50 -5.58 -0.69
N HIS A 79 3.93 -6.42 0.23
CA HIS A 79 4.31 -5.97 1.57
C HIS A 79 5.46 -4.96 1.50
N VAL A 80 6.49 -5.26 0.71
CA VAL A 80 7.65 -4.38 0.66
C VAL A 80 7.39 -3.14 -0.20
N VAL A 81 6.64 -3.30 -1.28
CA VAL A 81 6.40 -2.18 -2.18
C VAL A 81 5.43 -1.18 -1.55
N LEU A 82 4.44 -1.69 -0.82
CA LEU A 82 3.49 -0.84 -0.12
C LEU A 82 4.18 -0.22 1.09
N HIS A 83 5.16 -0.94 1.63
CA HIS A 83 5.98 -0.43 2.71
C HIS A 83 6.74 0.81 2.22
N GLU A 84 7.40 0.66 1.09
CA GLU A 84 8.16 1.75 0.47
C GLU A 84 7.24 2.95 0.16
N ALA A 85 6.13 2.67 -0.51
CA ALA A 85 5.21 3.71 -0.94
C ALA A 85 4.68 4.53 0.24
N MET A 86 4.27 3.86 1.31
CA MET A 86 3.71 4.54 2.47
C MET A 86 4.78 5.28 3.25
N SER A 87 6.02 4.83 3.15
CA SER A 87 7.12 5.47 3.86
C SER A 87 7.43 6.82 3.21
N GLN A 88 7.17 6.93 1.92
CA GLN A 88 7.35 8.19 1.20
C GLN A 88 6.44 9.26 1.80
N ALA A 89 5.21 8.86 2.10
CA ALA A 89 4.24 9.73 2.76
C ALA A 89 4.70 10.09 4.16
N ARG A 90 5.26 9.11 4.86
CA ARG A 90 5.83 9.32 6.18
C ARG A 90 6.99 10.32 6.13
N GLU A 91 7.88 10.15 5.16
CA GLU A 91 9.03 11.02 5.00
C GLU A 91 8.62 12.44 4.66
N SER A 92 7.44 12.57 4.05
CA SER A 92 6.90 13.88 3.72
C SER A 92 6.29 14.54 4.95
N GLY A 93 6.07 13.75 6.00
CA GLY A 93 5.54 14.29 7.24
C GLY A 93 4.02 14.32 7.26
N LEU A 94 3.40 13.92 6.16
CA LEU A 94 1.93 13.93 6.08
C LEU A 94 1.37 12.68 6.75
N LEU A 95 2.23 11.70 6.98
CA LEU A 95 1.84 10.48 7.66
C LEU A 95 2.66 10.32 8.92
N LEU A 96 1.99 10.21 10.06
CA LEU A 96 2.66 10.16 11.34
C LEU A 96 3.26 8.78 11.62
N GLN A 97 2.64 7.74 11.09
CA GLN A 97 3.10 6.38 11.36
C GLN A 97 3.06 5.53 10.09
N ASN A 98 3.90 4.52 10.04
CA ASN A 98 3.96 3.63 8.88
C ASN A 98 3.08 2.42 9.11
N PRO A 99 1.91 2.38 8.45
CA PRO A 99 0.94 1.29 8.63
C PRO A 99 1.46 -0.03 8.08
N THR A 100 2.35 0.06 7.11
CA THR A 100 2.93 -1.12 6.48
C THR A 100 4.10 -1.66 7.32
N GLU A 101 4.52 -0.89 8.31
CA GLU A 101 5.60 -1.30 9.19
C GLU A 101 5.06 -2.26 10.25
N ALA A 102 3.83 -2.02 10.66
CA ALA A 102 3.20 -2.81 11.71
C ALA A 102 2.08 -3.68 11.15
N ALA A 103 2.18 -4.02 9.88
CA ALA A 103 1.18 -4.84 9.23
C ALA A 103 1.51 -6.32 9.42
N LYS A 104 0.67 -7.01 10.18
CA LYS A 104 0.91 -8.41 10.49
C LYS A 104 0.61 -9.27 9.27
N PRO A 105 1.50 -10.23 8.96
CA PRO A 105 1.27 -11.20 7.91
C PRO A 105 0.25 -12.25 8.35
N PRO A 106 -0.49 -12.83 7.38
CA PRO A 106 -1.49 -13.87 7.67
C PRO A 106 -0.88 -15.06 8.40
N ARG A 107 0.40 -15.31 8.15
CA ARG A 107 1.14 -16.36 8.85
C ARG A 107 1.39 -15.94 10.29
N HIS A 108 0.63 -16.52 11.20
CA HIS A 108 0.79 -16.23 12.61
C HIS A 108 1.67 -17.28 13.27
N PRO A 109 2.67 -16.86 14.06
CA PRO A 109 3.62 -17.77 14.70
C PRO A 109 2.94 -18.78 15.62
N LEU A 110 3.61 -19.89 15.86
CA LEU A 110 3.06 -20.99 16.66
C LEU A 110 3.14 -20.70 18.17
N GLU A 111 3.14 -19.42 18.51
CA GLU A 111 3.18 -19.00 19.90
C GLU A 111 1.80 -19.16 20.54
N HIS A 112 1.69 -18.80 21.79
CA HIS A 112 0.40 -18.84 22.48
C HIS A 112 -0.37 -17.56 22.18
N HIS A 113 -1.08 -17.57 21.06
CA HIS A 113 -1.90 -16.43 20.68
C HIS A 113 -3.34 -16.90 20.48
N HIS A 114 -4.10 -16.92 21.57
CA HIS A 114 -5.49 -17.36 21.53
C HIS A 114 -6.41 -16.16 21.73
N HIS A 115 -7.33 -15.96 20.80
CA HIS A 115 -8.23 -14.81 20.88
C HIS A 115 -9.48 -15.02 20.03
N HIS A 116 -10.61 -14.59 20.57
CA HIS A 116 -11.83 -14.44 19.78
C HIS A 116 -12.43 -13.07 20.05
N HIS A 117 -12.04 -12.51 21.20
CA HIS A 117 -12.44 -11.18 21.63
C HIS A 117 -13.97 -11.08 21.75
N MET A 1 -16.58 24.57 -9.72
CA MET A 1 -15.26 23.98 -9.39
C MET A 1 -14.74 23.15 -10.56
N ILE A 2 -13.51 23.41 -10.96
CA ILE A 2 -12.87 22.61 -12.00
C ILE A 2 -12.20 21.39 -11.39
N GLU A 3 -11.54 21.57 -10.25
CA GLU A 3 -10.88 20.49 -9.56
C GLU A 3 -11.47 20.32 -8.15
N PRO A 4 -12.49 19.47 -8.01
CA PRO A 4 -13.09 19.17 -6.71
C PRO A 4 -12.20 18.24 -5.88
N SER A 5 -11.74 17.16 -6.52
CA SER A 5 -10.85 16.18 -5.90
C SER A 5 -11.47 15.52 -4.66
N LYS A 6 -10.68 14.68 -4.02
CA LYS A 6 -11.08 13.97 -2.81
C LYS A 6 -9.88 13.23 -2.25
N ILE A 7 -9.84 13.03 -0.94
CA ILE A 7 -8.70 12.39 -0.31
C ILE A 7 -8.74 10.87 -0.54
N THR A 8 -8.13 10.44 -1.64
CA THR A 8 -8.09 9.03 -2.00
C THR A 8 -6.63 8.59 -2.18
N VAL A 9 -6.38 7.30 -2.02
CA VAL A 9 -5.04 6.75 -2.19
C VAL A 9 -4.64 6.78 -3.65
N GLU A 10 -5.53 6.35 -4.53
CA GLU A 10 -5.24 6.34 -5.96
C GLU A 10 -5.16 7.76 -6.50
N GLN A 11 -5.69 8.71 -5.74
CA GLN A 11 -5.70 10.10 -6.14
C GLN A 11 -4.28 10.64 -6.21
N TRP A 12 -3.58 10.64 -5.06
CA TRP A 12 -2.23 11.19 -5.02
C TRP A 12 -1.25 10.28 -5.75
N LEU A 13 -1.58 9.00 -5.86
CA LEU A 13 -0.79 8.07 -6.66
C LEU A 13 -0.83 8.48 -8.13
N ASN A 14 -2.02 8.80 -8.62
CA ASN A 14 -2.21 9.17 -10.02
C ASN A 14 -1.64 10.56 -10.31
N ARG A 15 -1.56 11.39 -9.27
CA ARG A 15 -0.87 12.67 -9.39
C ARG A 15 0.64 12.44 -9.46
N TRP A 16 1.09 11.51 -8.62
CA TRP A 16 2.49 11.13 -8.57
C TRP A 16 2.94 10.63 -9.94
N LEU A 17 2.04 9.90 -10.63
CA LEU A 17 2.30 9.41 -11.97
C LEU A 17 2.82 10.53 -12.88
N THR A 18 2.11 11.64 -12.91
CA THR A 18 2.47 12.77 -13.76
C THR A 18 3.77 13.42 -13.27
N ASP A 19 4.04 13.30 -11.98
CA ASP A 19 5.24 13.88 -11.39
C ASP A 19 6.51 13.14 -11.85
N TYR A 20 6.60 11.84 -11.53
CA TYR A 20 7.83 11.10 -11.75
C TYR A 20 7.83 10.35 -13.08
N ALA A 21 6.81 10.60 -13.91
CA ALA A 21 6.75 10.04 -15.27
C ALA A 21 8.00 10.42 -16.06
N LYS A 22 8.57 11.57 -15.73
CA LYS A 22 9.80 12.03 -16.35
C LYS A 22 10.75 12.56 -15.27
N PRO A 23 11.46 11.65 -14.59
CA PRO A 23 12.34 11.99 -13.47
C PRO A 23 13.76 12.27 -13.93
N HIS A 24 14.72 12.05 -13.04
CA HIS A 24 16.12 12.24 -13.36
C HIS A 24 16.94 11.01 -13.00
N LEU A 25 17.82 10.61 -13.91
CA LEU A 25 18.73 9.48 -13.72
C LEU A 25 18.01 8.14 -13.71
N ARG A 26 17.38 7.80 -12.58
CA ARG A 26 16.84 6.45 -12.40
C ARG A 26 15.65 6.20 -13.34
N GLN A 27 15.82 5.22 -14.22
CA GLN A 27 14.74 4.82 -15.11
C GLN A 27 14.52 3.32 -15.01
N SER A 28 13.27 2.92 -15.14
CA SER A 28 12.87 1.53 -15.08
C SER A 28 11.34 1.48 -15.18
N THR A 29 10.74 0.35 -14.86
CA THR A 29 9.29 0.27 -14.81
C THR A 29 8.80 0.90 -13.51
N TRP A 30 8.55 2.21 -13.57
CA TRP A 30 8.16 2.97 -12.39
C TRP A 30 6.78 2.55 -11.90
N GLU A 31 5.91 2.16 -12.83
CA GLU A 31 4.52 1.86 -12.52
C GLU A 31 4.38 0.51 -11.80
N SER A 32 5.50 -0.19 -11.61
CA SER A 32 5.49 -1.46 -10.90
C SER A 32 4.98 -1.31 -9.48
N TYR A 33 5.15 -0.12 -8.91
CA TYR A 33 4.71 0.16 -7.55
C TYR A 33 3.24 0.55 -7.54
N GLU A 34 2.82 1.25 -8.59
CA GLU A 34 1.50 1.85 -8.64
C GLU A 34 0.43 0.82 -9.00
N THR A 35 0.70 0.03 -10.04
CA THR A 35 -0.26 -0.95 -10.53
C THR A 35 -0.69 -1.94 -9.44
N VAL A 36 0.29 -2.55 -8.79
CA VAL A 36 0.00 -3.55 -7.76
C VAL A 36 -0.84 -2.97 -6.63
N LEU A 37 -0.56 -1.73 -6.27
CA LEU A 37 -1.30 -1.03 -5.22
C LEU A 37 -2.75 -0.84 -5.64
N ARG A 38 -2.97 -0.06 -6.69
CA ARG A 38 -4.34 0.30 -7.09
C ARG A 38 -5.15 -0.95 -7.41
N LEU A 39 -4.51 -1.92 -8.06
CA LEU A 39 -5.18 -3.15 -8.45
C LEU A 39 -5.71 -3.92 -7.24
N HIS A 40 -4.92 -3.97 -6.18
CA HIS A 40 -5.26 -4.80 -5.02
C HIS A 40 -5.86 -3.99 -3.87
N VAL A 41 -5.16 -2.94 -3.46
CA VAL A 41 -5.52 -2.26 -2.22
C VAL A 41 -6.41 -1.04 -2.45
N ILE A 42 -6.57 -0.62 -3.70
CA ILE A 42 -7.42 0.55 -3.97
C ILE A 42 -8.92 0.22 -3.92
N PRO A 43 -9.39 -0.92 -4.50
CA PRO A 43 -10.80 -1.32 -4.39
C PRO A 43 -11.21 -1.63 -2.96
N THR A 44 -10.22 -1.81 -2.09
CA THR A 44 -10.47 -2.14 -0.70
C THR A 44 -10.20 -0.95 0.23
N LEU A 45 -8.94 -0.55 0.33
CA LEU A 45 -8.53 0.49 1.26
C LEU A 45 -8.23 1.81 0.55
N GLY A 46 -8.34 1.79 -0.78
CA GLY A 46 -8.00 2.94 -1.59
C GLY A 46 -8.87 4.15 -1.31
N SER A 47 -10.11 3.91 -0.93
CA SER A 47 -11.05 4.97 -0.66
C SER A 47 -10.97 5.42 0.80
N ILE A 48 -9.98 4.91 1.52
CA ILE A 48 -9.79 5.25 2.91
C ILE A 48 -8.63 6.22 3.08
N PRO A 49 -8.86 7.37 3.74
CA PRO A 49 -7.82 8.35 4.02
C PRO A 49 -6.64 7.74 4.76
N LEU A 50 -5.42 8.10 4.36
CA LEU A 50 -4.21 7.52 4.93
C LEU A 50 -4.11 7.78 6.43
N LYS A 51 -4.71 8.87 6.89
CA LYS A 51 -4.72 9.20 8.31
C LYS A 51 -5.66 8.28 9.09
N LYS A 52 -6.57 7.65 8.37
CA LYS A 52 -7.56 6.77 8.98
C LYS A 52 -7.21 5.31 8.70
N LEU A 53 -6.25 5.11 7.82
CA LEU A 53 -5.80 3.76 7.46
C LEU A 53 -5.18 3.08 8.68
N GLN A 54 -5.80 2.00 9.13
CA GLN A 54 -5.32 1.30 10.30
C GLN A 54 -4.43 0.14 9.90
N PRO A 55 -3.43 -0.20 10.73
CA PRO A 55 -2.54 -1.34 10.47
C PRO A 55 -3.31 -2.65 10.37
N ALA A 56 -4.48 -2.69 10.99
CA ALA A 56 -5.33 -3.87 10.97
C ALA A 56 -5.89 -4.12 9.57
N ASP A 57 -6.10 -3.05 8.81
CA ASP A 57 -6.62 -3.16 7.45
C ASP A 57 -5.56 -3.76 6.54
N ILE A 58 -4.33 -3.30 6.69
CA ILE A 58 -3.21 -3.85 5.93
C ILE A 58 -2.96 -5.29 6.35
N GLN A 59 -3.08 -5.54 7.65
CA GLN A 59 -2.98 -6.88 8.21
C GLN A 59 -4.01 -7.78 7.53
N ARG A 60 -5.26 -7.34 7.55
CA ARG A 60 -6.36 -8.07 6.94
C ARG A 60 -6.11 -8.28 5.45
N LEU A 61 -5.58 -7.25 4.80
CA LEU A 61 -5.29 -7.30 3.37
C LEU A 61 -4.35 -8.47 3.07
N TYR A 62 -3.23 -8.54 3.81
CA TYR A 62 -2.28 -9.61 3.64
C TYR A 62 -2.91 -10.97 3.94
N ALA A 63 -3.70 -11.02 5.02
CA ALA A 63 -4.39 -12.25 5.40
C ALA A 63 -5.34 -12.70 4.30
N SER A 64 -6.13 -11.75 3.80
CA SER A 64 -7.11 -12.03 2.75
C SER A 64 -6.42 -12.47 1.46
N LYS A 65 -5.24 -11.91 1.20
CA LYS A 65 -4.44 -12.31 0.05
C LYS A 65 -4.12 -13.80 0.10
N LEU A 66 -3.64 -14.26 1.25
CA LEU A 66 -3.27 -15.66 1.42
C LEU A 66 -4.52 -16.53 1.57
N GLU A 67 -5.55 -15.95 2.18
CA GLU A 67 -6.84 -16.61 2.36
C GLU A 67 -7.41 -17.07 1.02
N SER A 68 -7.25 -16.24 0.01
CA SER A 68 -7.81 -16.51 -1.31
C SER A 68 -7.01 -17.60 -2.05
N GLY A 69 -5.92 -18.05 -1.43
CA GLY A 69 -5.10 -19.07 -2.03
C GLY A 69 -4.17 -18.48 -3.07
N LEU A 70 -3.60 -17.32 -2.76
CA LEU A 70 -2.72 -16.63 -3.68
C LEU A 70 -1.27 -17.07 -3.44
N SER A 71 -0.48 -17.09 -4.51
CA SER A 71 0.90 -17.53 -4.43
C SER A 71 1.70 -16.65 -3.46
N PRO A 72 2.51 -17.29 -2.59
CA PRO A 72 3.32 -16.60 -1.56
C PRO A 72 4.20 -15.48 -2.13
N THR A 73 4.74 -15.68 -3.33
CA THR A 73 5.58 -14.66 -3.96
C THR A 73 4.75 -13.41 -4.28
N ARG A 74 3.49 -13.62 -4.62
CA ARG A 74 2.56 -12.53 -4.91
C ARG A 74 2.02 -11.92 -3.62
N VAL A 75 2.42 -12.51 -2.50
CA VAL A 75 2.18 -11.92 -1.20
C VAL A 75 3.42 -11.15 -0.77
N ARG A 76 4.59 -11.75 -1.02
CA ARG A 76 5.88 -11.12 -0.72
C ARG A 76 6.03 -9.79 -1.45
N TYR A 77 5.82 -9.80 -2.76
CA TYR A 77 6.01 -8.60 -3.57
C TYR A 77 5.12 -7.45 -3.08
N ILE A 78 3.82 -7.71 -2.95
CA ILE A 78 2.87 -6.72 -2.48
C ILE A 78 3.24 -6.24 -1.08
N HIS A 79 3.67 -7.16 -0.23
CA HIS A 79 4.15 -6.83 1.11
C HIS A 79 5.26 -5.76 1.03
N VAL A 80 6.27 -6.04 0.22
CA VAL A 80 7.43 -5.16 0.11
C VAL A 80 7.03 -3.81 -0.48
N VAL A 81 6.38 -3.84 -1.64
CA VAL A 81 6.05 -2.62 -2.36
C VAL A 81 5.09 -1.73 -1.56
N LEU A 82 4.11 -2.35 -0.89
CA LEU A 82 3.13 -1.60 -0.12
C LEU A 82 3.81 -0.82 1.00
N HIS A 83 4.76 -1.47 1.67
CA HIS A 83 5.48 -0.83 2.77
C HIS A 83 6.22 0.42 2.31
N GLU A 84 7.09 0.29 1.33
CA GLU A 84 7.93 1.39 0.90
C GLU A 84 7.12 2.47 0.15
N ALA A 85 6.04 2.04 -0.50
CA ALA A 85 5.17 2.98 -1.19
C ALA A 85 4.48 3.91 -0.20
N MET A 86 3.99 3.35 0.90
CA MET A 86 3.34 4.15 1.92
C MET A 86 4.36 4.91 2.77
N SER A 87 5.58 4.40 2.81
CA SER A 87 6.66 5.09 3.49
C SER A 87 6.88 6.46 2.86
N GLN A 88 6.72 6.53 1.54
CA GLN A 88 6.85 7.79 0.81
C GLN A 88 5.86 8.82 1.35
N ALA A 89 4.65 8.37 1.65
CA ALA A 89 3.62 9.25 2.20
C ALA A 89 4.01 9.76 3.58
N ARG A 90 4.60 8.87 4.37
CA ARG A 90 5.06 9.23 5.70
C ARG A 90 6.17 10.28 5.62
N GLU A 91 7.18 10.00 4.80
CA GLU A 91 8.34 10.89 4.68
C GLU A 91 7.93 12.25 4.12
N SER A 92 6.81 12.29 3.40
CA SER A 92 6.30 13.53 2.83
C SER A 92 5.79 14.45 3.93
N GLY A 93 5.37 13.88 5.05
CA GLY A 93 4.88 14.67 6.16
C GLY A 93 3.37 14.66 6.26
N LEU A 94 2.72 13.91 5.39
CA LEU A 94 1.26 13.82 5.40
C LEU A 94 0.81 12.69 6.33
N LEU A 95 1.74 11.79 6.62
CA LEU A 95 1.47 10.67 7.51
C LEU A 95 2.57 10.59 8.55
N LEU A 96 2.20 10.75 9.82
CA LEU A 96 3.17 10.76 10.91
C LEU A 96 3.42 9.35 11.44
N GLN A 97 2.44 8.48 11.27
CA GLN A 97 2.51 7.15 11.84
C GLN A 97 2.91 6.12 10.79
N ASN A 98 3.20 4.91 11.23
CA ASN A 98 3.54 3.84 10.30
C ASN A 98 2.60 2.64 10.49
N PRO A 99 1.57 2.55 9.63
CA PRO A 99 0.63 1.44 9.65
C PRO A 99 1.21 0.21 8.96
N THR A 100 2.25 0.43 8.17
CA THR A 100 2.87 -0.63 7.40
C THR A 100 3.71 -1.56 8.28
N GLU A 101 4.59 -0.98 9.09
CA GLU A 101 5.44 -1.76 9.97
C GLU A 101 4.63 -2.41 11.09
N ALA A 102 3.45 -1.87 11.31
CA ALA A 102 2.55 -2.38 12.34
C ALA A 102 1.59 -3.44 11.76
N ALA A 103 1.85 -3.89 10.55
CA ALA A 103 1.06 -4.95 9.95
C ALA A 103 1.60 -6.31 10.35
N LYS A 104 0.71 -7.28 10.49
CA LYS A 104 1.08 -8.57 11.06
C LYS A 104 1.90 -9.41 10.09
N PRO A 105 3.07 -9.88 10.56
CA PRO A 105 3.89 -10.82 9.81
C PRO A 105 3.40 -12.26 9.95
N PRO A 106 3.47 -13.05 8.87
CA PRO A 106 3.15 -14.49 8.91
C PRO A 106 4.07 -15.22 9.88
N ARG A 107 5.35 -15.27 9.54
CA ARG A 107 6.37 -15.77 10.44
C ARG A 107 7.51 -14.76 10.54
N HIS A 108 8.28 -14.66 9.47
CA HIS A 108 9.31 -13.62 9.36
C HIS A 108 9.34 -13.04 7.96
N PRO A 109 8.75 -11.85 7.79
CA PRO A 109 8.69 -11.19 6.50
C PRO A 109 9.98 -10.42 6.20
N LEU A 110 10.79 -10.25 7.24
CA LEU A 110 12.12 -9.69 7.08
C LEU A 110 13.06 -10.81 6.64
N GLU A 111 13.00 -11.08 5.35
CA GLU A 111 13.63 -12.25 4.77
C GLU A 111 14.91 -11.85 4.05
N HIS A 112 15.92 -12.70 4.11
CA HIS A 112 17.20 -12.47 3.42
C HIS A 112 17.04 -12.70 1.92
N HIS A 113 16.08 -12.04 1.33
CA HIS A 113 15.73 -12.24 -0.05
C HIS A 113 15.16 -10.96 -0.65
N HIS A 114 16.01 -10.21 -1.33
CA HIS A 114 15.60 -8.99 -2.01
C HIS A 114 16.16 -9.00 -3.43
N HIS A 115 17.48 -8.79 -3.52
CA HIS A 115 18.23 -8.86 -4.79
C HIS A 115 17.72 -7.86 -5.83
N HIS A 116 18.54 -6.87 -6.15
CA HIS A 116 18.19 -5.91 -7.19
C HIS A 116 18.42 -6.54 -8.57
N HIS A 117 17.35 -6.76 -9.30
CA HIS A 117 17.42 -7.34 -10.63
C HIS A 117 18.10 -6.37 -11.59
N MET A 1 -25.91 2.26 -1.24
CA MET A 1 -26.60 2.91 -2.38
C MET A 1 -26.41 4.42 -2.34
N ILE A 2 -26.45 5.01 -1.15
CA ILE A 2 -26.29 6.46 -1.01
C ILE A 2 -25.27 6.76 0.09
N GLU A 3 -24.03 6.37 -0.16
CA GLU A 3 -22.94 6.68 0.75
C GLU A 3 -21.89 7.52 0.02
N PRO A 4 -21.64 8.74 0.52
CA PRO A 4 -20.72 9.68 -0.12
C PRO A 4 -19.26 9.27 -0.01
N SER A 5 -18.45 9.74 -0.93
CA SER A 5 -17.04 9.44 -0.95
C SER A 5 -16.24 10.73 -1.15
N LYS A 6 -15.04 10.78 -0.61
CA LYS A 6 -14.22 11.98 -0.66
C LYS A 6 -12.87 11.67 -1.29
N ILE A 7 -11.84 12.45 -0.95
CA ILE A 7 -10.51 12.24 -1.49
C ILE A 7 -9.93 10.90 -1.01
N THR A 8 -9.93 9.92 -1.90
CA THR A 8 -9.45 8.60 -1.58
C THR A 8 -7.99 8.41 -1.97
N VAL A 9 -7.45 7.23 -1.67
CA VAL A 9 -6.05 6.94 -1.95
C VAL A 9 -5.74 7.00 -3.44
N GLU A 10 -6.69 6.55 -4.25
CA GLU A 10 -6.52 6.51 -5.70
C GLU A 10 -6.36 7.93 -6.27
N GLN A 11 -6.87 8.92 -5.56
CA GLN A 11 -6.82 10.30 -6.01
C GLN A 11 -5.41 10.86 -5.98
N TRP A 12 -4.73 10.75 -4.84
CA TRP A 12 -3.41 11.33 -4.71
C TRP A 12 -2.34 10.44 -5.37
N LEU A 13 -2.64 9.15 -5.48
CA LEU A 13 -1.74 8.25 -6.18
C LEU A 13 -1.79 8.50 -7.69
N ASN A 14 -2.96 8.87 -8.19
CA ASN A 14 -3.11 9.24 -9.60
C ASN A 14 -2.18 10.41 -9.91
N ARG A 15 -2.12 11.36 -8.98
CA ARG A 15 -1.23 12.51 -9.11
C ARG A 15 0.23 12.05 -9.01
N TRP A 16 0.50 11.19 -8.02
CA TRP A 16 1.83 10.66 -7.80
C TRP A 16 2.38 9.98 -9.05
N LEU A 17 1.64 8.99 -9.54
CA LEU A 17 2.04 8.23 -10.73
C LEU A 17 2.32 9.14 -11.92
N THR A 18 1.41 10.07 -12.16
CA THR A 18 1.53 10.99 -13.29
C THR A 18 2.71 11.95 -13.09
N ASP A 19 3.06 12.22 -11.83
CA ASP A 19 4.09 13.20 -11.52
C ASP A 19 5.48 12.65 -11.76
N TYR A 20 5.82 11.57 -11.07
CA TYR A 20 7.18 11.04 -11.12
C TYR A 20 7.42 10.31 -12.44
N ALA A 21 6.37 10.09 -13.21
CA ALA A 21 6.50 9.50 -14.54
C ALA A 21 7.45 10.33 -15.38
N LYS A 22 7.18 11.64 -15.44
CA LYS A 22 8.01 12.59 -16.18
C LYS A 22 7.87 12.40 -17.69
N PRO A 23 8.31 13.38 -18.48
CA PRO A 23 8.36 13.26 -19.93
C PRO A 23 9.60 12.46 -20.38
N HIS A 24 9.71 12.28 -21.69
CA HIS A 24 10.84 11.57 -22.30
C HIS A 24 10.78 10.06 -21.99
N LEU A 25 11.43 9.66 -20.90
CA LEU A 25 11.59 8.26 -20.49
C LEU A 25 11.73 7.31 -21.69
N ARG A 26 12.49 7.75 -22.69
CA ARG A 26 12.67 6.99 -23.92
C ARG A 26 13.52 5.74 -23.65
N GLN A 27 14.30 5.79 -22.58
CA GLN A 27 15.19 4.70 -22.23
C GLN A 27 14.42 3.41 -21.97
N SER A 28 13.19 3.57 -21.46
CA SER A 28 12.30 2.44 -21.15
C SER A 28 12.82 1.65 -19.95
N THR A 29 11.92 0.96 -19.25
CA THR A 29 12.29 0.16 -18.09
C THR A 29 11.15 -0.77 -17.68
N TRP A 30 9.95 -0.20 -17.56
CA TRP A 30 8.75 -0.93 -17.12
C TRP A 30 8.93 -1.46 -15.70
N GLU A 31 8.21 -0.87 -14.76
CA GLU A 31 8.30 -1.29 -13.37
C GLU A 31 6.99 -1.93 -12.94
N SER A 32 7.04 -2.75 -11.90
CA SER A 32 5.84 -3.35 -11.36
C SER A 32 5.29 -2.53 -10.19
N TYR A 33 6.07 -1.54 -9.75
CA TYR A 33 5.78 -0.81 -8.52
C TYR A 33 4.42 -0.12 -8.54
N GLU A 34 4.08 0.52 -9.65
CA GLU A 34 2.83 1.24 -9.73
C GLU A 34 1.69 0.28 -10.05
N THR A 35 2.03 -0.75 -10.82
CA THR A 35 1.09 -1.75 -11.25
C THR A 35 0.53 -2.54 -10.07
N VAL A 36 1.42 -3.11 -9.25
CA VAL A 36 1.00 -3.90 -8.11
C VAL A 36 0.30 -3.02 -7.07
N LEU A 37 0.70 -1.76 -7.01
CA LEU A 37 0.16 -0.84 -6.03
C LEU A 37 -1.33 -0.58 -6.30
N ARG A 38 -1.62 0.04 -7.43
CA ARG A 38 -3.00 0.45 -7.73
C ARG A 38 -3.90 -0.75 -7.97
N LEU A 39 -3.38 -1.78 -8.61
CA LEU A 39 -4.17 -2.96 -8.95
C LEU A 39 -4.58 -3.74 -7.69
N HIS A 40 -3.71 -3.75 -6.69
CA HIS A 40 -3.93 -4.60 -5.52
C HIS A 40 -4.62 -3.85 -4.37
N VAL A 41 -4.13 -2.66 -4.03
CA VAL A 41 -4.60 -2.01 -2.81
C VAL A 41 -5.64 -0.91 -3.07
N ILE A 42 -5.73 -0.41 -4.30
CA ILE A 42 -6.69 0.65 -4.60
C ILE A 42 -8.15 0.14 -4.56
N PRO A 43 -8.47 -1.01 -5.20
CA PRO A 43 -9.84 -1.55 -5.17
C PRO A 43 -10.20 -2.14 -3.80
N THR A 44 -9.24 -2.20 -2.89
CA THR A 44 -9.46 -2.75 -1.57
C THR A 44 -9.48 -1.67 -0.49
N LEU A 45 -8.33 -1.04 -0.26
CA LEU A 45 -8.19 -0.05 0.80
C LEU A 45 -8.09 1.36 0.24
N GLY A 46 -8.34 1.50 -1.06
CA GLY A 46 -8.25 2.80 -1.70
C GLY A 46 -9.26 3.80 -1.18
N SER A 47 -10.36 3.29 -0.62
CA SER A 47 -11.41 4.15 -0.07
C SER A 47 -11.23 4.34 1.44
N ILE A 48 -10.03 4.09 1.93
CA ILE A 48 -9.73 4.24 3.34
C ILE A 48 -8.86 5.48 3.59
N PRO A 49 -9.32 6.38 4.48
CA PRO A 49 -8.57 7.57 4.86
C PRO A 49 -7.23 7.23 5.52
N LEU A 50 -6.23 8.05 5.26
CA LEU A 50 -4.85 7.71 5.62
C LEU A 50 -4.60 7.73 7.12
N LYS A 51 -5.38 8.50 7.87
CA LYS A 51 -5.23 8.54 9.32
C LYS A 51 -5.98 7.38 9.96
N LYS A 52 -7.02 6.90 9.30
CA LYS A 52 -7.78 5.76 9.79
C LYS A 52 -7.03 4.47 9.47
N LEU A 53 -6.16 4.55 8.48
CA LEU A 53 -5.36 3.42 8.04
C LEU A 53 -4.54 2.87 9.21
N GLN A 54 -4.96 1.72 9.72
CA GLN A 54 -4.25 1.04 10.78
C GLN A 54 -3.30 0.00 10.18
N PRO A 55 -2.26 -0.40 10.92
CA PRO A 55 -1.45 -1.56 10.54
C PRO A 55 -2.30 -2.82 10.47
N ALA A 56 -3.39 -2.82 11.23
CA ALA A 56 -4.36 -3.89 11.21
C ALA A 56 -5.14 -3.92 9.90
N ASP A 57 -5.33 -2.75 9.31
CA ASP A 57 -6.03 -2.65 8.03
C ASP A 57 -5.14 -3.19 6.92
N ILE A 58 -3.84 -2.95 7.04
CA ILE A 58 -2.87 -3.50 6.11
C ILE A 58 -2.81 -5.02 6.26
N GLN A 59 -2.87 -5.48 7.51
CA GLN A 59 -2.94 -6.89 7.82
C GLN A 59 -4.19 -7.50 7.18
N ARG A 60 -5.29 -6.77 7.30
CA ARG A 60 -6.57 -7.15 6.68
C ARG A 60 -6.42 -7.27 5.17
N LEU A 61 -5.72 -6.31 4.56
CA LEU A 61 -5.46 -6.33 3.13
C LEU A 61 -4.79 -7.65 2.74
N TYR A 62 -3.79 -8.07 3.49
CA TYR A 62 -3.10 -9.31 3.22
C TYR A 62 -4.03 -10.50 3.40
N ALA A 63 -4.77 -10.51 4.50
CA ALA A 63 -5.67 -11.61 4.82
C ALA A 63 -6.77 -11.76 3.77
N SER A 64 -7.47 -10.66 3.50
CA SER A 64 -8.60 -10.67 2.58
C SER A 64 -8.16 -10.89 1.13
N LYS A 65 -6.89 -10.70 0.84
CA LYS A 65 -6.38 -10.96 -0.50
C LYS A 65 -5.73 -12.34 -0.59
N LEU A 66 -5.18 -12.82 0.51
CA LEU A 66 -4.69 -14.20 0.56
C LEU A 66 -5.88 -15.14 0.38
N GLU A 67 -7.01 -14.73 0.94
CA GLU A 67 -8.28 -15.41 0.78
C GLU A 67 -8.66 -15.57 -0.69
N SER A 68 -8.24 -14.60 -1.50
CA SER A 68 -8.58 -14.60 -2.93
C SER A 68 -7.69 -15.58 -3.71
N GLY A 69 -6.74 -16.18 -3.02
CA GLY A 69 -5.84 -17.12 -3.67
C GLY A 69 -4.56 -16.44 -4.14
N LEU A 70 -4.11 -15.46 -3.37
CA LEU A 70 -2.90 -14.74 -3.69
C LEU A 70 -1.68 -15.59 -3.35
N SER A 71 -0.78 -15.73 -4.31
CA SER A 71 0.44 -16.50 -4.11
C SER A 71 1.29 -15.85 -3.02
N PRO A 72 1.72 -16.63 -2.00
CA PRO A 72 2.51 -16.13 -0.87
C PRO A 72 3.70 -15.28 -1.29
N THR A 73 4.34 -15.66 -2.39
CA THR A 73 5.48 -14.95 -2.91
C THR A 73 5.10 -13.52 -3.32
N ARG A 74 3.93 -13.37 -3.95
CA ARG A 74 3.48 -12.06 -4.38
C ARG A 74 2.84 -11.30 -3.22
N VAL A 75 2.29 -12.04 -2.26
CA VAL A 75 1.80 -11.43 -1.03
C VAL A 75 2.96 -10.74 -0.32
N ARG A 76 4.10 -11.42 -0.30
CA ARG A 76 5.32 -10.89 0.28
C ARG A 76 5.86 -9.75 -0.58
N TYR A 77 5.67 -9.86 -1.90
CA TYR A 77 6.06 -8.82 -2.83
C TYR A 77 5.24 -7.55 -2.56
N ILE A 78 3.93 -7.71 -2.41
CA ILE A 78 3.05 -6.61 -2.04
C ILE A 78 3.44 -6.07 -0.66
N HIS A 79 3.86 -6.97 0.21
CA HIS A 79 4.27 -6.61 1.56
C HIS A 79 5.45 -5.63 1.53
N VAL A 80 6.43 -5.91 0.69
CA VAL A 80 7.63 -5.07 0.64
C VAL A 80 7.39 -3.80 -0.16
N VAL A 81 6.65 -3.89 -1.26
CA VAL A 81 6.38 -2.72 -2.09
C VAL A 81 5.48 -1.73 -1.36
N LEU A 82 4.50 -2.26 -0.62
CA LEU A 82 3.61 -1.41 0.16
C LEU A 82 4.36 -0.79 1.33
N HIS A 83 5.31 -1.55 1.86
CA HIS A 83 6.18 -1.07 2.94
C HIS A 83 6.82 0.27 2.56
N GLU A 84 7.48 0.28 1.41
CA GLU A 84 8.19 1.46 0.95
C GLU A 84 7.23 2.50 0.38
N ALA A 85 6.21 2.05 -0.35
CA ALA A 85 5.26 2.97 -0.97
C ALA A 85 4.49 3.77 0.08
N MET A 86 4.08 3.10 1.16
CA MET A 86 3.36 3.77 2.23
C MET A 86 4.30 4.67 3.03
N SER A 87 5.57 4.26 3.08
CA SER A 87 6.58 5.03 3.78
C SER A 87 6.80 6.39 3.09
N GLN A 88 6.61 6.39 1.77
CA GLN A 88 6.70 7.62 0.99
C GLN A 88 5.69 8.64 1.49
N ALA A 89 4.50 8.16 1.82
CA ALA A 89 3.44 9.02 2.34
C ALA A 89 3.85 9.59 3.70
N ARG A 90 4.46 8.75 4.53
CA ARG A 90 4.98 9.19 5.82
C ARG A 90 6.01 10.29 5.64
N GLU A 91 6.98 10.02 4.78
CA GLU A 91 8.09 10.94 4.55
C GLU A 91 7.66 12.11 3.65
N SER A 92 6.40 12.11 3.26
CA SER A 92 5.82 13.22 2.53
C SER A 92 5.19 14.21 3.51
N GLY A 93 5.12 13.80 4.77
CA GLY A 93 4.58 14.66 5.81
C GLY A 93 3.09 14.48 6.02
N LEU A 94 2.44 13.72 5.15
CA LEU A 94 1.00 13.54 5.23
C LEU A 94 0.64 12.38 6.16
N LEU A 95 1.66 11.65 6.58
CA LEU A 95 1.46 10.53 7.49
C LEU A 95 2.47 10.62 8.63
N LEU A 96 1.98 10.39 9.84
CA LEU A 96 2.79 10.59 11.04
C LEU A 96 3.78 9.44 11.28
N GLN A 97 3.40 8.23 10.89
CA GLN A 97 4.22 7.07 11.17
C GLN A 97 4.13 6.04 10.05
N ASN A 98 4.76 4.90 10.25
CA ASN A 98 4.71 3.82 9.27
C ASN A 98 3.98 2.60 9.83
N PRO A 99 2.71 2.42 9.45
CA PRO A 99 1.91 1.26 9.86
C PRO A 99 2.42 -0.01 9.17
N THR A 100 3.25 0.17 8.16
CA THR A 100 3.83 -0.91 7.38
C THR A 100 4.76 -1.77 8.23
N GLU A 101 5.47 -1.14 9.16
CA GLU A 101 6.42 -1.85 10.02
C GLU A 101 5.70 -2.75 11.02
N ALA A 102 4.43 -2.47 11.25
CA ALA A 102 3.62 -3.25 12.17
C ALA A 102 2.70 -4.20 11.40
N ALA A 103 2.85 -4.21 10.08
CA ALA A 103 2.07 -5.09 9.23
C ALA A 103 2.81 -6.39 8.99
N LYS A 104 2.46 -7.41 9.74
CA LYS A 104 3.13 -8.69 9.66
C LYS A 104 2.17 -9.80 9.25
N PRO A 105 2.62 -10.71 8.36
CA PRO A 105 1.81 -11.80 7.85
C PRO A 105 1.37 -12.77 8.94
N PRO A 106 0.14 -13.30 8.85
CA PRO A 106 -0.41 -14.21 9.85
C PRO A 106 0.27 -15.58 9.83
N ARG A 107 1.26 -15.75 10.70
CA ARG A 107 1.98 -17.01 10.81
C ARG A 107 1.15 -17.98 11.64
N HIS A 108 0.67 -17.50 12.78
CA HIS A 108 -0.12 -18.33 13.68
C HIS A 108 -1.28 -17.53 14.25
N PRO A 109 -2.35 -17.33 13.46
CA PRO A 109 -3.53 -16.58 13.87
C PRO A 109 -4.65 -17.48 14.35
N LEU A 110 -5.87 -16.97 14.31
CA LEU A 110 -7.04 -17.75 14.66
C LEU A 110 -7.83 -18.09 13.41
N GLU A 111 -8.24 -19.35 13.29
CA GLU A 111 -8.95 -19.80 12.10
C GLU A 111 -10.42 -19.42 12.15
N HIS A 112 -10.72 -18.21 11.69
CA HIS A 112 -12.09 -17.77 11.55
C HIS A 112 -12.19 -16.49 10.73
N HIS A 113 -11.98 -15.34 11.38
CA HIS A 113 -12.14 -14.04 10.74
C HIS A 113 -13.55 -13.88 10.19
N HIS A 114 -14.47 -13.48 11.06
CA HIS A 114 -15.86 -13.31 10.67
C HIS A 114 -16.03 -12.14 9.71
N HIS A 115 -16.26 -12.48 8.45
CA HIS A 115 -16.43 -11.49 7.39
C HIS A 115 -17.80 -10.84 7.50
N HIS A 116 -17.81 -9.54 7.77
CA HIS A 116 -19.06 -8.81 7.96
C HIS A 116 -18.86 -7.33 7.63
N HIS A 117 -17.74 -6.79 8.08
CA HIS A 117 -17.40 -5.40 7.80
C HIS A 117 -15.96 -5.31 7.33
N MET A 1 -19.32 11.41 -9.07
CA MET A 1 -17.97 11.72 -8.57
C MET A 1 -17.73 11.03 -7.23
N ILE A 2 -16.51 10.58 -7.00
CA ILE A 2 -16.15 10.03 -5.70
C ILE A 2 -16.02 11.17 -4.70
N GLU A 3 -17.10 11.39 -3.95
CA GLU A 3 -17.20 12.54 -3.07
C GLU A 3 -17.06 12.17 -1.58
N PRO A 4 -17.70 11.08 -1.08
CA PRO A 4 -17.70 10.73 0.36
C PRO A 4 -16.33 10.24 0.88
N SER A 5 -15.26 10.83 0.37
CA SER A 5 -13.91 10.55 0.83
C SER A 5 -12.94 11.52 0.15
N LYS A 6 -12.48 12.52 0.89
CA LYS A 6 -11.61 13.54 0.34
C LYS A 6 -10.15 13.29 0.69
N ILE A 7 -9.27 13.55 -0.27
CA ILE A 7 -7.82 13.42 -0.09
C ILE A 7 -7.47 11.99 0.33
N THR A 8 -7.62 11.08 -0.61
CA THR A 8 -7.36 9.67 -0.35
C THR A 8 -6.07 9.23 -1.02
N VAL A 9 -5.70 7.97 -0.78
CA VAL A 9 -4.49 7.41 -1.38
C VAL A 9 -4.61 7.37 -2.90
N GLU A 10 -5.78 7.01 -3.40
CA GLU A 10 -5.97 6.86 -4.84
C GLU A 10 -5.95 8.23 -5.53
N GLN A 11 -6.48 9.25 -4.87
CA GLN A 11 -6.47 10.60 -5.43
C GLN A 11 -5.06 11.16 -5.43
N TRP A 12 -4.28 10.78 -4.43
CA TRP A 12 -2.89 11.18 -4.34
C TRP A 12 -2.09 10.54 -5.48
N LEU A 13 -2.25 9.23 -5.61
CA LEU A 13 -1.55 8.48 -6.66
C LEU A 13 -2.04 8.89 -8.04
N ASN A 14 -3.33 9.16 -8.16
CA ASN A 14 -3.91 9.56 -9.44
C ASN A 14 -3.18 10.78 -10.03
N ARG A 15 -2.93 11.77 -9.19
CA ARG A 15 -2.26 12.98 -9.63
C ARG A 15 -0.75 12.76 -9.70
N TRP A 16 -0.22 11.97 -8.77
CA TRP A 16 1.19 11.61 -8.76
C TRP A 16 1.56 10.89 -10.07
N LEU A 17 0.81 9.85 -10.38
CA LEU A 17 1.03 9.05 -11.58
C LEU A 17 0.95 9.90 -12.84
N THR A 18 -0.04 10.78 -12.89
CA THR A 18 -0.26 11.61 -14.08
C THR A 18 0.89 12.59 -14.31
N ASP A 19 1.44 13.12 -13.24
CA ASP A 19 2.48 14.14 -13.33
C ASP A 19 3.87 13.52 -13.42
N TYR A 20 4.11 12.49 -12.63
CA TYR A 20 5.43 11.89 -12.52
C TYR A 20 5.63 10.76 -13.53
N ALA A 21 4.65 10.55 -14.40
CA ALA A 21 4.78 9.54 -15.46
C ALA A 21 5.91 9.90 -16.39
N LYS A 22 5.79 11.08 -17.01
CA LYS A 22 6.85 11.65 -17.86
C LYS A 22 7.00 10.84 -19.17
N PRO A 23 7.75 11.38 -20.16
CA PRO A 23 7.92 10.73 -21.46
C PRO A 23 8.44 9.30 -21.35
N HIS A 24 7.98 8.44 -22.26
CA HIS A 24 8.36 7.04 -22.27
C HIS A 24 9.75 6.86 -22.85
N LEU A 25 10.74 7.13 -22.04
CA LEU A 25 12.12 6.91 -22.43
C LEU A 25 12.85 6.21 -21.29
N ARG A 26 13.51 5.10 -21.59
CA ARG A 26 14.09 4.23 -20.56
C ARG A 26 12.99 3.65 -19.68
N GLN A 27 11.77 3.61 -20.23
CA GLN A 27 10.59 3.13 -19.52
C GLN A 27 10.80 1.71 -19.00
N SER A 28 11.42 0.88 -19.83
CA SER A 28 11.78 -0.49 -19.43
C SER A 28 10.58 -1.26 -18.87
N THR A 29 9.38 -0.97 -19.38
CA THR A 29 8.13 -1.55 -18.88
C THR A 29 8.03 -1.45 -17.35
N TRP A 30 8.49 -0.34 -16.80
CA TRP A 30 8.48 -0.12 -15.37
C TRP A 30 7.05 0.07 -14.84
N GLU A 31 6.53 -0.99 -14.23
CA GLU A 31 5.25 -0.93 -13.55
C GLU A 31 5.12 -2.10 -12.58
N SER A 32 6.27 -2.59 -12.14
CA SER A 32 6.35 -3.72 -11.23
C SER A 32 5.57 -3.44 -9.95
N TYR A 33 5.83 -2.29 -9.34
CA TYR A 33 5.14 -1.91 -8.12
C TYR A 33 3.76 -1.34 -8.45
N GLU A 34 3.65 -0.72 -9.62
CA GLU A 34 2.40 -0.09 -10.08
C GLU A 34 1.27 -1.10 -10.08
N THR A 35 1.45 -2.18 -10.82
CA THR A 35 0.42 -3.18 -11.01
C THR A 35 -0.12 -3.73 -9.69
N VAL A 36 0.74 -4.39 -8.93
CA VAL A 36 0.33 -5.03 -7.68
C VAL A 36 -0.32 -4.03 -6.72
N LEU A 37 0.22 -2.81 -6.68
CA LEU A 37 -0.29 -1.78 -5.78
C LEU A 37 -1.70 -1.37 -6.19
N ARG A 38 -1.82 -0.78 -7.39
CA ARG A 38 -3.10 -0.25 -7.85
C ARG A 38 -4.17 -1.33 -7.87
N LEU A 39 -3.81 -2.51 -8.36
CA LEU A 39 -4.74 -3.61 -8.54
C LEU A 39 -5.33 -4.07 -7.20
N HIS A 40 -4.49 -4.16 -6.17
CA HIS A 40 -4.91 -4.78 -4.92
C HIS A 40 -5.30 -3.76 -3.84
N VAL A 41 -4.53 -2.69 -3.72
CA VAL A 41 -4.70 -1.80 -2.56
C VAL A 41 -5.51 -0.54 -2.87
N ILE A 42 -5.68 -0.20 -4.14
CA ILE A 42 -6.40 1.03 -4.49
C ILE A 42 -7.90 0.90 -4.26
N PRO A 43 -8.57 -0.12 -4.82
CA PRO A 43 -10.03 -0.31 -4.61
C PRO A 43 -10.38 -0.65 -3.16
N THR A 44 -9.37 -0.90 -2.36
CA THR A 44 -9.58 -1.25 -0.96
C THR A 44 -9.20 -0.11 -0.02
N LEU A 45 -7.90 0.20 0.05
CA LEU A 45 -7.38 1.20 0.96
C LEU A 45 -7.19 2.55 0.26
N GLY A 46 -7.15 2.51 -1.07
CA GLY A 46 -6.90 3.72 -1.84
C GLY A 46 -8.01 4.73 -1.67
N SER A 47 -9.24 4.26 -1.50
CA SER A 47 -10.38 5.13 -1.31
C SER A 47 -10.44 5.66 0.13
N ILE A 48 -9.40 5.38 0.89
CA ILE A 48 -9.33 5.81 2.28
C ILE A 48 -8.16 6.78 2.48
N PRO A 49 -8.40 7.90 3.17
CA PRO A 49 -7.34 8.85 3.52
C PRO A 49 -6.27 8.20 4.40
N LEU A 50 -5.02 8.63 4.21
CA LEU A 50 -3.89 8.01 4.92
C LEU A 50 -3.98 8.28 6.43
N LYS A 51 -4.67 9.34 6.81
CA LYS A 51 -4.87 9.65 8.22
C LYS A 51 -5.88 8.68 8.86
N LYS A 52 -6.41 7.77 8.05
CA LYS A 52 -7.28 6.71 8.55
C LYS A 52 -6.70 5.34 8.15
N LEU A 53 -5.50 5.35 7.60
CA LEU A 53 -4.87 4.12 7.14
C LEU A 53 -4.43 3.29 8.34
N GLN A 54 -5.24 2.30 8.69
CA GLN A 54 -5.02 1.48 9.87
C GLN A 54 -4.26 0.21 9.53
N PRO A 55 -3.33 -0.20 10.41
CA PRO A 55 -2.54 -1.43 10.22
C PRO A 55 -3.42 -2.68 10.15
N ALA A 56 -4.51 -2.67 10.90
CA ALA A 56 -5.45 -3.79 10.91
C ALA A 56 -6.03 -4.02 9.52
N ASP A 57 -6.34 -2.92 8.83
CA ASP A 57 -6.91 -2.99 7.49
C ASP A 57 -5.87 -3.46 6.48
N ILE A 58 -4.63 -3.09 6.73
CA ILE A 58 -3.50 -3.56 5.91
C ILE A 58 -3.35 -5.07 6.05
N GLN A 59 -3.40 -5.54 7.29
CA GLN A 59 -3.30 -6.97 7.56
C GLN A 59 -4.50 -7.70 6.96
N ARG A 60 -5.66 -7.07 7.03
CA ARG A 60 -6.88 -7.60 6.43
C ARG A 60 -6.71 -7.74 4.92
N LEU A 61 -6.04 -6.76 4.32
CA LEU A 61 -5.77 -6.77 2.89
C LEU A 61 -5.01 -8.04 2.51
N TYR A 62 -3.97 -8.34 3.28
CA TYR A 62 -3.16 -9.52 3.03
C TYR A 62 -3.99 -10.80 3.17
N ALA A 63 -4.75 -10.88 4.26
CA ALA A 63 -5.57 -12.05 4.53
C ALA A 63 -6.63 -12.26 3.46
N SER A 64 -7.26 -11.17 3.04
CA SER A 64 -8.33 -11.24 2.05
C SER A 64 -7.78 -11.67 0.69
N LYS A 65 -6.60 -11.16 0.34
CA LYS A 65 -5.99 -11.47 -0.94
C LYS A 65 -5.34 -12.85 -0.92
N LEU A 66 -5.04 -13.34 0.27
CA LEU A 66 -4.60 -14.72 0.44
C LEU A 66 -5.73 -15.65 0.03
N GLU A 67 -6.95 -15.30 0.46
CA GLU A 67 -8.14 -16.03 0.08
C GLU A 67 -8.40 -15.93 -1.41
N SER A 68 -7.93 -14.84 -2.02
CA SER A 68 -8.06 -14.63 -3.45
C SER A 68 -7.21 -15.64 -4.23
N GLY A 69 -6.21 -16.20 -3.57
CA GLY A 69 -5.37 -17.17 -4.22
C GLY A 69 -3.95 -16.68 -4.43
N LEU A 70 -3.53 -15.71 -3.64
CA LEU A 70 -2.17 -15.21 -3.72
C LEU A 70 -1.26 -16.04 -2.85
N SER A 71 -0.16 -16.52 -3.43
CA SER A 71 0.81 -17.32 -2.71
C SER A 71 1.57 -16.44 -1.71
N PRO A 72 2.04 -17.03 -0.60
CA PRO A 72 2.73 -16.30 0.48
C PRO A 72 3.86 -15.41 -0.02
N THR A 73 4.58 -15.86 -1.05
CA THR A 73 5.71 -15.10 -1.57
C THR A 73 5.25 -13.83 -2.28
N ARG A 74 4.10 -13.89 -2.95
CA ARG A 74 3.57 -12.74 -3.65
C ARG A 74 3.00 -11.74 -2.66
N VAL A 75 2.36 -12.27 -1.61
CA VAL A 75 1.87 -11.44 -0.52
C VAL A 75 3.04 -10.80 0.23
N ARG A 76 4.12 -11.58 0.33
CA ARG A 76 5.37 -11.12 0.93
C ARG A 76 5.90 -9.91 0.17
N TYR A 77 5.86 -9.99 -1.16
CA TYR A 77 6.27 -8.90 -2.02
C TYR A 77 5.38 -7.68 -1.81
N ILE A 78 4.07 -7.90 -1.79
CA ILE A 78 3.10 -6.83 -1.55
C ILE A 78 3.39 -6.14 -0.22
N HIS A 79 3.74 -6.93 0.79
CA HIS A 79 4.08 -6.40 2.10
C HIS A 79 5.30 -5.50 2.02
N VAL A 80 6.26 -5.87 1.18
CA VAL A 80 7.49 -5.11 1.02
C VAL A 80 7.26 -3.83 0.22
N VAL A 81 6.53 -3.94 -0.89
CA VAL A 81 6.28 -2.80 -1.76
C VAL A 81 5.37 -1.77 -1.07
N LEU A 82 4.38 -2.26 -0.34
CA LEU A 82 3.49 -1.37 0.40
C LEU A 82 4.23 -0.74 1.56
N HIS A 83 5.14 -1.52 2.16
CA HIS A 83 6.02 -1.02 3.21
C HIS A 83 6.84 0.15 2.69
N GLU A 84 7.45 -0.04 1.52
CA GLU A 84 8.30 0.96 0.90
C GLU A 84 7.52 2.26 0.65
N ALA A 85 6.42 2.13 -0.10
CA ALA A 85 5.62 3.29 -0.49
C ALA A 85 5.15 4.08 0.73
N MET A 86 4.65 3.38 1.73
CA MET A 86 4.09 4.04 2.91
C MET A 86 5.19 4.60 3.82
N SER A 87 6.42 4.11 3.66
CA SER A 87 7.53 4.67 4.41
C SER A 87 7.86 6.06 3.88
N GLN A 88 7.84 6.21 2.56
CA GLN A 88 8.07 7.50 1.92
C GLN A 88 6.92 8.44 2.23
N ALA A 89 5.69 7.91 2.19
CA ALA A 89 4.50 8.68 2.55
C ALA A 89 4.60 9.16 4.00
N ARG A 90 5.10 8.28 4.86
CA ARG A 90 5.32 8.61 6.26
C ARG A 90 6.27 9.80 6.40
N GLU A 91 7.47 9.67 5.82
CA GLU A 91 8.51 10.68 5.94
C GLU A 91 8.10 12.00 5.28
N SER A 92 7.10 11.94 4.40
CA SER A 92 6.60 13.13 3.72
C SER A 92 5.58 13.87 4.60
N GLY A 93 5.33 13.32 5.79
CA GLY A 93 4.46 13.97 6.75
C GLY A 93 2.99 13.92 6.37
N LEU A 94 2.66 13.10 5.38
CA LEU A 94 1.28 13.00 4.92
C LEU A 94 0.62 11.74 5.49
N LEU A 95 1.38 11.00 6.27
CA LEU A 95 0.87 9.82 6.93
C LEU A 95 0.89 10.02 8.46
N LEU A 96 1.91 9.49 9.11
CA LEU A 96 2.07 9.60 10.55
C LEU A 96 3.22 8.72 11.00
N GLN A 97 3.06 7.43 10.71
CA GLN A 97 4.02 6.42 11.11
C GLN A 97 4.09 5.35 10.03
N ASN A 98 4.77 4.26 10.31
CA ASN A 98 4.85 3.16 9.37
C ASN A 98 4.00 1.97 9.86
N PRO A 99 2.76 1.89 9.38
CA PRO A 99 1.84 0.84 9.79
C PRO A 99 2.06 -0.45 8.99
N THR A 100 2.74 -0.33 7.86
CA THR A 100 3.01 -1.46 7.00
C THR A 100 4.09 -2.35 7.59
N GLU A 101 4.86 -1.80 8.52
CA GLU A 101 5.89 -2.55 9.21
C GLU A 101 5.31 -3.17 10.48
N ALA A 102 4.29 -2.52 11.02
CA ALA A 102 3.63 -2.99 12.23
C ALA A 102 2.65 -4.12 11.91
N ALA A 103 2.11 -4.08 10.71
CA ALA A 103 1.19 -5.12 10.26
C ALA A 103 1.95 -6.18 9.46
N LYS A 104 1.66 -7.44 9.74
CA LYS A 104 2.30 -8.54 9.03
C LYS A 104 1.23 -9.50 8.52
N PRO A 105 1.51 -10.22 7.41
CA PRO A 105 0.60 -11.24 6.88
C PRO A 105 0.18 -12.30 7.93
N PRO A 106 1.13 -12.89 8.70
CA PRO A 106 0.78 -13.82 9.78
C PRO A 106 0.34 -13.10 11.04
N ARG A 107 0.21 -13.83 12.14
CA ARG A 107 -0.23 -13.26 13.40
C ARG A 107 0.97 -12.69 14.15
N HIS A 108 1.72 -13.56 14.82
CA HIS A 108 2.97 -13.19 15.45
C HIS A 108 3.70 -14.43 15.96
N PRO A 109 4.67 -14.92 15.19
CA PRO A 109 5.46 -16.11 15.55
C PRO A 109 6.63 -15.78 16.45
N LEU A 110 7.67 -16.60 16.39
CA LEU A 110 8.90 -16.39 17.16
C LEU A 110 9.75 -15.27 16.53
N GLU A 111 9.10 -14.15 16.23
CA GLU A 111 9.76 -13.05 15.55
C GLU A 111 10.75 -12.33 16.46
N HIS A 112 10.25 -11.72 17.52
CA HIS A 112 11.06 -10.83 18.34
C HIS A 112 10.66 -10.93 19.82
N HIS A 113 11.36 -11.80 20.55
CA HIS A 113 11.14 -11.90 21.99
C HIS A 113 12.42 -12.33 22.71
N HIS A 114 13.26 -13.11 22.04
CA HIS A 114 14.47 -13.62 22.67
C HIS A 114 15.67 -12.76 22.34
N HIS A 115 15.71 -11.57 22.94
CA HIS A 115 16.80 -10.61 22.76
C HIS A 115 16.34 -9.27 23.30
N HIS A 116 15.13 -8.93 22.94
CA HIS A 116 14.46 -7.71 23.39
C HIS A 116 12.96 -7.92 23.22
N HIS A 117 12.16 -7.39 24.13
CA HIS A 117 10.73 -7.42 23.98
C HIS A 117 10.28 -6.18 23.20
N MET A 1 -21.30 19.54 -4.27
CA MET A 1 -20.44 18.51 -3.65
C MET A 1 -19.86 19.02 -2.34
N ILE A 2 -20.56 18.80 -1.25
CA ILE A 2 -20.08 19.22 0.05
C ILE A 2 -19.12 18.16 0.62
N GLU A 3 -17.90 18.17 0.11
CA GLU A 3 -16.88 17.21 0.51
C GLU A 3 -15.52 17.89 0.54
N PRO A 4 -15.17 18.49 1.70
CA PRO A 4 -13.96 19.29 1.84
C PRO A 4 -12.67 18.48 1.89
N SER A 5 -12.71 17.33 2.56
CA SER A 5 -11.50 16.54 2.76
C SER A 5 -11.31 15.57 1.60
N LYS A 6 -10.12 15.59 1.01
CA LYS A 6 -9.77 14.70 -0.08
C LYS A 6 -8.57 13.82 0.30
N ILE A 7 -7.61 13.73 -0.63
CA ILE A 7 -6.38 12.93 -0.48
C ILE A 7 -6.64 11.52 0.08
N THR A 8 -7.43 10.75 -0.66
CA THR A 8 -7.60 9.35 -0.34
C THR A 8 -6.52 8.54 -1.05
N VAL A 9 -6.39 7.27 -0.69
CA VAL A 9 -5.36 6.41 -1.29
C VAL A 9 -5.49 6.35 -2.82
N GLU A 10 -6.72 6.26 -3.32
CA GLU A 10 -6.95 6.16 -4.76
C GLU A 10 -6.59 7.46 -5.47
N GLN A 11 -6.98 8.59 -4.89
CA GLN A 11 -6.72 9.90 -5.48
C GLN A 11 -5.23 10.20 -5.47
N TRP A 12 -4.57 9.82 -4.39
CA TRP A 12 -3.14 10.07 -4.25
C TRP A 12 -2.35 9.14 -5.16
N LEU A 13 -2.80 7.89 -5.29
CA LEU A 13 -2.12 6.89 -6.09
C LEU A 13 -1.99 7.36 -7.54
N ASN A 14 -3.09 7.84 -8.10
CA ASN A 14 -3.08 8.33 -9.48
C ASN A 14 -2.10 9.49 -9.62
N ARG A 15 -2.11 10.40 -8.66
CA ARG A 15 -1.25 11.57 -8.71
C ARG A 15 0.22 11.17 -8.57
N TRP A 16 0.48 10.11 -7.83
CA TRP A 16 1.84 9.57 -7.70
C TRP A 16 2.37 9.18 -9.07
N LEU A 17 1.51 8.53 -9.86
CA LEU A 17 1.86 8.17 -11.23
C LEU A 17 2.03 9.41 -12.10
N THR A 18 1.04 10.30 -12.04
CA THR A 18 1.05 11.52 -12.85
C THR A 18 2.34 12.33 -12.66
N ASP A 19 2.71 12.54 -11.41
CA ASP A 19 3.82 13.41 -11.07
C ASP A 19 5.19 12.74 -11.33
N TYR A 20 5.38 11.55 -10.77
CA TYR A 20 6.68 10.90 -10.84
C TYR A 20 7.01 10.37 -12.23
N ALA A 21 6.01 9.92 -12.96
CA ALA A 21 6.22 9.44 -14.32
C ALA A 21 6.41 10.60 -15.27
N LYS A 22 5.43 11.50 -15.27
CA LYS A 22 5.45 12.71 -16.11
C LYS A 22 5.70 12.36 -17.58
N PRO A 23 4.65 11.98 -18.31
CA PRO A 23 4.75 11.60 -19.71
C PRO A 23 5.15 12.75 -20.62
N HIS A 24 6.42 12.78 -21.00
CA HIS A 24 6.93 13.79 -21.92
C HIS A 24 6.95 13.21 -23.34
N LEU A 25 7.31 11.95 -23.43
CA LEU A 25 7.50 11.29 -24.72
C LEU A 25 7.14 9.82 -24.61
N ARG A 26 7.64 9.18 -23.57
CA ARG A 26 7.49 7.74 -23.38
C ARG A 26 6.02 7.36 -23.22
N GLN A 27 5.45 6.75 -24.25
CA GLN A 27 4.05 6.36 -24.24
C GLN A 27 3.82 5.19 -23.29
N SER A 28 4.68 4.19 -23.38
CA SER A 28 4.56 3.01 -22.54
C SER A 28 5.16 3.29 -21.17
N THR A 29 4.31 3.75 -20.26
CA THR A 29 4.75 4.04 -18.90
C THR A 29 3.96 3.21 -17.90
N TRP A 30 4.55 2.10 -17.48
CA TRP A 30 3.94 1.20 -16.50
C TRP A 30 5.00 0.24 -15.99
N GLU A 31 4.98 -0.02 -14.70
CA GLU A 31 5.94 -0.91 -14.08
C GLU A 31 5.25 -1.82 -13.07
N SER A 32 6.00 -2.34 -12.12
CA SER A 32 5.46 -3.27 -11.13
C SER A 32 4.73 -2.54 -10.02
N TYR A 33 5.36 -1.48 -9.50
CA TYR A 33 4.90 -0.79 -8.30
C TYR A 33 3.43 -0.38 -8.39
N GLU A 34 3.12 0.47 -9.35
CA GLU A 34 1.79 1.03 -9.47
C GLU A 34 0.77 -0.08 -9.70
N THR A 35 1.10 -0.99 -10.61
CA THR A 35 0.20 -2.06 -11.00
C THR A 35 -0.25 -2.91 -9.81
N VAL A 36 0.70 -3.42 -9.04
CA VAL A 36 0.36 -4.27 -7.90
C VAL A 36 -0.33 -3.47 -6.80
N LEU A 37 0.15 -2.25 -6.58
CA LEU A 37 -0.37 -1.41 -5.52
C LEU A 37 -1.82 -1.02 -5.79
N ARG A 38 -2.07 -0.43 -6.95
CA ARG A 38 -3.41 0.04 -7.31
C ARG A 38 -4.40 -1.12 -7.34
N LEU A 39 -3.95 -2.27 -7.82
CA LEU A 39 -4.80 -3.44 -7.99
C LEU A 39 -5.35 -3.93 -6.66
N HIS A 40 -4.51 -3.96 -5.64
CA HIS A 40 -4.89 -4.59 -4.38
C HIS A 40 -5.50 -3.61 -3.38
N VAL A 41 -4.89 -2.45 -3.18
CA VAL A 41 -5.29 -1.58 -2.08
C VAL A 41 -6.35 -0.54 -2.51
N ILE A 42 -6.31 -0.09 -3.75
CA ILE A 42 -7.18 1.01 -4.21
C ILE A 42 -8.67 0.65 -4.16
N PRO A 43 -9.11 -0.52 -4.69
CA PRO A 43 -10.54 -0.87 -4.74
C PRO A 43 -11.24 -0.80 -3.38
N THR A 44 -10.55 -1.21 -2.33
CA THR A 44 -11.18 -1.29 -1.02
C THR A 44 -10.70 -0.19 -0.06
N LEU A 45 -9.38 -0.02 0.08
CA LEU A 45 -8.84 0.95 1.02
C LEU A 45 -8.54 2.28 0.34
N GLY A 46 -8.63 2.30 -0.98
CA GLY A 46 -8.30 3.50 -1.75
C GLY A 46 -9.22 4.67 -1.44
N SER A 47 -10.46 4.38 -1.10
CA SER A 47 -11.45 5.41 -0.83
C SER A 47 -11.29 5.97 0.58
N ILE A 48 -10.26 5.51 1.28
CA ILE A 48 -9.97 6.00 2.62
C ILE A 48 -8.80 6.98 2.55
N PRO A 49 -8.94 8.16 3.20
CA PRO A 49 -7.86 9.15 3.26
C PRO A 49 -6.60 8.56 3.87
N LEU A 50 -5.44 8.99 3.36
CA LEU A 50 -4.15 8.44 3.78
C LEU A 50 -3.97 8.49 5.30
N LYS A 51 -4.42 9.57 5.92
CA LYS A 51 -4.18 9.78 7.34
C LYS A 51 -5.17 8.99 8.20
N LYS A 52 -6.10 8.29 7.54
CA LYS A 52 -7.09 7.50 8.25
C LYS A 52 -6.75 6.01 8.10
N LEU A 53 -5.71 5.75 7.33
CA LEU A 53 -5.29 4.39 7.01
C LEU A 53 -4.72 3.71 8.25
N GLN A 54 -5.20 2.50 8.53
CA GLN A 54 -4.75 1.72 9.67
C GLN A 54 -4.12 0.41 9.21
N PRO A 55 -3.07 -0.05 9.91
CA PRO A 55 -2.35 -1.28 9.57
C PRO A 55 -3.24 -2.53 9.70
N ALA A 56 -4.27 -2.43 10.52
CA ALA A 56 -5.20 -3.54 10.73
C ALA A 56 -5.88 -3.93 9.42
N ASP A 57 -6.30 -2.94 8.65
CA ASP A 57 -6.95 -3.18 7.37
C ASP A 57 -5.95 -3.65 6.33
N ILE A 58 -4.71 -3.20 6.47
CA ILE A 58 -3.64 -3.66 5.60
C ILE A 58 -3.41 -5.16 5.77
N GLN A 59 -3.34 -5.58 7.03
CA GLN A 59 -3.16 -6.98 7.36
C GLN A 59 -4.36 -7.80 6.90
N ARG A 60 -5.55 -7.21 7.02
CA ARG A 60 -6.78 -7.85 6.55
C ARG A 60 -6.76 -8.00 5.03
N LEU A 61 -6.20 -7.01 4.35
CA LEU A 61 -6.05 -7.04 2.91
C LEU A 61 -5.20 -8.25 2.52
N TYR A 62 -4.10 -8.45 3.22
CA TYR A 62 -3.22 -9.59 2.97
C TYR A 62 -3.97 -10.90 3.17
N ALA A 63 -4.66 -11.00 4.31
CA ALA A 63 -5.39 -12.22 4.65
C ALA A 63 -6.48 -12.52 3.63
N SER A 64 -7.24 -11.50 3.27
CA SER A 64 -8.34 -11.66 2.34
C SER A 64 -7.82 -12.04 0.95
N LYS A 65 -6.72 -11.44 0.54
CA LYS A 65 -6.16 -11.72 -0.78
C LYS A 65 -5.38 -13.03 -0.79
N LEU A 66 -4.95 -13.48 0.37
CA LEU A 66 -4.29 -14.78 0.48
C LEU A 66 -5.31 -15.87 0.18
N GLU A 67 -6.54 -15.64 0.63
CA GLU A 67 -7.65 -16.54 0.34
C GLU A 67 -7.98 -16.55 -1.15
N SER A 68 -7.60 -15.49 -1.84
CA SER A 68 -7.82 -15.39 -3.29
C SER A 68 -6.87 -16.32 -4.04
N GLY A 69 -5.79 -16.70 -3.38
CA GLY A 69 -4.85 -17.62 -3.98
C GLY A 69 -3.57 -16.95 -4.43
N LEU A 70 -2.98 -16.15 -3.56
CA LEU A 70 -1.69 -15.52 -3.83
C LEU A 70 -0.57 -16.30 -3.18
N SER A 71 0.54 -16.43 -3.89
CA SER A 71 1.71 -17.12 -3.36
C SER A 71 2.39 -16.27 -2.29
N PRO A 72 2.97 -16.91 -1.25
CA PRO A 72 3.65 -16.21 -0.15
C PRO A 72 4.66 -15.17 -0.64
N THR A 73 5.44 -15.53 -1.64
CA THR A 73 6.43 -14.63 -2.21
C THR A 73 5.77 -13.45 -2.93
N ARG A 74 4.60 -13.70 -3.51
CA ARG A 74 3.87 -12.66 -4.22
C ARG A 74 3.25 -11.68 -3.22
N VAL A 75 2.72 -12.22 -2.13
CA VAL A 75 2.17 -11.40 -1.04
C VAL A 75 3.29 -10.63 -0.38
N ARG A 76 4.46 -11.26 -0.28
CA ARG A 76 5.65 -10.62 0.26
C ARG A 76 5.98 -9.36 -0.51
N TYR A 77 5.95 -9.45 -1.83
CA TYR A 77 6.24 -8.31 -2.69
C TYR A 77 5.23 -7.19 -2.43
N ILE A 78 3.96 -7.55 -2.29
CA ILE A 78 2.92 -6.57 -1.97
C ILE A 78 3.25 -5.84 -0.67
N HIS A 79 3.74 -6.59 0.31
CA HIS A 79 4.14 -6.01 1.59
C HIS A 79 5.33 -5.07 1.40
N VAL A 80 6.25 -5.47 0.54
CA VAL A 80 7.45 -4.69 0.26
C VAL A 80 7.11 -3.41 -0.49
N VAL A 81 6.40 -3.55 -1.61
CA VAL A 81 6.08 -2.40 -2.46
C VAL A 81 5.21 -1.39 -1.70
N LEU A 82 4.30 -1.89 -0.87
CA LEU A 82 3.45 -1.02 -0.07
C LEU A 82 4.29 -0.26 0.96
N HIS A 83 5.26 -0.94 1.55
CA HIS A 83 6.16 -0.31 2.51
C HIS A 83 7.08 0.68 1.81
N GLU A 84 7.60 0.27 0.66
CA GLU A 84 8.56 1.06 -0.08
C GLU A 84 7.93 2.34 -0.65
N ALA A 85 6.72 2.22 -1.18
CA ALA A 85 6.06 3.37 -1.77
C ALA A 85 5.47 4.28 -0.70
N MET A 86 4.84 3.69 0.31
CA MET A 86 4.16 4.47 1.34
C MET A 86 5.11 4.97 2.42
N SER A 87 6.41 4.73 2.25
CA SER A 87 7.38 5.27 3.18
C SER A 87 7.39 6.79 3.06
N GLN A 88 7.18 7.24 1.83
CA GLN A 88 7.14 8.66 1.51
C GLN A 88 6.09 9.38 2.34
N ALA A 89 4.97 8.71 2.59
CA ALA A 89 3.88 9.28 3.38
C ALA A 89 4.36 9.59 4.81
N ARG A 90 5.02 8.62 5.42
CA ARG A 90 5.58 8.80 6.75
C ARG A 90 6.73 9.80 6.74
N GLU A 91 7.61 9.67 5.75
CA GLU A 91 8.80 10.51 5.66
C GLU A 91 8.44 11.97 5.39
N SER A 92 7.33 12.19 4.69
CA SER A 92 6.87 13.55 4.42
C SER A 92 6.04 14.08 5.59
N GLY A 93 5.83 13.21 6.58
CA GLY A 93 5.14 13.62 7.79
C GLY A 93 3.64 13.70 7.63
N LEU A 94 3.13 13.20 6.51
CA LEU A 94 1.69 13.23 6.28
C LEU A 94 1.03 12.02 6.92
N LEU A 95 1.85 11.02 7.26
CA LEU A 95 1.39 9.89 8.05
C LEU A 95 2.07 9.91 9.40
N LEU A 96 1.31 9.63 10.45
CA LEU A 96 1.83 9.63 11.82
C LEU A 96 2.98 8.65 11.98
N GLN A 97 2.74 7.41 11.62
CA GLN A 97 3.71 6.35 11.83
C GLN A 97 3.77 5.43 10.62
N ASN A 98 4.47 4.32 10.75
CA ASN A 98 4.65 3.38 9.65
C ASN A 98 3.76 2.15 9.82
N PRO A 99 2.56 2.17 9.19
CA PRO A 99 1.59 1.08 9.30
C PRO A 99 1.96 -0.13 8.45
N THR A 100 2.77 0.12 7.43
CA THR A 100 3.16 -0.92 6.50
C THR A 100 4.15 -1.91 7.15
N GLU A 101 4.80 -1.46 8.21
CA GLU A 101 5.71 -2.31 8.95
C GLU A 101 4.96 -3.00 10.10
N ALA A 102 3.89 -2.37 10.55
CA ALA A 102 3.08 -2.89 11.64
C ALA A 102 2.22 -4.06 11.16
N ALA A 103 1.94 -4.09 9.86
CA ALA A 103 1.11 -5.13 9.28
C ALA A 103 1.97 -6.33 8.92
N LYS A 104 1.71 -7.44 9.59
CA LYS A 104 2.55 -8.63 9.47
C LYS A 104 1.80 -9.73 8.75
N PRO A 105 2.53 -10.56 7.97
CA PRO A 105 1.93 -11.66 7.19
C PRO A 105 1.17 -12.66 8.09
N PRO A 106 0.02 -13.14 7.61
CA PRO A 106 -0.84 -14.08 8.36
C PRO A 106 -0.27 -15.50 8.40
N ARG A 107 1.03 -15.63 8.15
CA ARG A 107 1.71 -16.92 8.16
C ARG A 107 1.70 -17.52 9.56
N HIS A 108 1.65 -16.65 10.57
CA HIS A 108 1.69 -17.07 11.97
C HIS A 108 2.99 -17.80 12.30
N PRO A 109 4.09 -17.04 12.44
CA PRO A 109 5.37 -17.61 12.83
C PRO A 109 5.37 -17.97 14.32
N LEU A 110 5.99 -19.08 14.64
CA LEU A 110 6.01 -19.56 16.02
C LEU A 110 7.26 -19.07 16.73
N GLU A 111 8.29 -18.75 15.95
CA GLU A 111 9.52 -18.22 16.50
C GLU A 111 9.73 -16.79 16.03
N HIS A 112 9.48 -15.85 16.93
CA HIS A 112 9.57 -14.43 16.61
C HIS A 112 9.54 -13.62 17.91
N HIS A 113 8.46 -13.77 18.64
CA HIS A 113 8.25 -13.09 19.92
C HIS A 113 6.88 -13.48 20.45
N HIS A 114 6.84 -14.29 21.49
CA HIS A 114 5.58 -14.84 21.96
C HIS A 114 4.85 -13.86 22.88
N HIS A 115 4.63 -12.66 22.35
CA HIS A 115 3.87 -11.64 23.05
C HIS A 115 3.13 -10.78 22.04
N HIS A 116 1.84 -11.00 21.92
CA HIS A 116 1.01 -10.21 21.02
C HIS A 116 0.14 -9.27 21.83
N HIS A 117 -0.41 -9.81 22.92
CA HIS A 117 -1.18 -9.04 23.86
C HIS A 117 -1.59 -9.93 25.03
N MET A 1 -4.66 24.99 -3.14
CA MET A 1 -4.70 23.76 -2.31
C MET A 1 -6.06 23.57 -1.65
N ILE A 2 -6.67 24.67 -1.21
CA ILE A 2 -7.90 24.59 -0.42
C ILE A 2 -9.07 23.99 -1.22
N GLU A 3 -9.44 22.78 -0.81
CA GLU A 3 -10.59 22.06 -1.34
C GLU A 3 -10.59 20.68 -0.70
N PRO A 4 -11.45 20.46 0.31
CA PRO A 4 -11.51 19.20 1.04
C PRO A 4 -11.49 18.00 0.11
N SER A 5 -12.53 17.91 -0.74
CA SER A 5 -12.60 16.89 -1.77
C SER A 5 -12.49 15.49 -1.16
N LYS A 6 -12.18 14.51 -1.99
CA LYS A 6 -11.91 13.18 -1.51
C LYS A 6 -10.47 12.81 -1.80
N ILE A 7 -9.55 13.52 -1.16
CA ILE A 7 -8.12 13.29 -1.36
C ILE A 7 -7.68 11.99 -0.68
N THR A 8 -7.98 10.89 -1.34
CA THR A 8 -7.69 9.57 -0.82
C THR A 8 -6.35 9.07 -1.35
N VAL A 9 -5.98 7.87 -0.93
CA VAL A 9 -4.72 7.27 -1.31
C VAL A 9 -4.69 6.93 -2.79
N GLU A 10 -5.84 6.50 -3.31
CA GLU A 10 -5.94 6.09 -4.71
C GLU A 10 -5.59 7.25 -5.64
N GLN A 11 -6.09 8.44 -5.31
CA GLN A 11 -5.89 9.60 -6.16
C GLN A 11 -4.47 10.14 -6.01
N TRP A 12 -3.96 10.15 -4.78
CA TRP A 12 -2.63 10.65 -4.51
C TRP A 12 -1.59 9.80 -5.23
N LEU A 13 -1.66 8.49 -5.02
CA LEU A 13 -0.71 7.56 -5.62
C LEU A 13 -0.73 7.68 -7.14
N ASN A 14 -1.90 7.57 -7.74
CA ASN A 14 -2.01 7.54 -9.20
C ASN A 14 -1.46 8.84 -9.82
N ARG A 15 -1.72 9.96 -9.17
CA ARG A 15 -1.23 11.24 -9.67
C ARG A 15 0.29 11.35 -9.46
N TRP A 16 0.70 11.15 -8.22
CA TRP A 16 2.09 11.33 -7.84
C TRP A 16 3.00 10.40 -8.63
N LEU A 17 2.61 9.14 -8.75
CA LEU A 17 3.38 8.14 -9.50
C LEU A 17 3.60 8.59 -10.94
N THR A 18 2.55 9.12 -11.55
CA THR A 18 2.63 9.60 -12.92
C THR A 18 3.60 10.78 -13.02
N ASP A 19 3.74 11.51 -11.91
CA ASP A 19 4.58 12.69 -11.89
C ASP A 19 6.05 12.36 -11.59
N TYR A 20 6.31 11.72 -10.45
CA TYR A 20 7.69 11.55 -9.99
C TYR A 20 8.30 10.22 -10.43
N ALA A 21 7.45 9.22 -10.69
CA ALA A 21 7.95 7.89 -11.01
C ALA A 21 8.13 7.69 -12.50
N LYS A 22 7.90 8.76 -13.26
CA LYS A 22 8.11 8.74 -14.70
C LYS A 22 9.03 9.88 -15.10
N PRO A 23 10.34 9.69 -14.91
CA PRO A 23 11.33 10.74 -15.19
C PRO A 23 11.67 10.87 -16.67
N HIS A 24 12.30 11.98 -17.03
CA HIS A 24 12.71 12.23 -18.40
C HIS A 24 14.09 11.62 -18.65
N LEU A 25 14.84 11.44 -17.57
CA LEU A 25 16.15 10.81 -17.65
C LEU A 25 16.02 9.32 -17.44
N ARG A 26 16.18 8.55 -18.53
CA ARG A 26 16.00 7.10 -18.51
C ARG A 26 14.53 6.77 -18.30
N GLN A 27 13.87 6.32 -19.37
CA GLN A 27 12.45 6.03 -19.33
C GLN A 27 12.14 4.99 -18.26
N SER A 28 11.12 5.27 -17.45
CA SER A 28 10.73 4.37 -16.37
C SER A 28 10.02 3.16 -16.95
N THR A 29 10.55 1.98 -16.65
CA THR A 29 9.96 0.73 -17.11
C THR A 29 9.33 0.00 -15.94
N TRP A 30 8.78 -1.19 -16.21
CA TRP A 30 8.07 -1.99 -15.22
C TRP A 30 6.83 -1.24 -14.69
N GLU A 31 5.69 -1.50 -15.31
CA GLU A 31 4.44 -0.87 -14.89
C GLU A 31 3.74 -1.73 -13.85
N SER A 32 4.44 -2.78 -13.42
CA SER A 32 3.91 -3.70 -12.42
C SER A 32 3.52 -2.96 -11.14
N TYR A 33 4.25 -1.90 -10.81
CA TYR A 33 3.94 -1.09 -9.64
C TYR A 33 2.52 -0.52 -9.73
N GLU A 34 2.21 0.08 -10.88
CA GLU A 34 0.88 0.64 -11.11
C GLU A 34 -0.17 -0.46 -11.07
N THR A 35 0.12 -1.55 -11.77
CA THR A 35 -0.82 -2.65 -11.91
C THR A 35 -1.22 -3.22 -10.55
N VAL A 36 -0.26 -3.74 -9.80
CA VAL A 36 -0.54 -4.42 -8.54
C VAL A 36 -1.18 -3.47 -7.53
N LEU A 37 -0.76 -2.21 -7.58
CA LEU A 37 -1.24 -1.19 -6.66
C LEU A 37 -2.75 -0.99 -6.83
N ARG A 38 -3.14 -0.44 -7.98
CA ARG A 38 -4.54 -0.08 -8.17
C ARG A 38 -5.45 -1.31 -8.14
N LEU A 39 -5.01 -2.40 -8.77
CA LEU A 39 -5.80 -3.62 -8.85
C LEU A 39 -6.12 -4.18 -7.46
N HIS A 40 -5.17 -4.11 -6.55
CA HIS A 40 -5.32 -4.73 -5.24
C HIS A 40 -5.72 -3.74 -4.15
N VAL A 41 -4.92 -2.70 -3.97
CA VAL A 41 -5.02 -1.86 -2.79
C VAL A 41 -5.82 -0.58 -3.02
N ILE A 42 -6.12 -0.24 -4.26
CA ILE A 42 -6.85 1.00 -4.52
C ILE A 42 -8.33 0.91 -4.10
N PRO A 43 -9.06 -0.15 -4.49
CA PRO A 43 -10.47 -0.30 -4.10
C PRO A 43 -10.65 -0.64 -2.61
N THR A 44 -9.55 -0.96 -1.96
CA THR A 44 -9.58 -1.37 -0.56
C THR A 44 -9.03 -0.28 0.36
N LEU A 45 -7.73 -0.03 0.26
CA LEU A 45 -7.06 0.91 1.16
C LEU A 45 -6.99 2.29 0.53
N GLY A 46 -7.04 2.34 -0.79
CA GLY A 46 -6.94 3.60 -1.50
C GLY A 46 -8.11 4.53 -1.22
N SER A 47 -9.22 3.97 -0.79
CA SER A 47 -10.41 4.75 -0.49
C SER A 47 -10.41 5.19 0.99
N ILE A 48 -9.34 4.84 1.68
CA ILE A 48 -9.21 5.18 3.10
C ILE A 48 -8.31 6.40 3.27
N PRO A 49 -8.76 7.42 4.02
CA PRO A 49 -7.96 8.60 4.32
C PRO A 49 -6.64 8.25 5.02
N LEU A 50 -5.60 9.00 4.69
CA LEU A 50 -4.26 8.75 5.23
C LEU A 50 -4.26 8.80 6.76
N LYS A 51 -5.09 9.66 7.33
CA LYS A 51 -5.13 9.82 8.78
C LYS A 51 -6.08 8.82 9.43
N LYS A 52 -6.62 7.91 8.62
CA LYS A 52 -7.54 6.89 9.11
C LYS A 52 -6.93 5.49 8.95
N LEU A 53 -6.11 5.34 7.92
CA LEU A 53 -5.51 4.06 7.54
C LEU A 53 -4.88 3.36 8.75
N GLN A 54 -5.38 2.17 9.05
CA GLN A 54 -4.89 1.38 10.18
C GLN A 54 -3.92 0.31 9.70
N PRO A 55 -3.03 -0.16 10.58
CA PRO A 55 -2.18 -1.32 10.28
C PRO A 55 -3.04 -2.56 10.05
N ALA A 56 -4.20 -2.57 10.69
CA ALA A 56 -5.14 -3.68 10.57
C ALA A 56 -5.71 -3.75 9.16
N ASP A 57 -5.92 -2.59 8.55
CA ASP A 57 -6.41 -2.53 7.17
C ASP A 57 -5.41 -3.19 6.23
N ILE A 58 -4.15 -2.84 6.40
CA ILE A 58 -3.08 -3.40 5.58
C ILE A 58 -2.96 -4.91 5.81
N GLN A 59 -3.02 -5.31 7.08
CA GLN A 59 -2.97 -6.72 7.44
C GLN A 59 -4.16 -7.47 6.83
N ARG A 60 -5.34 -6.85 6.89
CA ARG A 60 -6.54 -7.44 6.33
C ARG A 60 -6.43 -7.59 4.81
N LEU A 61 -5.78 -6.62 4.18
CA LEU A 61 -5.57 -6.66 2.73
C LEU A 61 -4.84 -7.95 2.36
N TYR A 62 -3.76 -8.24 3.07
CA TYR A 62 -2.98 -9.44 2.80
C TYR A 62 -3.78 -10.69 3.16
N ALA A 63 -4.43 -10.65 4.32
CA ALA A 63 -5.20 -11.79 4.82
C ALA A 63 -6.34 -12.16 3.87
N SER A 64 -7.11 -11.15 3.46
CA SER A 64 -8.27 -11.37 2.62
C SER A 64 -7.87 -11.88 1.23
N LYS A 65 -6.72 -11.42 0.74
CA LYS A 65 -6.23 -11.84 -0.56
C LYS A 65 -5.52 -13.18 -0.47
N LEU A 66 -4.95 -13.48 0.69
CA LEU A 66 -4.33 -14.78 0.92
C LEU A 66 -5.40 -15.86 0.90
N GLU A 67 -6.60 -15.49 1.36
CA GLU A 67 -7.77 -16.36 1.30
C GLU A 67 -8.14 -16.69 -0.15
N SER A 68 -7.76 -15.82 -1.07
CA SER A 68 -8.08 -16.02 -2.47
C SER A 68 -7.09 -17.02 -3.10
N GLY A 69 -6.00 -17.28 -2.40
CA GLY A 69 -5.04 -18.25 -2.86
C GLY A 69 -3.81 -17.60 -3.47
N LEU A 70 -3.16 -16.73 -2.71
CA LEU A 70 -1.95 -16.07 -3.18
C LEU A 70 -0.70 -16.74 -2.64
N SER A 71 0.26 -16.94 -3.54
CA SER A 71 1.57 -17.44 -3.17
C SER A 71 2.32 -16.41 -2.33
N PRO A 72 3.12 -16.86 -1.35
CA PRO A 72 3.91 -15.99 -0.47
C PRO A 72 4.74 -14.96 -1.25
N THR A 73 5.19 -15.33 -2.45
CA THR A 73 5.99 -14.44 -3.27
C THR A 73 5.14 -13.30 -3.84
N ARG A 74 3.91 -13.62 -4.22
CA ARG A 74 2.97 -12.61 -4.72
C ARG A 74 2.63 -11.64 -3.59
N VAL A 75 2.34 -12.20 -2.42
CA VAL A 75 2.04 -11.40 -1.24
C VAL A 75 3.25 -10.55 -0.86
N ARG A 76 4.44 -11.09 -1.07
CA ARG A 76 5.68 -10.41 -0.73
C ARG A 76 5.91 -9.19 -1.62
N TYR A 77 5.51 -9.28 -2.88
CA TYR A 77 5.65 -8.17 -3.80
C TYR A 77 4.73 -7.03 -3.39
N ILE A 78 3.48 -7.37 -3.10
CA ILE A 78 2.51 -6.40 -2.59
C ILE A 78 2.96 -5.89 -1.23
N HIS A 79 3.64 -6.76 -0.50
CA HIS A 79 4.18 -6.44 0.81
C HIS A 79 5.22 -5.32 0.70
N VAL A 80 6.21 -5.51 -0.16
CA VAL A 80 7.30 -4.56 -0.30
C VAL A 80 6.83 -3.24 -0.93
N VAL A 81 5.98 -3.33 -1.95
CA VAL A 81 5.53 -2.13 -2.66
C VAL A 81 4.66 -1.25 -1.76
N LEU A 82 3.77 -1.87 -1.00
CA LEU A 82 2.86 -1.13 -0.13
C LEU A 82 3.61 -0.54 1.06
N HIS A 83 4.55 -1.30 1.59
CA HIS A 83 5.31 -0.87 2.77
C HIS A 83 6.22 0.31 2.43
N GLU A 84 6.86 0.24 1.28
CA GLU A 84 7.82 1.26 0.89
C GLU A 84 7.12 2.55 0.47
N ALA A 85 6.06 2.41 -0.32
CA ALA A 85 5.38 3.58 -0.88
C ALA A 85 4.75 4.45 0.21
N MET A 86 4.17 3.82 1.22
CA MET A 86 3.54 4.55 2.32
C MET A 86 4.58 5.21 3.22
N SER A 87 5.79 4.67 3.22
CA SER A 87 6.87 5.26 4.00
C SER A 87 7.25 6.63 3.43
N GLN A 88 6.95 6.83 2.15
CA GLN A 88 7.17 8.11 1.49
C GLN A 88 6.20 9.15 2.04
N ALA A 89 4.97 8.72 2.31
CA ALA A 89 3.95 9.59 2.89
C ALA A 89 4.37 10.04 4.30
N ARG A 90 5.02 9.12 5.02
CA ARG A 90 5.57 9.41 6.33
C ARG A 90 6.53 10.60 6.27
N GLU A 91 7.50 10.52 5.37
CA GLU A 91 8.53 11.56 5.26
C GLU A 91 7.98 12.85 4.67
N SER A 92 6.80 12.76 4.04
CA SER A 92 6.17 13.93 3.43
C SER A 92 5.26 14.64 4.43
N GLY A 93 5.05 14.02 5.59
CA GLY A 93 4.20 14.61 6.61
C GLY A 93 2.73 14.28 6.42
N LEU A 94 2.45 13.43 5.45
CA LEU A 94 1.08 13.04 5.15
C LEU A 94 0.64 11.89 6.06
N LEU A 95 1.62 11.10 6.49
CA LEU A 95 1.37 9.99 7.38
C LEU A 95 2.17 10.19 8.66
N LEU A 96 1.49 10.07 9.81
CA LEU A 96 2.11 10.40 11.10
C LEU A 96 2.89 9.21 11.65
N GLN A 97 2.51 8.00 11.26
CA GLN A 97 3.14 6.79 11.76
C GLN A 97 3.45 5.85 10.60
N ASN A 98 4.04 4.71 10.90
CA ASN A 98 4.24 3.70 9.87
C ASN A 98 3.38 2.47 10.18
N PRO A 99 2.18 2.41 9.59
CA PRO A 99 1.26 1.30 9.76
C PRO A 99 1.68 0.12 8.91
N THR A 100 2.60 0.38 8.00
CA THR A 100 3.12 -0.62 7.09
C THR A 100 3.91 -1.67 7.85
N GLU A 101 4.96 -1.24 8.55
CA GLU A 101 5.80 -2.16 9.30
C GLU A 101 5.07 -2.67 10.54
N ALA A 102 3.99 -1.99 10.90
CA ALA A 102 3.15 -2.41 12.00
C ALA A 102 2.17 -3.50 11.55
N ALA A 103 2.04 -3.65 10.23
CA ALA A 103 1.17 -4.67 9.65
C ALA A 103 1.98 -5.91 9.28
N LYS A 104 1.97 -6.89 10.16
CA LYS A 104 2.70 -8.13 9.93
C LYS A 104 1.74 -9.31 9.90
N PRO A 105 1.82 -10.15 8.85
CA PRO A 105 1.03 -11.38 8.76
C PRO A 105 1.16 -12.30 9.99
N PRO A 106 2.40 -12.60 10.49
CA PRO A 106 2.56 -13.39 11.71
C PRO A 106 1.99 -12.68 12.94
N ARG A 107 0.81 -13.12 13.35
CA ARG A 107 0.10 -12.49 14.44
C ARG A 107 0.36 -13.20 15.76
N HIS A 108 0.61 -12.41 16.81
CA HIS A 108 0.74 -12.94 18.15
C HIS A 108 -0.28 -12.28 19.06
N PRO A 109 -1.36 -13.01 19.41
CA PRO A 109 -2.43 -12.50 20.26
C PRO A 109 -1.93 -12.07 21.65
N LEU A 110 -1.71 -13.03 22.53
CA LEU A 110 -1.21 -12.75 23.86
C LEU A 110 0.23 -13.23 23.98
N GLU A 111 1.17 -12.32 23.70
CA GLU A 111 2.58 -12.65 23.76
C GLU A 111 3.25 -11.83 24.84
N HIS A 112 3.59 -10.58 24.49
CA HIS A 112 4.20 -9.61 25.42
C HIS A 112 5.28 -10.27 26.28
N HIS A 113 6.47 -10.43 25.71
CA HIS A 113 7.55 -11.15 26.37
C HIS A 113 8.01 -10.47 27.65
N HIS A 114 7.41 -10.90 28.76
CA HIS A 114 7.79 -10.45 30.09
C HIS A 114 6.84 -11.04 31.12
N HIS A 115 5.75 -11.64 30.66
CA HIS A 115 4.79 -12.28 31.55
C HIS A 115 5.39 -13.53 32.17
N HIS A 116 5.47 -14.60 31.38
CA HIS A 116 6.01 -15.88 31.84
C HIS A 116 5.17 -16.46 32.98
N HIS A 117 5.57 -17.63 33.46
CA HIS A 117 4.91 -18.27 34.58
C HIS A 117 5.73 -19.47 35.05
N MET A 1 -20.65 21.24 5.10
CA MET A 1 -20.64 19.87 5.64
C MET A 1 -19.25 19.53 6.19
N ILE A 2 -19.19 18.52 7.04
CA ILE A 2 -17.92 18.03 7.56
C ILE A 2 -17.18 17.24 6.47
N GLU A 3 -15.86 17.37 6.46
CA GLU A 3 -15.00 16.72 5.46
C GLU A 3 -15.28 17.27 4.05
N PRO A 4 -14.73 18.45 3.75
CA PRO A 4 -14.83 19.05 2.43
C PRO A 4 -13.59 18.78 1.57
N SER A 5 -12.65 18.03 2.13
CA SER A 5 -11.41 17.73 1.43
C SER A 5 -11.45 16.35 0.81
N LYS A 6 -11.66 15.32 1.63
CA LYS A 6 -11.67 13.93 1.19
C LYS A 6 -10.35 13.57 0.52
N ILE A 7 -9.34 13.31 1.34
CA ILE A 7 -8.03 12.94 0.83
C ILE A 7 -7.86 11.42 0.88
N THR A 8 -8.31 10.74 -0.17
CA THR A 8 -8.19 9.30 -0.26
C THR A 8 -6.83 8.90 -0.85
N VAL A 9 -6.54 7.59 -0.81
CA VAL A 9 -5.25 7.08 -1.24
C VAL A 9 -4.92 7.49 -2.66
N GLU A 10 -5.80 7.19 -3.60
CA GLU A 10 -5.51 7.40 -5.02
C GLU A 10 -5.46 8.89 -5.38
N GLN A 11 -6.08 9.74 -4.56
CA GLN A 11 -6.02 11.18 -4.78
C GLN A 11 -4.58 11.67 -4.70
N TRP A 12 -3.89 11.26 -3.64
CA TRP A 12 -2.49 11.63 -3.46
C TRP A 12 -1.61 10.79 -4.37
N LEU A 13 -1.91 9.49 -4.42
CA LEU A 13 -1.10 8.53 -5.15
C LEU A 13 -1.00 8.87 -6.63
N ASN A 14 -2.15 9.13 -7.26
CA ASN A 14 -2.17 9.44 -8.69
C ASN A 14 -1.38 10.71 -8.97
N ARG A 15 -1.61 11.73 -8.16
CA ARG A 15 -0.92 13.01 -8.33
C ARG A 15 0.58 12.85 -8.14
N TRP A 16 0.97 12.23 -7.03
CA TRP A 16 2.37 12.04 -6.70
C TRP A 16 3.09 11.28 -7.81
N LEU A 17 2.49 10.18 -8.24
CA LEU A 17 3.06 9.35 -9.30
C LEU A 17 3.20 10.15 -10.60
N THR A 18 2.12 10.74 -11.06
CA THR A 18 2.08 11.41 -12.36
C THR A 18 2.98 12.65 -12.37
N ASP A 19 2.93 13.43 -11.31
CA ASP A 19 3.63 14.72 -11.25
C ASP A 19 5.13 14.52 -11.03
N TYR A 20 5.49 13.62 -10.13
CA TYR A 20 6.88 13.47 -9.73
C TYR A 20 7.69 12.56 -10.67
N ALA A 21 7.02 11.59 -11.29
CA ALA A 21 7.71 10.68 -12.21
C ALA A 21 8.19 11.44 -13.44
N LYS A 22 7.28 12.22 -14.01
CA LYS A 22 7.56 13.01 -15.23
C LYS A 22 7.66 12.10 -16.46
N PRO A 23 7.00 12.48 -17.55
CA PRO A 23 7.02 11.73 -18.82
C PRO A 23 8.37 11.89 -19.55
N HIS A 24 9.44 11.85 -18.78
CA HIS A 24 10.78 12.06 -19.30
C HIS A 24 11.78 11.21 -18.50
N LEU A 25 12.02 10.00 -18.97
CA LEU A 25 12.94 9.09 -18.30
C LEU A 25 13.55 8.13 -19.31
N ARG A 26 14.81 7.77 -19.07
CA ARG A 26 15.49 6.79 -19.89
C ARG A 26 15.13 5.39 -19.40
N GLN A 27 14.40 4.64 -20.24
CA GLN A 27 13.94 3.30 -19.88
C GLN A 27 12.98 3.36 -18.69
N SER A 28 12.91 2.24 -17.96
CA SER A 28 12.08 2.13 -16.76
C SER A 28 10.60 2.07 -17.14
N THR A 29 10.32 1.73 -18.39
CA THR A 29 8.95 1.58 -18.85
C THR A 29 8.39 0.24 -18.40
N TRP A 30 9.25 -0.77 -18.40
CA TRP A 30 8.87 -2.09 -17.92
C TRP A 30 9.09 -2.19 -16.41
N GLU A 31 8.02 -2.01 -15.66
CA GLU A 31 8.09 -2.08 -14.21
C GLU A 31 6.82 -2.73 -13.65
N SER A 32 7.01 -3.61 -12.69
CA SER A 32 5.94 -4.50 -12.25
C SER A 32 5.15 -3.93 -11.07
N TYR A 33 5.77 -3.07 -10.27
CA TYR A 33 5.15 -2.61 -9.02
C TYR A 33 3.88 -1.80 -9.30
N GLU A 34 3.82 -1.15 -10.46
CA GLU A 34 2.68 -0.35 -10.83
C GLU A 34 1.42 -1.21 -10.90
N THR A 35 1.57 -2.40 -11.45
CA THR A 35 0.44 -3.31 -11.64
C THR A 35 -0.02 -3.89 -10.31
N VAL A 36 0.92 -4.48 -9.56
CA VAL A 36 0.59 -5.20 -8.34
C VAL A 36 -0.02 -4.26 -7.29
N LEU A 37 0.47 -3.03 -7.24
CA LEU A 37 0.05 -2.07 -6.23
C LEU A 37 -1.42 -1.71 -6.41
N ARG A 38 -1.74 -1.05 -7.51
CA ARG A 38 -3.11 -0.58 -7.75
C ARG A 38 -4.10 -1.74 -7.72
N LEU A 39 -3.68 -2.88 -8.26
CA LEU A 39 -4.56 -4.04 -8.37
C LEU A 39 -5.01 -4.54 -7.00
N HIS A 40 -4.11 -4.50 -6.02
CA HIS A 40 -4.42 -5.08 -4.72
C HIS A 40 -4.83 -4.04 -3.68
N VAL A 41 -4.07 -2.97 -3.55
CA VAL A 41 -4.26 -2.05 -2.43
C VAL A 41 -5.35 -1.01 -2.69
N ILE A 42 -5.63 -0.70 -3.95
CA ILE A 42 -6.65 0.29 -4.28
C ILE A 42 -8.08 -0.23 -3.98
N PRO A 43 -8.46 -1.44 -4.46
CA PRO A 43 -9.82 -1.95 -4.26
C PRO A 43 -10.15 -2.27 -2.80
N THR A 44 -9.15 -2.24 -1.93
CA THR A 44 -9.38 -2.56 -0.52
C THR A 44 -9.44 -1.30 0.34
N LEU A 45 -8.40 -0.47 0.30
CA LEU A 45 -8.33 0.69 1.18
C LEU A 45 -8.13 1.97 0.40
N GLY A 46 -8.16 1.88 -0.92
CA GLY A 46 -8.00 3.05 -1.76
C GLY A 46 -9.21 3.96 -1.67
N SER A 47 -10.30 3.43 -1.15
CA SER A 47 -11.52 4.20 -0.95
C SER A 47 -11.53 4.84 0.43
N ILE A 48 -10.44 4.67 1.15
CA ILE A 48 -10.31 5.20 2.50
C ILE A 48 -9.30 6.34 2.53
N PRO A 49 -9.65 7.45 3.21
CA PRO A 49 -8.75 8.59 3.39
C PRO A 49 -7.41 8.17 4.00
N LEU A 50 -6.34 8.77 3.49
CA LEU A 50 -4.98 8.43 3.92
C LEU A 50 -4.80 8.59 5.42
N LYS A 51 -5.38 9.63 5.99
CA LYS A 51 -5.22 9.92 7.41
C LYS A 51 -6.24 9.15 8.25
N LYS A 52 -6.97 8.24 7.60
CA LYS A 52 -7.90 7.37 8.29
C LYS A 52 -7.43 5.92 8.17
N LEU A 53 -6.42 5.72 7.32
CA LEU A 53 -5.90 4.40 7.01
C LEU A 53 -5.20 3.81 8.23
N GLN A 54 -5.68 2.64 8.64
CA GLN A 54 -5.09 1.93 9.76
C GLN A 54 -4.20 0.80 9.27
N PRO A 55 -3.04 0.60 9.91
CA PRO A 55 -2.09 -0.47 9.56
C PRO A 55 -2.75 -1.85 9.59
N ALA A 56 -3.77 -1.99 10.43
CA ALA A 56 -4.48 -3.26 10.56
C ALA A 56 -5.18 -3.63 9.26
N ASP A 57 -5.59 -2.61 8.49
CA ASP A 57 -6.31 -2.84 7.24
C ASP A 57 -5.35 -3.33 6.17
N ILE A 58 -4.12 -2.83 6.22
CA ILE A 58 -3.06 -3.30 5.34
C ILE A 58 -2.79 -4.77 5.61
N GLN A 59 -2.74 -5.12 6.89
CA GLN A 59 -2.54 -6.50 7.32
C GLN A 59 -3.74 -7.34 6.92
N ARG A 60 -4.91 -6.73 7.04
CA ARG A 60 -6.17 -7.33 6.63
C ARG A 60 -6.18 -7.63 5.13
N LEU A 61 -5.61 -6.73 4.35
CA LEU A 61 -5.48 -6.92 2.89
C LEU A 61 -4.71 -8.21 2.61
N TYR A 62 -3.54 -8.35 3.23
CA TYR A 62 -2.72 -9.54 3.04
C TYR A 62 -3.47 -10.80 3.49
N ALA A 63 -4.03 -10.74 4.69
CA ALA A 63 -4.70 -11.88 5.29
C ALA A 63 -5.90 -12.34 4.47
N SER A 64 -6.80 -11.41 4.17
CA SER A 64 -8.04 -11.75 3.50
C SER A 64 -7.77 -12.28 2.08
N LYS A 65 -6.87 -11.63 1.36
CA LYS A 65 -6.58 -12.03 0.00
C LYS A 65 -5.86 -13.38 -0.01
N LEU A 66 -5.07 -13.63 1.03
CA LEU A 66 -4.40 -14.91 1.19
C LEU A 66 -5.43 -16.02 1.40
N GLU A 67 -6.44 -15.73 2.21
CA GLU A 67 -7.55 -16.67 2.44
C GLU A 67 -8.35 -16.84 1.15
N SER A 68 -8.34 -15.81 0.31
CA SER A 68 -9.05 -15.85 -0.96
C SER A 68 -8.31 -16.75 -1.96
N GLY A 69 -7.03 -17.01 -1.70
CA GLY A 69 -6.27 -17.90 -2.55
C GLY A 69 -5.11 -17.22 -3.25
N LEU A 70 -4.69 -16.08 -2.73
CA LEU A 70 -3.54 -15.37 -3.31
C LEU A 70 -2.26 -16.11 -2.98
N SER A 71 -1.36 -16.18 -3.94
CA SER A 71 -0.10 -16.89 -3.77
C SER A 71 0.74 -16.27 -2.64
N PRO A 72 1.12 -17.09 -1.64
CA PRO A 72 1.90 -16.62 -0.48
C PRO A 72 3.21 -15.93 -0.88
N THR A 73 3.84 -16.45 -1.91
CA THR A 73 5.08 -15.88 -2.40
C THR A 73 4.83 -14.51 -3.03
N ARG A 74 3.74 -14.40 -3.76
CA ARG A 74 3.41 -13.16 -4.47
C ARG A 74 2.94 -12.09 -3.49
N VAL A 75 2.19 -12.49 -2.47
CA VAL A 75 1.72 -11.54 -1.46
C VAL A 75 2.90 -11.11 -0.57
N ARG A 76 3.92 -11.96 -0.50
CA ARG A 76 5.16 -11.60 0.19
C ARG A 76 5.90 -10.51 -0.56
N TYR A 77 5.82 -10.57 -1.89
CA TYR A 77 6.41 -9.55 -2.75
C TYR A 77 5.62 -8.25 -2.62
N ILE A 78 4.28 -8.37 -2.61
CA ILE A 78 3.40 -7.22 -2.43
C ILE A 78 3.72 -6.51 -1.11
N HIS A 79 3.96 -7.30 -0.07
CA HIS A 79 4.25 -6.77 1.26
C HIS A 79 5.46 -5.83 1.24
N VAL A 80 6.53 -6.25 0.57
CA VAL A 80 7.78 -5.49 0.60
C VAL A 80 7.73 -4.29 -0.35
N VAL A 81 7.04 -4.44 -1.49
CA VAL A 81 6.97 -3.36 -2.46
C VAL A 81 5.98 -2.29 -2.01
N LEU A 82 4.90 -2.72 -1.35
CA LEU A 82 3.94 -1.79 -0.78
C LEU A 82 4.58 -1.04 0.37
N HIS A 83 5.41 -1.75 1.13
CA HIS A 83 6.18 -1.17 2.21
C HIS A 83 7.03 -0.02 1.70
N GLU A 84 7.66 -0.22 0.54
CA GLU A 84 8.50 0.78 -0.08
C GLU A 84 7.68 2.01 -0.47
N ALA A 85 6.61 1.78 -1.22
CA ALA A 85 5.83 2.87 -1.80
C ALA A 85 5.07 3.67 -0.75
N MET A 86 4.42 2.99 0.18
CA MET A 86 3.52 3.65 1.13
C MET A 86 4.29 4.50 2.13
N SER A 87 5.57 4.21 2.32
CA SER A 87 6.40 4.99 3.24
C SER A 87 6.60 6.41 2.72
N GLN A 88 6.38 6.61 1.42
CA GLN A 88 6.56 7.92 0.82
C GLN A 88 5.44 8.86 1.24
N ALA A 89 4.34 8.29 1.70
CA ALA A 89 3.23 9.06 2.23
C ALA A 89 3.68 9.80 3.49
N ARG A 90 4.58 9.19 4.23
CA ARG A 90 5.13 9.81 5.42
C ARG A 90 6.10 10.92 5.03
N GLU A 91 6.83 10.71 3.95
CA GLU A 91 7.76 11.71 3.43
C GLU A 91 7.01 12.97 3.00
N SER A 92 5.79 12.77 2.52
CA SER A 92 4.96 13.89 2.08
C SER A 92 4.46 14.68 3.30
N GLY A 93 4.58 14.08 4.47
CA GLY A 93 4.20 14.76 5.71
C GLY A 93 2.72 14.66 6.00
N LEU A 94 2.01 13.85 5.23
CA LEU A 94 0.58 13.70 5.41
C LEU A 94 0.27 12.68 6.51
N LEU A 95 1.25 11.82 6.78
CA LEU A 95 1.07 10.76 7.75
C LEU A 95 2.15 10.85 8.82
N LEU A 96 1.72 10.76 10.07
CA LEU A 96 2.61 10.95 11.21
C LEU A 96 3.46 9.71 11.50
N GLN A 97 2.95 8.55 11.11
CA GLN A 97 3.66 7.30 11.34
C GLN A 97 3.62 6.44 10.09
N ASN A 98 4.29 5.29 10.15
CA ASN A 98 4.32 4.37 9.02
C ASN A 98 3.47 3.15 9.32
N PRO A 99 2.40 2.93 8.56
CA PRO A 99 1.43 1.86 8.82
C PRO A 99 1.91 0.51 8.31
N THR A 100 2.97 0.51 7.52
CA THR A 100 3.48 -0.72 6.91
C THR A 100 4.25 -1.56 7.93
N GLU A 101 4.69 -0.94 9.00
CA GLU A 101 5.52 -1.61 10.00
C GLU A 101 4.67 -2.57 10.82
N ALA A 102 3.38 -2.29 10.92
CA ALA A 102 2.49 -3.08 11.77
C ALA A 102 1.76 -4.16 10.97
N ALA A 103 2.17 -4.38 9.74
CA ALA A 103 1.58 -5.43 8.91
C ALA A 103 2.34 -6.73 9.10
N LYS A 104 1.76 -7.64 9.87
CA LYS A 104 2.42 -8.91 10.20
C LYS A 104 1.69 -10.10 9.59
N PRO A 105 2.22 -10.65 8.48
CA PRO A 105 1.73 -11.92 7.92
C PRO A 105 1.85 -13.11 8.89
N PRO A 106 3.03 -13.35 9.53
CA PRO A 106 3.18 -14.44 10.49
C PRO A 106 2.60 -14.09 11.87
N ARG A 107 2.12 -15.10 12.58
CA ARG A 107 1.48 -14.89 13.87
C ARG A 107 2.46 -15.14 15.01
N HIS A 108 3.73 -15.35 14.67
CA HIS A 108 4.77 -15.56 15.68
C HIS A 108 4.95 -14.33 16.58
N PRO A 109 5.03 -13.10 16.01
CA PRO A 109 5.09 -11.88 16.82
C PRO A 109 3.87 -11.76 17.72
N LEU A 110 4.04 -11.07 18.85
CA LEU A 110 3.00 -10.96 19.86
C LEU A 110 2.65 -12.34 20.43
N GLU A 111 3.61 -12.92 21.14
CA GLU A 111 3.47 -14.26 21.71
C GLU A 111 2.37 -14.32 22.78
N HIS A 112 1.91 -13.15 23.21
CA HIS A 112 0.81 -13.03 24.15
C HIS A 112 1.21 -13.56 25.54
N HIS A 113 2.50 -13.46 25.86
CA HIS A 113 2.97 -13.84 27.18
C HIS A 113 3.29 -12.59 28.00
N HIS A 114 3.85 -12.78 29.19
CA HIS A 114 4.23 -11.66 30.04
C HIS A 114 5.33 -10.83 29.42
N HIS A 115 4.97 -9.69 28.86
CA HIS A 115 5.89 -8.80 28.18
C HIS A 115 5.21 -7.48 27.84
N HIS A 116 3.94 -7.36 28.22
CA HIS A 116 3.15 -6.20 27.86
C HIS A 116 3.13 -5.17 28.98
N HIS A 117 3.69 -4.01 28.70
CA HIS A 117 3.62 -2.89 29.62
C HIS A 117 2.32 -2.13 29.38
N MET A 1 -23.96 7.28 2.59
CA MET A 1 -23.84 7.97 1.27
C MET A 1 -22.64 8.91 1.27
N ILE A 2 -22.47 9.66 2.35
CA ILE A 2 -21.33 10.57 2.46
C ILE A 2 -20.15 9.84 3.09
N GLU A 3 -18.96 10.07 2.55
CA GLU A 3 -17.75 9.44 3.05
C GLU A 3 -16.59 10.42 2.91
N PRO A 4 -15.86 10.67 4.02
CA PRO A 4 -14.78 11.66 4.06
C PRO A 4 -13.79 11.52 2.91
N SER A 5 -13.07 10.40 2.88
CA SER A 5 -12.04 10.12 1.87
C SER A 5 -11.09 11.30 1.65
N LYS A 6 -11.38 12.12 0.63
CA LYS A 6 -10.54 13.26 0.25
C LYS A 6 -9.15 12.80 -0.18
N ILE A 7 -8.28 12.57 0.78
CA ILE A 7 -6.93 12.13 0.50
C ILE A 7 -6.84 10.60 0.61
N THR A 8 -7.38 9.95 -0.41
CA THR A 8 -7.41 8.49 -0.44
C THR A 8 -6.28 7.96 -1.33
N VAL A 9 -6.07 6.65 -1.30
CA VAL A 9 -5.00 6.01 -2.04
C VAL A 9 -5.08 6.32 -3.55
N GLU A 10 -6.29 6.20 -4.09
CA GLU A 10 -6.49 6.37 -5.53
C GLU A 10 -6.16 7.80 -5.98
N GLN A 11 -6.46 8.76 -5.13
CA GLN A 11 -6.17 10.16 -5.43
C GLN A 11 -4.67 10.43 -5.35
N TRP A 12 -4.02 9.88 -4.34
CA TRP A 12 -2.59 10.11 -4.15
C TRP A 12 -1.80 9.52 -5.31
N LEU A 13 -2.04 8.25 -5.61
CA LEU A 13 -1.34 7.58 -6.71
C LEU A 13 -1.59 8.30 -8.03
N ASN A 14 -2.81 8.77 -8.22
CA ASN A 14 -3.19 9.48 -9.44
C ASN A 14 -2.33 10.73 -9.62
N ARG A 15 -2.16 11.49 -8.55
CA ARG A 15 -1.33 12.69 -8.61
C ARG A 15 0.15 12.33 -8.62
N TRP A 16 0.50 11.30 -7.86
CA TRP A 16 1.89 10.86 -7.72
C TRP A 16 2.54 10.64 -9.08
N LEU A 17 1.95 9.79 -9.89
CA LEU A 17 2.53 9.47 -11.20
C LEU A 17 2.46 10.67 -12.15
N THR A 18 1.39 11.45 -12.04
CA THR A 18 1.19 12.57 -12.94
C THR A 18 2.17 13.70 -12.65
N ASP A 19 2.48 13.90 -11.37
CA ASP A 19 3.30 15.02 -10.94
C ASP A 19 4.78 14.62 -10.84
N TYR A 20 5.03 13.48 -10.21
CA TYR A 20 6.40 13.10 -9.86
C TYR A 20 7.06 12.20 -10.90
N ALA A 21 6.38 11.89 -12.00
CA ALA A 21 7.00 11.13 -13.08
C ALA A 21 8.19 11.92 -13.64
N LYS A 22 7.90 13.13 -14.10
CA LYS A 22 8.92 14.03 -14.65
C LYS A 22 9.69 13.35 -15.78
N PRO A 23 9.13 13.34 -17.00
CA PRO A 23 9.75 12.68 -18.15
C PRO A 23 11.15 13.21 -18.44
N HIS A 24 11.28 14.54 -18.47
CA HIS A 24 12.54 15.23 -18.72
C HIS A 24 13.02 14.98 -20.15
N LEU A 25 13.47 13.76 -20.41
CA LEU A 25 13.98 13.38 -21.71
C LEU A 25 13.99 11.86 -21.83
N ARG A 26 12.80 11.28 -22.01
CA ARG A 26 12.65 9.83 -22.13
C ARG A 26 13.07 9.11 -20.85
N GLN A 27 13.06 9.81 -19.73
CA GLN A 27 13.53 9.23 -18.48
C GLN A 27 12.36 8.79 -17.60
N SER A 28 12.00 7.52 -17.72
CA SER A 28 10.96 6.93 -16.89
C SER A 28 11.00 5.41 -17.03
N THR A 29 11.69 4.76 -16.10
CA THR A 29 11.87 3.33 -16.16
C THR A 29 11.56 2.68 -14.80
N TRP A 30 11.06 1.44 -14.86
CA TRP A 30 10.76 0.66 -13.67
C TRP A 30 9.74 1.34 -12.77
N GLU A 31 8.56 1.61 -13.32
CA GLU A 31 7.45 2.14 -12.54
C GLU A 31 6.49 1.02 -12.20
N SER A 32 6.95 -0.20 -12.49
CA SER A 32 6.13 -1.41 -12.37
C SER A 32 5.62 -1.63 -10.94
N TYR A 33 6.28 -1.03 -9.96
CA TYR A 33 5.86 -1.18 -8.58
C TYR A 33 4.57 -0.42 -8.30
N GLU A 34 4.26 0.55 -9.15
CA GLU A 34 3.03 1.32 -9.04
C GLU A 34 1.85 0.42 -9.42
N THR A 35 2.12 -0.49 -10.36
CA THR A 35 1.10 -1.41 -10.86
C THR A 35 0.60 -2.35 -9.76
N VAL A 36 1.52 -3.09 -9.13
CA VAL A 36 1.13 -4.02 -8.06
C VAL A 36 0.41 -3.29 -6.94
N LEU A 37 0.86 -2.08 -6.65
CA LEU A 37 0.24 -1.24 -5.63
C LEU A 37 -1.23 -0.99 -5.96
N ARG A 38 -1.48 -0.25 -7.03
CA ARG A 38 -2.85 0.13 -7.38
C ARG A 38 -3.72 -1.10 -7.62
N LEU A 39 -3.12 -2.15 -8.16
CA LEU A 39 -3.85 -3.37 -8.48
C LEU A 39 -4.40 -4.03 -7.22
N HIS A 40 -3.66 -3.94 -6.13
CA HIS A 40 -4.06 -4.63 -4.91
C HIS A 40 -4.76 -3.72 -3.90
N VAL A 41 -4.21 -2.53 -3.67
CA VAL A 41 -4.70 -1.68 -2.58
C VAL A 41 -5.97 -0.91 -2.94
N ILE A 42 -6.07 -0.44 -4.18
CA ILE A 42 -7.18 0.43 -4.58
C ILE A 42 -8.55 -0.31 -4.56
N PRO A 43 -8.67 -1.49 -5.19
CA PRO A 43 -9.96 -2.19 -5.25
C PRO A 43 -10.49 -2.63 -3.89
N THR A 44 -9.59 -2.93 -2.95
CA THR A 44 -10.00 -3.52 -1.68
C THR A 44 -9.91 -2.53 -0.51
N LEU A 45 -9.09 -1.50 -0.66
CA LEU A 45 -8.88 -0.50 0.40
C LEU A 45 -9.08 0.91 -0.13
N GLY A 46 -9.83 1.04 -1.22
CA GLY A 46 -10.04 2.34 -1.85
C GLY A 46 -11.03 3.20 -1.11
N SER A 47 -11.52 2.69 0.01
CA SER A 47 -12.46 3.42 0.84
C SER A 47 -11.75 3.93 2.10
N ILE A 48 -10.42 3.79 2.12
CA ILE A 48 -9.64 4.16 3.28
C ILE A 48 -8.65 5.28 2.93
N PRO A 49 -8.83 6.46 3.54
CA PRO A 49 -7.92 7.59 3.37
C PRO A 49 -6.52 7.27 3.89
N LEU A 50 -5.51 7.96 3.36
CA LEU A 50 -4.12 7.70 3.71
C LEU A 50 -3.88 7.84 5.21
N LYS A 51 -4.54 8.82 5.83
CA LYS A 51 -4.32 9.10 7.24
C LYS A 51 -5.23 8.26 8.14
N LYS A 52 -6.00 7.38 7.50
CA LYS A 52 -6.82 6.42 8.23
C LYS A 52 -6.18 5.05 8.13
N LEU A 53 -5.27 4.90 7.19
CA LEU A 53 -4.65 3.62 6.89
C LEU A 53 -3.84 3.10 8.09
N GLN A 54 -4.40 2.10 8.76
CA GLN A 54 -3.75 1.48 9.91
C GLN A 54 -3.20 0.11 9.52
N PRO A 55 -2.25 -0.42 10.31
CA PRO A 55 -1.72 -1.78 10.11
C PRO A 55 -2.82 -2.83 10.09
N ALA A 56 -3.90 -2.56 10.83
CA ALA A 56 -5.05 -3.46 10.87
C ALA A 56 -5.77 -3.49 9.51
N ASP A 57 -5.68 -2.39 8.78
CA ASP A 57 -6.32 -2.30 7.47
C ASP A 57 -5.46 -3.00 6.43
N ILE A 58 -4.15 -3.00 6.65
CA ILE A 58 -3.23 -3.65 5.75
C ILE A 58 -3.30 -5.17 5.90
N GLN A 59 -3.44 -5.64 7.14
CA GLN A 59 -3.61 -7.07 7.37
C GLN A 59 -4.93 -7.54 6.80
N ARG A 60 -5.92 -6.67 6.82
CA ARG A 60 -7.21 -6.92 6.15
C ARG A 60 -6.98 -7.17 4.66
N LEU A 61 -6.11 -6.36 4.07
CA LEU A 61 -5.76 -6.49 2.66
C LEU A 61 -5.18 -7.87 2.41
N TYR A 62 -4.11 -8.17 3.14
CA TYR A 62 -3.42 -9.44 3.01
C TYR A 62 -4.35 -10.61 3.28
N ALA A 63 -5.09 -10.55 4.39
CA ALA A 63 -5.96 -11.67 4.78
C ALA A 63 -7.03 -11.94 3.74
N SER A 64 -7.69 -10.87 3.29
CA SER A 64 -8.76 -10.99 2.32
C SER A 64 -8.25 -11.59 1.01
N LYS A 65 -7.02 -11.25 0.64
CA LYS A 65 -6.45 -11.71 -0.62
C LYS A 65 -5.75 -13.07 -0.47
N LEU A 66 -5.23 -13.33 0.72
CA LEU A 66 -4.63 -14.62 1.03
C LEU A 66 -5.68 -15.72 0.91
N GLU A 67 -6.88 -15.41 1.41
CA GLU A 67 -8.00 -16.32 1.33
C GLU A 67 -8.39 -16.60 -0.12
N SER A 68 -8.13 -15.63 -1.00
CA SER A 68 -8.46 -15.76 -2.41
C SER A 68 -7.52 -16.74 -3.12
N GLY A 69 -6.43 -17.10 -2.44
CA GLY A 69 -5.53 -18.09 -3.00
C GLY A 69 -4.14 -17.56 -3.26
N LEU A 70 -3.82 -16.39 -2.73
CA LEU A 70 -2.49 -15.81 -2.90
C LEU A 70 -1.49 -16.55 -2.03
N SER A 71 -0.28 -16.74 -2.56
CA SER A 71 0.78 -17.39 -1.82
C SER A 71 1.46 -16.38 -0.90
N PRO A 72 1.99 -16.83 0.25
CA PRO A 72 2.69 -15.96 1.20
C PRO A 72 3.81 -15.16 0.55
N THR A 73 4.42 -15.73 -0.48
CA THR A 73 5.47 -15.07 -1.23
C THR A 73 4.92 -13.91 -2.06
N ARG A 74 3.80 -14.15 -2.72
CA ARG A 74 3.12 -13.12 -3.50
C ARG A 74 2.71 -11.97 -2.58
N VAL A 75 2.14 -12.34 -1.44
CA VAL A 75 1.72 -11.36 -0.43
C VAL A 75 2.92 -10.60 0.12
N ARG A 76 4.04 -11.30 0.26
CA ARG A 76 5.26 -10.71 0.81
C ARG A 76 5.76 -9.59 -0.09
N TYR A 77 5.65 -9.78 -1.40
CA TYR A 77 6.06 -8.75 -2.35
C TYR A 77 5.23 -7.49 -2.17
N ILE A 78 3.92 -7.67 -2.12
CA ILE A 78 2.99 -6.57 -1.86
C ILE A 78 3.36 -5.85 -0.55
N HIS A 79 3.80 -6.60 0.45
CA HIS A 79 4.21 -6.02 1.73
C HIS A 79 5.39 -5.07 1.53
N VAL A 80 6.37 -5.51 0.74
CA VAL A 80 7.57 -4.72 0.49
C VAL A 80 7.25 -3.48 -0.35
N VAL A 81 6.48 -3.68 -1.41
CA VAL A 81 6.17 -2.58 -2.32
C VAL A 81 5.23 -1.56 -1.67
N LEU A 82 4.37 -2.04 -0.76
CA LEU A 82 3.48 -1.14 -0.03
C LEU A 82 4.29 -0.30 0.94
N HIS A 83 5.37 -0.89 1.46
CA HIS A 83 6.30 -0.16 2.32
C HIS A 83 6.91 1.00 1.55
N GLU A 84 7.22 0.76 0.27
CA GLU A 84 7.76 1.80 -0.60
C GLU A 84 6.78 2.96 -0.72
N ALA A 85 5.51 2.65 -0.96
CA ALA A 85 4.49 3.66 -1.14
C ALA A 85 4.25 4.45 0.14
N MET A 86 4.03 3.75 1.24
CA MET A 86 3.72 4.37 2.52
C MET A 86 4.87 5.23 3.04
N SER A 87 6.10 4.82 2.76
CA SER A 87 7.26 5.59 3.18
C SER A 87 7.28 6.95 2.50
N GLN A 88 6.96 6.96 1.20
CA GLN A 88 6.91 8.19 0.42
C GLN A 88 5.84 9.13 0.98
N ALA A 89 4.69 8.57 1.34
CA ALA A 89 3.62 9.35 1.95
C ALA A 89 4.05 9.87 3.32
N ARG A 90 4.68 8.98 4.08
CA ARG A 90 5.20 9.32 5.41
C ARG A 90 6.14 10.53 5.35
N GLU A 91 7.14 10.43 4.50
CA GLU A 91 8.16 11.47 4.38
C GLU A 91 7.66 12.69 3.60
N SER A 92 6.37 12.71 3.33
CA SER A 92 5.74 13.86 2.72
C SER A 92 4.68 14.43 3.67
N GLY A 93 4.67 13.91 4.90
CA GLY A 93 3.76 14.42 5.92
C GLY A 93 2.33 13.97 5.71
N LEU A 94 2.15 13.00 4.83
CA LEU A 94 0.81 12.51 4.52
C LEU A 94 0.47 11.31 5.39
N LEU A 95 1.49 10.71 5.98
CA LEU A 95 1.31 9.59 6.88
C LEU A 95 2.31 9.69 8.03
N LEU A 96 1.80 9.68 9.24
CA LEU A 96 2.63 9.90 10.43
C LEU A 96 3.42 8.66 10.83
N GLN A 97 3.00 7.50 10.35
CA GLN A 97 3.60 6.23 10.76
C GLN A 97 3.89 5.35 9.56
N ASN A 98 4.64 4.28 9.78
CA ASN A 98 4.80 3.24 8.77
C ASN A 98 4.03 1.99 9.19
N PRO A 99 2.80 1.83 8.70
CA PRO A 99 1.90 0.76 9.14
C PRO A 99 2.35 -0.60 8.66
N THR A 100 3.17 -0.63 7.62
CA THR A 100 3.63 -1.88 7.04
C THR A 100 4.46 -2.70 8.03
N GLU A 101 5.26 -2.01 8.83
CA GLU A 101 6.19 -2.69 9.73
C GLU A 101 5.44 -3.35 10.89
N ALA A 102 4.21 -2.91 11.12
CA ALA A 102 3.38 -3.51 12.15
C ALA A 102 2.30 -4.38 11.51
N ALA A 103 2.23 -4.34 10.19
CA ALA A 103 1.21 -5.07 9.46
C ALA A 103 1.69 -6.48 9.14
N LYS A 104 1.27 -7.41 9.98
CA LYS A 104 1.63 -8.80 9.84
C LYS A 104 0.37 -9.66 9.94
N PRO A 105 0.15 -10.56 8.98
CA PRO A 105 -0.99 -11.49 9.02
C PRO A 105 -0.91 -12.43 10.22
N PRO A 106 -1.84 -12.27 11.17
CA PRO A 106 -1.86 -13.07 12.39
C PRO A 106 -2.55 -14.42 12.18
N ARG A 107 -2.14 -15.41 12.94
CA ARG A 107 -2.75 -16.73 12.85
C ARG A 107 -4.02 -16.80 13.69
N HIS A 108 -4.47 -18.02 13.99
CA HIS A 108 -5.71 -18.23 14.72
C HIS A 108 -6.87 -17.64 13.92
N PRO A 109 -7.13 -18.22 12.73
CA PRO A 109 -8.07 -17.67 11.74
C PRO A 109 -9.48 -17.41 12.27
N LEU A 110 -10.18 -18.48 12.61
CA LEU A 110 -11.61 -18.44 12.86
C LEU A 110 -12.34 -18.03 11.59
N GLU A 111 -12.70 -19.02 10.80
CA GLU A 111 -13.36 -18.80 9.51
C GLU A 111 -14.68 -18.08 9.69
N HIS A 112 -15.15 -17.46 8.60
CA HIS A 112 -16.44 -16.76 8.60
C HIS A 112 -17.58 -17.77 8.49
N HIS A 113 -17.40 -18.92 9.14
CA HIS A 113 -18.31 -20.06 9.03
C HIS A 113 -18.25 -20.65 7.63
N HIS A 114 -18.78 -19.93 6.66
CA HIS A 114 -18.76 -20.37 5.28
C HIS A 114 -18.59 -19.15 4.36
N HIS A 115 -17.65 -19.26 3.43
CA HIS A 115 -17.32 -18.15 2.55
C HIS A 115 -18.41 -17.94 1.50
N HIS A 116 -18.63 -18.97 0.68
CA HIS A 116 -19.58 -18.91 -0.44
C HIS A 116 -19.10 -17.93 -1.53
N HIS A 117 -18.89 -18.46 -2.72
CA HIS A 117 -18.50 -17.62 -3.85
C HIS A 117 -19.73 -17.00 -4.50
N MET A 1 -22.10 4.25 -6.15
CA MET A 1 -21.44 5.37 -5.43
C MET A 1 -21.81 5.34 -3.96
N ILE A 2 -20.93 5.83 -3.11
CA ILE A 2 -21.15 5.82 -1.66
C ILE A 2 -20.87 7.18 -1.04
N GLU A 3 -20.53 8.16 -1.90
CA GLU A 3 -20.08 9.49 -1.47
C GLU A 3 -19.23 9.44 -0.20
N PRO A 4 -17.99 8.94 -0.33
CA PRO A 4 -17.09 8.78 0.81
C PRO A 4 -16.30 10.05 1.12
N SER A 5 -15.32 9.93 2.01
CA SER A 5 -14.45 11.05 2.32
C SER A 5 -13.66 11.44 1.07
N LYS A 6 -13.70 12.73 0.74
CA LYS A 6 -13.04 13.21 -0.47
C LYS A 6 -11.57 13.51 -0.20
N ILE A 7 -10.77 13.41 -1.26
CA ILE A 7 -9.31 13.55 -1.16
C ILE A 7 -8.72 12.40 -0.33
N THR A 8 -8.58 11.25 -0.98
CA THR A 8 -8.07 10.07 -0.31
C THR A 8 -6.83 9.52 -1.03
N VAL A 9 -6.39 8.32 -0.63
CA VAL A 9 -5.14 7.73 -1.10
C VAL A 9 -5.09 7.58 -2.63
N GLU A 10 -6.14 7.02 -3.22
CA GLU A 10 -6.11 6.68 -4.63
C GLU A 10 -5.93 7.94 -5.48
N GLN A 11 -6.51 9.04 -5.03
CA GLN A 11 -6.40 10.31 -5.71
C GLN A 11 -4.97 10.83 -5.69
N TRP A 12 -4.33 10.71 -4.52
CA TRP A 12 -2.98 11.23 -4.33
C TRP A 12 -1.98 10.47 -5.20
N LEU A 13 -2.04 9.14 -5.11
CA LEU A 13 -1.14 8.29 -5.89
C LEU A 13 -1.40 8.45 -7.39
N ASN A 14 -2.67 8.44 -7.77
CA ASN A 14 -3.06 8.58 -9.17
C ASN A 14 -2.52 9.89 -9.74
N ARG A 15 -2.52 10.94 -8.93
CA ARG A 15 -1.98 12.23 -9.34
C ARG A 15 -0.48 12.12 -9.57
N TRP A 16 0.23 11.49 -8.63
CA TRP A 16 1.68 11.37 -8.71
C TRP A 16 2.09 10.70 -10.02
N LEU A 17 1.41 9.62 -10.36
CA LEU A 17 1.72 8.89 -11.59
C LEU A 17 1.42 9.74 -12.83
N THR A 18 0.33 10.47 -12.81
CA THR A 18 -0.10 11.23 -13.97
C THR A 18 0.68 12.54 -14.11
N ASP A 19 1.13 13.08 -12.98
CA ASP A 19 1.87 14.33 -12.99
C ASP A 19 3.29 14.09 -13.51
N TYR A 20 3.83 12.93 -13.20
CA TYR A 20 5.16 12.53 -13.68
C TYR A 20 5.04 11.56 -14.85
N ALA A 21 3.81 11.35 -15.33
CA ALA A 21 3.49 10.41 -16.42
C ALA A 21 4.47 10.48 -17.58
N LYS A 22 4.93 11.67 -17.93
CA LYS A 22 5.94 11.80 -18.96
C LYS A 22 7.32 11.86 -18.32
N PRO A 23 8.07 10.75 -18.36
CA PRO A 23 9.32 10.60 -17.67
C PRO A 23 10.53 10.99 -18.51
N HIS A 24 11.71 10.73 -17.97
CA HIS A 24 12.96 11.00 -18.66
C HIS A 24 13.57 9.68 -19.10
N LEU A 25 14.88 9.61 -19.12
CA LEU A 25 15.57 8.36 -19.47
C LEU A 25 15.93 7.61 -18.19
N ARG A 26 17.06 6.89 -18.21
CA ARG A 26 17.44 6.00 -17.11
C ARG A 26 16.37 4.91 -16.94
N GLN A 27 15.95 4.37 -18.08
CA GLN A 27 14.87 3.39 -18.12
C GLN A 27 15.31 2.00 -17.67
N SER A 28 15.90 1.93 -16.48
CA SER A 28 16.32 0.66 -15.91
C SER A 28 15.22 0.10 -15.00
N THR A 29 14.22 0.92 -14.75
CA THR A 29 13.09 0.51 -13.94
C THR A 29 11.79 0.79 -14.69
N TRP A 30 10.73 0.07 -14.35
CA TRP A 30 9.46 0.20 -15.05
C TRP A 30 8.31 0.31 -14.05
N GLU A 31 7.08 0.36 -14.57
CA GLU A 31 5.89 0.57 -13.75
C GLU A 31 5.38 -0.73 -13.15
N SER A 32 6.24 -1.74 -13.09
CA SER A 32 5.84 -3.06 -12.61
C SER A 32 5.39 -3.03 -11.15
N TYR A 33 6.08 -2.26 -10.33
CA TYR A 33 5.73 -2.15 -8.92
C TYR A 33 4.48 -1.31 -8.73
N GLU A 34 4.13 -0.53 -9.74
CA GLU A 34 2.92 0.27 -9.70
C GLU A 34 1.70 -0.60 -9.98
N THR A 35 1.93 -1.64 -10.78
CA THR A 35 0.87 -2.59 -11.14
C THR A 35 0.31 -3.30 -9.90
N VAL A 36 1.18 -4.00 -9.18
CA VAL A 36 0.76 -4.74 -7.99
C VAL A 36 0.20 -3.81 -6.94
N LEU A 37 0.79 -2.62 -6.85
CA LEU A 37 0.39 -1.63 -5.87
C LEU A 37 -1.03 -1.15 -6.15
N ARG A 38 -1.24 -0.64 -7.36
CA ARG A 38 -2.54 -0.10 -7.75
C ARG A 38 -3.62 -1.17 -7.67
N LEU A 39 -3.26 -2.38 -8.08
CA LEU A 39 -4.23 -3.47 -8.22
C LEU A 39 -4.81 -3.90 -6.88
N HIS A 40 -3.97 -3.97 -5.86
CA HIS A 40 -4.40 -4.57 -4.60
C HIS A 40 -4.96 -3.55 -3.62
N VAL A 41 -4.24 -2.45 -3.40
CA VAL A 41 -4.60 -1.55 -2.31
C VAL A 41 -5.38 -0.31 -2.78
N ILE A 42 -5.28 0.03 -4.06
CA ILE A 42 -5.96 1.23 -4.56
C ILE A 42 -7.49 1.07 -4.58
N PRO A 43 -8.05 -0.02 -5.15
CA PRO A 43 -9.49 -0.22 -5.20
C PRO A 43 -10.08 -0.65 -3.85
N THR A 44 -9.21 -0.87 -2.88
CA THR A 44 -9.65 -1.33 -1.56
C THR A 44 -9.55 -0.21 -0.53
N LEU A 45 -8.32 0.18 -0.20
CA LEU A 45 -8.08 1.13 0.87
C LEU A 45 -7.76 2.51 0.31
N GLY A 46 -7.83 2.63 -1.02
CA GLY A 46 -7.51 3.88 -1.67
C GLY A 46 -8.48 5.00 -1.33
N SER A 47 -9.71 4.63 -1.01
CA SER A 47 -10.74 5.62 -0.70
C SER A 47 -10.84 5.84 0.82
N ILE A 48 -9.76 5.55 1.52
CA ILE A 48 -9.67 5.79 2.96
C ILE A 48 -8.54 6.77 3.25
N PRO A 49 -8.79 7.82 4.06
CA PRO A 49 -7.77 8.81 4.43
C PRO A 49 -6.54 8.16 5.08
N LEU A 50 -5.37 8.71 4.81
CA LEU A 50 -4.12 8.13 5.30
C LEU A 50 -4.01 8.23 6.83
N LYS A 51 -4.73 9.17 7.42
CA LYS A 51 -4.73 9.31 8.87
C LYS A 51 -5.75 8.35 9.49
N LYS A 52 -6.66 7.85 8.67
CA LYS A 52 -7.67 6.92 9.14
C LYS A 52 -7.27 5.49 8.78
N LEU A 53 -6.32 5.38 7.87
CA LEU A 53 -5.82 4.08 7.42
C LEU A 53 -5.23 3.31 8.60
N GLN A 54 -5.79 2.13 8.85
CA GLN A 54 -5.36 1.30 9.96
C GLN A 54 -4.60 0.07 9.46
N PRO A 55 -3.61 -0.39 10.23
CA PRO A 55 -2.87 -1.62 9.91
C PRO A 55 -3.81 -2.84 9.88
N ALA A 56 -4.89 -2.76 10.65
CA ALA A 56 -5.88 -3.85 10.71
C ALA A 56 -6.41 -4.19 9.33
N ASP A 57 -6.79 -3.18 8.57
CA ASP A 57 -7.34 -3.39 7.22
C ASP A 57 -6.27 -3.85 6.25
N ILE A 58 -5.03 -3.44 6.49
CA ILE A 58 -3.93 -3.87 5.64
C ILE A 58 -3.65 -5.35 5.86
N GLN A 59 -3.58 -5.76 7.13
CA GLN A 59 -3.40 -7.17 7.47
C GLN A 59 -4.60 -7.98 6.97
N ARG A 60 -5.77 -7.37 7.07
CA ARG A 60 -7.00 -7.94 6.54
C ARG A 60 -6.89 -8.17 5.03
N LEU A 61 -6.37 -7.16 4.33
CA LEU A 61 -6.14 -7.23 2.88
C LEU A 61 -5.32 -8.47 2.54
N TYR A 62 -4.20 -8.63 3.25
CA TYR A 62 -3.32 -9.77 3.02
C TYR A 62 -4.05 -11.08 3.31
N ALA A 63 -4.61 -11.19 4.51
CA ALA A 63 -5.22 -12.44 4.96
C ALA A 63 -6.38 -12.86 4.06
N SER A 64 -7.21 -11.90 3.69
CA SER A 64 -8.40 -12.18 2.90
C SER A 64 -8.05 -12.68 1.49
N LYS A 65 -7.10 -12.02 0.84
CA LYS A 65 -6.77 -12.37 -0.54
C LYS A 65 -5.72 -13.48 -0.61
N LEU A 66 -4.95 -13.65 0.46
CA LEU A 66 -4.12 -14.83 0.58
C LEU A 66 -5.00 -16.07 0.65
N GLU A 67 -6.18 -15.87 1.22
CA GLU A 67 -7.21 -16.90 1.29
C GLU A 67 -7.85 -17.12 -0.07
N SER A 68 -8.00 -16.04 -0.83
CA SER A 68 -8.61 -16.11 -2.14
C SER A 68 -7.75 -16.92 -3.12
N GLY A 69 -6.43 -16.75 -3.03
CA GLY A 69 -5.55 -17.55 -3.86
C GLY A 69 -4.21 -16.89 -4.13
N LEU A 70 -3.62 -16.28 -3.12
CA LEU A 70 -2.31 -15.67 -3.26
C LEU A 70 -1.22 -16.60 -2.72
N SER A 71 -0.01 -16.41 -3.22
CA SER A 71 1.14 -17.16 -2.74
C SER A 71 1.87 -16.35 -1.67
N PRO A 72 2.49 -17.02 -0.68
CA PRO A 72 3.24 -16.35 0.39
C PRO A 72 4.31 -15.41 -0.15
N THR A 73 4.92 -15.83 -1.25
CA THR A 73 5.96 -15.05 -1.90
C THR A 73 5.40 -13.76 -2.50
N ARG A 74 4.19 -13.83 -3.05
CA ARG A 74 3.55 -12.67 -3.64
C ARG A 74 3.09 -11.71 -2.56
N VAL A 75 2.62 -12.28 -1.45
CA VAL A 75 2.20 -11.49 -0.29
C VAL A 75 3.38 -10.72 0.29
N ARG A 76 4.54 -11.37 0.38
CA ARG A 76 5.75 -10.73 0.86
C ARG A 76 6.11 -9.56 -0.06
N TYR A 77 6.00 -9.78 -1.37
CA TYR A 77 6.31 -8.75 -2.36
C TYR A 77 5.41 -7.54 -2.15
N ILE A 78 4.11 -7.78 -2.04
CA ILE A 78 3.15 -6.71 -1.78
C ILE A 78 3.47 -6.00 -0.47
N HIS A 79 3.85 -6.78 0.54
CA HIS A 79 4.16 -6.24 1.86
C HIS A 79 5.35 -5.29 1.80
N VAL A 80 6.42 -5.71 1.12
CA VAL A 80 7.65 -4.93 1.09
C VAL A 80 7.55 -3.72 0.16
N VAL A 81 6.82 -3.86 -0.94
CA VAL A 81 6.67 -2.76 -1.88
C VAL A 81 5.74 -1.68 -1.31
N LEU A 82 4.68 -2.10 -0.64
CA LEU A 82 3.75 -1.17 0.00
C LEU A 82 4.44 -0.48 1.17
N HIS A 83 5.26 -1.25 1.89
CA HIS A 83 6.05 -0.72 3.00
C HIS A 83 6.99 0.38 2.50
N GLU A 84 7.69 0.09 1.42
CA GLU A 84 8.69 1.00 0.88
C GLU A 84 8.06 2.27 0.32
N ALA A 85 7.05 2.09 -0.52
CA ALA A 85 6.44 3.22 -1.23
C ALA A 85 5.69 4.14 -0.27
N MET A 86 5.12 3.57 0.79
CA MET A 86 4.37 4.36 1.76
C MET A 86 5.32 5.10 2.70
N SER A 87 6.57 4.63 2.77
CA SER A 87 7.55 5.25 3.66
C SER A 87 7.79 6.70 3.29
N GLN A 88 7.82 7.01 2.00
CA GLN A 88 8.09 8.37 1.55
C GLN A 88 7.00 9.33 1.98
N ALA A 89 5.79 8.80 2.18
CA ALA A 89 4.68 9.60 2.67
C ALA A 89 4.85 9.88 4.16
N ARG A 90 5.36 8.88 4.87
CA ARG A 90 5.66 9.04 6.29
C ARG A 90 6.79 10.06 6.46
N GLU A 91 7.86 9.87 5.71
CA GLU A 91 9.02 10.75 5.78
C GLU A 91 8.66 12.17 5.36
N SER A 92 7.67 12.28 4.46
CA SER A 92 7.22 13.58 3.97
C SER A 92 6.57 14.39 5.09
N GLY A 93 6.11 13.71 6.13
CA GLY A 93 5.52 14.38 7.27
C GLY A 93 4.01 14.29 7.27
N LEU A 94 3.43 13.92 6.14
CA LEU A 94 1.97 13.82 6.04
C LEU A 94 1.47 12.57 6.76
N LEU A 95 2.38 11.64 6.99
CA LEU A 95 2.06 10.42 7.69
C LEU A 95 3.07 10.19 8.80
N LEU A 96 2.59 9.87 9.99
CA LEU A 96 3.47 9.66 11.14
C LEU A 96 3.78 8.19 11.36
N GLN A 97 2.86 7.33 10.96
CA GLN A 97 3.00 5.90 11.20
C GLN A 97 3.25 5.15 9.90
N ASN A 98 3.91 4.01 9.98
CA ASN A 98 4.01 3.12 8.83
C ASN A 98 3.19 1.87 9.13
N PRO A 99 1.93 1.84 8.68
CA PRO A 99 0.96 0.80 9.03
C PRO A 99 1.23 -0.51 8.30
N THR A 100 1.99 -0.45 7.22
CA THR A 100 2.26 -1.63 6.41
C THR A 100 3.04 -2.69 7.19
N GLU A 101 4.00 -2.24 7.99
CA GLU A 101 4.85 -3.13 8.74
C GLU A 101 4.20 -3.51 10.05
N ALA A 102 3.30 -2.65 10.53
CA ALA A 102 2.53 -2.95 11.74
C ALA A 102 1.52 -4.05 11.43
N ALA A 103 1.12 -4.12 10.17
CA ALA A 103 0.21 -5.15 9.71
C ALA A 103 0.99 -6.38 9.26
N LYS A 104 1.12 -7.34 10.16
CA LYS A 104 1.84 -8.56 9.86
C LYS A 104 1.01 -9.78 10.23
N PRO A 105 0.33 -10.38 9.24
CA PRO A 105 -0.39 -11.63 9.44
C PRO A 105 0.59 -12.79 9.66
N PRO A 106 0.55 -13.41 10.85
CA PRO A 106 1.51 -14.45 11.22
C PRO A 106 1.16 -15.81 10.61
N ARG A 107 1.87 -16.16 9.55
CA ARG A 107 1.77 -17.50 8.98
C ARG A 107 2.86 -18.36 9.59
N HIS A 108 2.46 -19.35 10.37
CA HIS A 108 3.42 -20.13 11.14
C HIS A 108 3.23 -21.63 10.96
N PRO A 109 3.73 -22.19 9.84
CA PRO A 109 3.81 -23.64 9.64
C PRO A 109 4.97 -24.22 10.46
N LEU A 110 5.86 -23.34 10.91
CA LEU A 110 6.98 -23.72 11.75
C LEU A 110 6.47 -24.09 13.13
N GLU A 111 6.50 -25.36 13.44
CA GLU A 111 5.99 -25.85 14.70
C GLU A 111 7.06 -25.85 15.78
N HIS A 112 6.72 -25.27 16.92
CA HIS A 112 7.56 -25.33 18.10
C HIS A 112 6.70 -25.73 19.30
N HIS A 113 5.45 -26.06 19.01
CA HIS A 113 4.46 -26.31 20.04
C HIS A 113 4.42 -27.78 20.42
N HIS A 114 5.40 -28.54 19.95
CA HIS A 114 5.53 -29.93 20.35
C HIS A 114 6.59 -30.02 21.44
N HIS A 115 6.39 -30.88 22.43
CA HIS A 115 7.36 -31.00 23.50
C HIS A 115 8.69 -31.51 22.93
N HIS A 116 9.73 -30.75 23.16
CA HIS A 116 11.02 -30.97 22.52
C HIS A 116 12.14 -30.95 23.56
N HIS A 117 13.37 -30.81 23.09
CA HIS A 117 14.52 -30.80 23.99
C HIS A 117 15.22 -29.44 23.91
N MET A 1 -13.23 29.46 -0.98
CA MET A 1 -13.44 28.35 -1.93
C MET A 1 -13.37 27.00 -1.19
N ILE A 2 -12.29 26.79 -0.46
CA ILE A 2 -12.06 25.55 0.28
C ILE A 2 -11.97 24.37 -0.68
N GLU A 3 -10.76 24.05 -1.08
CA GLU A 3 -10.53 22.95 -2.00
C GLU A 3 -10.52 21.63 -1.23
N PRO A 4 -10.88 20.52 -1.89
CA PRO A 4 -10.81 19.18 -1.29
C PRO A 4 -9.39 18.87 -0.81
N SER A 5 -9.27 18.53 0.46
CA SER A 5 -7.97 18.26 1.06
C SER A 5 -7.45 16.89 0.62
N LYS A 6 -6.13 16.73 0.67
CA LYS A 6 -5.49 15.48 0.32
C LYS A 6 -5.77 14.43 1.40
N ILE A 7 -6.78 13.62 1.18
CA ILE A 7 -7.23 12.65 2.17
C ILE A 7 -7.24 11.22 1.64
N THR A 8 -7.79 11.02 0.44
CA THR A 8 -7.89 9.70 -0.15
C THR A 8 -6.56 9.26 -0.77
N VAL A 9 -6.29 7.98 -0.69
CA VAL A 9 -5.01 7.42 -1.15
C VAL A 9 -4.91 7.47 -2.67
N GLU A 10 -5.91 6.95 -3.35
CA GLU A 10 -5.89 6.86 -4.82
C GLU A 10 -5.83 8.25 -5.46
N GLN A 11 -6.22 9.26 -4.71
CA GLN A 11 -6.23 10.63 -5.23
C GLN A 11 -4.80 11.13 -5.43
N TRP A 12 -3.99 11.08 -4.38
CA TRP A 12 -2.61 11.54 -4.50
C TRP A 12 -1.77 10.52 -5.25
N LEU A 13 -2.22 9.26 -5.24
CA LEU A 13 -1.54 8.21 -6.00
C LEU A 13 -1.58 8.53 -7.50
N ASN A 14 -2.76 8.94 -7.98
CA ASN A 14 -2.93 9.31 -9.38
C ASN A 14 -2.01 10.47 -9.76
N ARG A 15 -1.99 11.50 -8.92
CA ARG A 15 -1.16 12.67 -9.18
C ARG A 15 0.32 12.29 -9.09
N TRP A 16 0.65 11.44 -8.13
CA TRP A 16 2.03 11.02 -7.89
C TRP A 16 2.66 10.46 -9.16
N LEU A 17 2.04 9.44 -9.71
CA LEU A 17 2.58 8.77 -10.90
C LEU A 17 2.57 9.71 -12.11
N THR A 18 1.63 10.66 -12.12
CA THR A 18 1.53 11.60 -13.24
C THR A 18 2.64 12.64 -13.19
N ASP A 19 2.85 13.21 -12.01
CA ASP A 19 3.82 14.28 -11.84
C ASP A 19 5.25 13.74 -11.86
N TYR A 20 5.48 12.67 -11.10
CA TYR A 20 6.81 12.11 -10.96
C TYR A 20 7.30 11.42 -12.22
N ALA A 21 6.37 11.03 -13.09
CA ALA A 21 6.74 10.44 -14.37
C ALA A 21 7.46 11.45 -15.26
N LYS A 22 7.24 12.74 -14.96
CA LYS A 22 7.87 13.84 -15.69
C LYS A 22 7.35 13.92 -17.12
N PRO A 23 6.30 14.74 -17.33
CA PRO A 23 5.66 14.89 -18.65
C PRO A 23 6.55 15.63 -19.66
N HIS A 24 7.75 16.01 -19.24
CA HIS A 24 8.68 16.69 -20.14
C HIS A 24 9.32 15.70 -21.10
N LEU A 25 9.29 14.43 -20.74
CA LEU A 25 9.80 13.37 -21.59
C LEU A 25 8.75 12.29 -21.76
N ARG A 26 8.81 11.59 -22.89
CA ARG A 26 7.84 10.54 -23.18
C ARG A 26 8.38 9.19 -22.74
N GLN A 27 7.62 8.50 -21.89
CA GLN A 27 8.01 7.19 -21.37
C GLN A 27 9.24 7.28 -20.48
N SER A 28 9.00 7.25 -19.17
CA SER A 28 10.09 7.27 -18.20
C SER A 28 10.59 5.85 -17.95
N THR A 29 9.78 5.07 -17.23
CA THR A 29 10.11 3.69 -16.90
C THR A 29 8.82 2.87 -16.75
N TRP A 30 8.90 1.56 -16.92
CA TRP A 30 7.74 0.71 -16.71
C TRP A 30 7.76 0.09 -15.33
N GLU A 31 7.23 0.83 -14.37
CA GLU A 31 7.24 0.40 -12.98
C GLU A 31 6.18 -0.67 -12.74
N SER A 32 6.64 -1.91 -12.57
CA SER A 32 5.75 -3.05 -12.39
C SER A 32 5.04 -2.99 -11.05
N TYR A 33 5.75 -2.54 -10.03
CA TYR A 33 5.21 -2.47 -8.67
C TYR A 33 4.11 -1.42 -8.57
N GLU A 34 4.03 -0.54 -9.57
CA GLU A 34 2.95 0.43 -9.65
C GLU A 34 1.61 -0.28 -9.83
N THR A 35 1.61 -1.28 -10.71
CA THR A 35 0.39 -1.96 -11.07
C THR A 35 -0.09 -2.91 -9.97
N VAL A 36 0.80 -3.76 -9.45
CA VAL A 36 0.43 -4.66 -8.36
C VAL A 36 -0.14 -3.88 -7.18
N LEU A 37 0.46 -2.71 -6.94
CA LEU A 37 0.08 -1.85 -5.85
C LEU A 37 -1.37 -1.39 -6.01
N ARG A 38 -1.62 -0.60 -7.05
CA ARG A 38 -2.94 -0.03 -7.27
C ARG A 38 -3.99 -1.10 -7.50
N LEU A 39 -3.58 -2.21 -8.09
CA LEU A 39 -4.50 -3.31 -8.39
C LEU A 39 -5.04 -3.96 -7.11
N HIS A 40 -4.20 -4.04 -6.09
CA HIS A 40 -4.58 -4.76 -4.87
C HIS A 40 -5.07 -3.84 -3.75
N VAL A 41 -4.40 -2.71 -3.54
CA VAL A 41 -4.71 -1.89 -2.37
C VAL A 41 -5.61 -0.70 -2.70
N ILE A 42 -5.61 -0.22 -3.93
CA ILE A 42 -6.44 0.93 -4.29
C ILE A 42 -7.95 0.61 -4.22
N PRO A 43 -8.42 -0.57 -4.70
CA PRO A 43 -9.83 -0.96 -4.58
C PRO A 43 -10.24 -1.30 -3.14
N THR A 44 -9.24 -1.47 -2.27
CA THR A 44 -9.51 -1.89 -0.90
C THR A 44 -9.29 -0.75 0.10
N LEU A 45 -8.05 -0.34 0.28
CA LEU A 45 -7.72 0.68 1.28
C LEU A 45 -7.47 2.03 0.60
N GLY A 46 -7.44 2.03 -0.72
CA GLY A 46 -7.13 3.24 -1.47
C GLY A 46 -8.16 4.33 -1.31
N SER A 47 -9.38 3.95 -0.92
CA SER A 47 -10.45 4.92 -0.75
C SER A 47 -10.58 5.29 0.74
N ILE A 48 -9.62 4.83 1.54
CA ILE A 48 -9.61 5.11 2.96
C ILE A 48 -8.52 6.14 3.28
N PRO A 49 -8.89 7.20 4.02
CA PRO A 49 -7.96 8.27 4.41
C PRO A 49 -6.72 7.73 5.12
N LEU A 50 -5.56 8.27 4.76
CA LEU A 50 -4.30 7.88 5.37
C LEU A 50 -4.32 8.07 6.89
N LYS A 51 -5.13 9.01 7.35
CA LYS A 51 -5.23 9.33 8.77
C LYS A 51 -6.06 8.29 9.52
N LYS A 52 -6.85 7.51 8.78
CA LYS A 52 -7.72 6.52 9.39
C LYS A 52 -7.31 5.11 8.97
N LEU A 53 -6.31 5.03 8.10
CA LEU A 53 -5.80 3.76 7.63
C LEU A 53 -5.16 3.00 8.78
N GLN A 54 -5.69 1.81 9.06
CA GLN A 54 -5.22 1.00 10.17
C GLN A 54 -4.41 -0.19 9.68
N PRO A 55 -3.29 -0.50 10.36
CA PRO A 55 -2.42 -1.63 10.01
C PRO A 55 -3.15 -2.97 10.04
N ALA A 56 -4.14 -3.08 10.92
CA ALA A 56 -4.92 -4.31 11.05
C ALA A 56 -5.64 -4.63 9.74
N ASP A 57 -6.17 -3.61 9.08
CA ASP A 57 -6.88 -3.78 7.82
C ASP A 57 -5.93 -4.13 6.70
N ILE A 58 -4.67 -3.71 6.85
CA ILE A 58 -3.65 -4.03 5.86
C ILE A 58 -3.33 -5.52 5.91
N GLN A 59 -3.11 -6.04 7.12
CA GLN A 59 -2.85 -7.46 7.31
C GLN A 59 -4.11 -8.24 6.92
N ARG A 60 -5.26 -7.66 7.26
CA ARG A 60 -6.56 -8.21 6.87
C ARG A 60 -6.63 -8.39 5.36
N LEU A 61 -6.18 -7.36 4.63
CA LEU A 61 -6.15 -7.38 3.17
C LEU A 61 -5.35 -8.59 2.69
N TYR A 62 -4.16 -8.78 3.25
CA TYR A 62 -3.30 -9.89 2.85
C TYR A 62 -3.96 -11.22 3.16
N ALA A 63 -4.53 -11.34 4.35
CA ALA A 63 -5.19 -12.57 4.77
C ALA A 63 -6.41 -12.86 3.89
N SER A 64 -7.21 -11.83 3.66
CA SER A 64 -8.43 -11.97 2.88
C SER A 64 -8.12 -12.32 1.42
N LYS A 65 -7.03 -11.78 0.90
CA LYS A 65 -6.61 -12.05 -0.47
C LYS A 65 -5.86 -13.39 -0.54
N LEU A 66 -5.28 -13.77 0.60
CA LEU A 66 -4.58 -15.04 0.73
C LEU A 66 -5.56 -16.20 0.56
N GLU A 67 -6.79 -15.98 1.00
CA GLU A 67 -7.86 -16.95 0.86
C GLU A 67 -8.22 -17.16 -0.60
N SER A 68 -7.89 -16.20 -1.45
CA SER A 68 -8.20 -16.28 -2.86
C SER A 68 -7.24 -17.23 -3.57
N GLY A 69 -5.96 -17.15 -3.23
CA GLY A 69 -4.99 -18.04 -3.82
C GLY A 69 -3.67 -17.36 -4.13
N LEU A 70 -3.19 -16.55 -3.21
CA LEU A 70 -1.90 -15.89 -3.37
C LEU A 70 -0.82 -16.64 -2.60
N SER A 71 0.35 -16.75 -3.21
CA SER A 71 1.48 -17.39 -2.56
C SER A 71 2.19 -16.37 -1.66
N PRO A 72 2.76 -16.83 -0.52
CA PRO A 72 3.47 -15.95 0.43
C PRO A 72 4.43 -14.98 -0.24
N THR A 73 5.15 -15.44 -1.26
CA THR A 73 6.11 -14.60 -1.96
C THR A 73 5.41 -13.45 -2.68
N ARG A 74 4.31 -13.75 -3.34
CA ARG A 74 3.52 -12.75 -4.06
C ARG A 74 2.90 -11.77 -3.08
N VAL A 75 2.46 -12.29 -1.94
CA VAL A 75 1.88 -11.46 -0.88
C VAL A 75 2.93 -10.52 -0.29
N ARG A 76 4.12 -11.06 -0.06
CA ARG A 76 5.20 -10.27 0.54
C ARG A 76 5.69 -9.19 -0.42
N TYR A 77 5.49 -9.39 -1.71
CA TYR A 77 5.83 -8.36 -2.68
C TYR A 77 4.84 -7.20 -2.56
N ILE A 78 3.56 -7.54 -2.49
CA ILE A 78 2.51 -6.54 -2.26
C ILE A 78 2.75 -5.82 -0.93
N HIS A 79 3.27 -6.57 0.03
CA HIS A 79 3.57 -6.03 1.35
C HIS A 79 4.71 -5.02 1.28
N VAL A 80 5.75 -5.34 0.52
CA VAL A 80 6.94 -4.50 0.47
C VAL A 80 6.73 -3.29 -0.44
N VAL A 81 5.89 -3.43 -1.46
CA VAL A 81 5.61 -2.30 -2.35
C VAL A 81 4.72 -1.28 -1.64
N LEU A 82 3.75 -1.76 -0.86
CA LEU A 82 2.89 -0.88 -0.09
C LEU A 82 3.71 -0.26 1.06
N HIS A 83 4.67 -1.03 1.54
CA HIS A 83 5.63 -0.54 2.53
C HIS A 83 6.39 0.66 1.96
N GLU A 84 6.81 0.53 0.71
CA GLU A 84 7.54 1.58 0.02
C GLU A 84 6.65 2.81 -0.20
N ALA A 85 5.48 2.58 -0.77
CA ALA A 85 4.57 3.66 -1.14
C ALA A 85 4.26 4.57 0.05
N MET A 86 3.91 3.98 1.18
CA MET A 86 3.52 4.76 2.35
C MET A 86 4.72 5.42 3.02
N SER A 87 5.92 4.93 2.72
CA SER A 87 7.13 5.56 3.24
C SER A 87 7.33 6.91 2.59
N GLN A 88 6.97 7.01 1.31
CA GLN A 88 7.01 8.27 0.59
C GLN A 88 5.99 9.25 1.18
N ALA A 89 4.82 8.73 1.51
CA ALA A 89 3.76 9.54 2.13
C ALA A 89 4.20 10.00 3.52
N ARG A 90 4.90 9.12 4.23
CA ARG A 90 5.44 9.44 5.54
C ARG A 90 6.39 10.63 5.47
N GLU A 91 7.32 10.58 4.52
CA GLU A 91 8.31 11.64 4.38
C GLU A 91 7.73 12.85 3.64
N SER A 92 6.49 12.72 3.21
CA SER A 92 5.79 13.83 2.57
C SER A 92 4.96 14.59 3.60
N GLY A 93 4.94 14.08 4.83
CA GLY A 93 4.20 14.73 5.89
C GLY A 93 2.72 14.39 5.86
N LEU A 94 2.37 13.30 5.20
CA LEU A 94 0.98 12.87 5.14
C LEU A 94 0.69 11.86 6.24
N LEU A 95 1.72 11.15 6.65
CA LEU A 95 1.59 10.15 7.68
C LEU A 95 2.83 10.15 8.56
N LEU A 96 2.65 10.00 9.87
CA LEU A 96 3.75 10.12 10.81
C LEU A 96 4.39 8.77 11.10
N GLN A 97 3.72 7.70 10.74
CA GLN A 97 4.20 6.35 11.02
C GLN A 97 4.08 5.48 9.79
N ASN A 98 4.53 4.23 9.90
CA ASN A 98 4.46 3.29 8.79
C ASN A 98 3.62 2.06 9.17
N PRO A 99 2.33 2.07 8.82
CA PRO A 99 1.38 1.03 9.22
C PRO A 99 1.59 -0.29 8.46
N THR A 100 2.26 -0.21 7.33
CA THR A 100 2.50 -1.39 6.52
C THR A 100 3.53 -2.30 7.17
N GLU A 101 4.49 -1.71 7.87
CA GLU A 101 5.50 -2.47 8.56
C GLU A 101 4.95 -2.93 9.91
N ALA A 102 4.00 -2.17 10.43
CA ALA A 102 3.29 -2.55 11.65
C ALA A 102 2.30 -3.67 11.36
N ALA A 103 1.94 -3.81 10.08
CA ALA A 103 1.06 -4.87 9.65
C ALA A 103 1.89 -6.09 9.31
N LYS A 104 2.05 -6.96 10.30
CA LYS A 104 2.84 -8.17 10.14
C LYS A 104 2.06 -9.36 10.66
N PRO A 105 2.34 -10.56 10.15
CA PRO A 105 1.78 -11.79 10.67
C PRO A 105 2.77 -12.59 11.53
N PRO A 106 2.92 -12.25 12.82
CA PRO A 106 3.74 -13.02 13.74
C PRO A 106 3.00 -14.25 14.25
N ARG A 107 1.68 -14.11 14.35
CA ARG A 107 0.83 -15.20 14.79
C ARG A 107 -0.52 -15.12 14.08
N HIS A 108 -1.37 -14.20 14.56
CA HIS A 108 -2.74 -14.04 14.08
C HIS A 108 -3.50 -15.36 14.04
N PRO A 109 -4.23 -15.68 15.11
CA PRO A 109 -5.06 -16.90 15.17
C PRO A 109 -6.14 -16.90 14.11
N LEU A 110 -6.72 -18.07 13.87
CA LEU A 110 -7.72 -18.21 12.83
C LEU A 110 -9.11 -18.06 13.42
N GLU A 111 -9.63 -16.85 13.36
CA GLU A 111 -10.93 -16.53 13.94
C GLU A 111 -11.84 -15.95 12.87
N HIS A 112 -13.09 -15.68 13.26
CA HIS A 112 -14.08 -15.04 12.38
C HIS A 112 -14.60 -16.01 11.31
N HIS A 113 -13.69 -16.68 10.62
CA HIS A 113 -14.05 -17.61 9.57
C HIS A 113 -12.89 -18.54 9.25
N HIS A 114 -13.21 -19.73 8.73
CA HIS A 114 -12.20 -20.64 8.24
C HIS A 114 -11.84 -20.28 6.81
N HIS A 115 -12.85 -19.84 6.06
CA HIS A 115 -12.66 -19.39 4.70
C HIS A 115 -13.84 -18.56 4.23
N HIS A 116 -13.56 -17.36 3.74
CA HIS A 116 -14.58 -16.51 3.16
C HIS A 116 -14.52 -16.65 1.64
N HIS A 117 -15.65 -16.50 0.98
CA HIS A 117 -15.68 -16.64 -0.47
C HIS A 117 -15.55 -15.25 -1.11
N MET A 1 -28.14 16.14 -3.94
CA MET A 1 -26.79 16.73 -4.02
C MET A 1 -25.86 15.83 -4.83
N ILE A 2 -24.63 16.27 -4.96
CA ILE A 2 -23.63 15.53 -5.70
C ILE A 2 -22.75 14.71 -4.76
N GLU A 3 -21.64 14.20 -5.28
CA GLU A 3 -20.74 13.38 -4.48
C GLU A 3 -19.61 14.22 -3.92
N PRO A 4 -19.46 14.22 -2.58
CA PRO A 4 -18.37 14.92 -1.91
C PRO A 4 -17.01 14.34 -2.26
N SER A 5 -16.14 15.17 -2.81
CA SER A 5 -14.83 14.71 -3.25
C SER A 5 -13.92 14.43 -2.06
N LYS A 6 -13.99 13.21 -1.56
CA LYS A 6 -13.09 12.74 -0.54
C LYS A 6 -11.91 12.06 -1.21
N ILE A 7 -10.71 12.55 -0.93
CA ILE A 7 -9.49 12.09 -1.58
C ILE A 7 -9.28 10.59 -1.37
N THR A 8 -9.44 9.84 -2.46
CA THR A 8 -9.19 8.41 -2.44
C THR A 8 -7.72 8.12 -2.66
N VAL A 9 -7.25 6.97 -2.18
CA VAL A 9 -5.84 6.62 -2.24
C VAL A 9 -5.33 6.56 -3.67
N GLU A 10 -6.16 6.05 -4.58
CA GLU A 10 -5.75 5.90 -5.97
C GLU A 10 -5.73 7.24 -6.70
N GLN A 11 -6.60 8.16 -6.28
CA GLN A 11 -6.60 9.52 -6.82
C GLN A 11 -5.30 10.20 -6.40
N TRP A 12 -5.00 10.08 -5.11
CA TRP A 12 -3.77 10.61 -4.54
C TRP A 12 -2.55 9.96 -5.19
N LEU A 13 -2.61 8.63 -5.34
CA LEU A 13 -1.49 7.87 -5.90
C LEU A 13 -1.18 8.36 -7.32
N ASN A 14 -2.20 8.50 -8.15
CA ASN A 14 -2.02 8.97 -9.52
C ASN A 14 -1.40 10.36 -9.54
N ARG A 15 -1.89 11.24 -8.68
CA ARG A 15 -1.35 12.58 -8.54
C ARG A 15 0.11 12.51 -8.07
N TRP A 16 0.33 11.69 -7.05
CA TRP A 16 1.62 11.54 -6.41
C TRP A 16 2.69 11.11 -7.40
N LEU A 17 2.42 10.04 -8.15
CA LEU A 17 3.39 9.50 -9.09
C LEU A 17 3.71 10.52 -10.18
N THR A 18 2.75 11.40 -10.49
CA THR A 18 2.95 12.41 -11.50
C THR A 18 3.80 13.56 -10.97
N ASP A 19 3.58 13.91 -9.71
CA ASP A 19 4.26 15.02 -9.07
C ASP A 19 5.67 14.61 -8.64
N TYR A 20 5.81 13.37 -8.19
CA TYR A 20 7.09 12.88 -7.69
C TYR A 20 7.83 12.04 -8.74
N ALA A 21 7.30 11.97 -9.95
CA ALA A 21 7.98 11.28 -11.05
C ALA A 21 9.39 11.80 -11.23
N LYS A 22 9.51 13.12 -11.35
CA LYS A 22 10.80 13.80 -11.49
C LYS A 22 11.58 13.25 -12.68
N PRO A 23 11.24 13.70 -13.89
CA PRO A 23 11.79 13.18 -15.15
C PRO A 23 13.16 13.76 -15.49
N HIS A 24 13.93 14.10 -14.46
CA HIS A 24 15.27 14.64 -14.67
C HIS A 24 16.28 13.50 -14.71
N LEU A 25 16.38 12.75 -13.62
CA LEU A 25 17.31 11.65 -13.53
C LEU A 25 16.58 10.35 -13.23
N ARG A 26 16.69 9.39 -14.16
CA ARG A 26 16.10 8.06 -14.01
C ARG A 26 14.57 8.11 -14.02
N GLN A 27 14.02 8.02 -15.22
CA GLN A 27 12.57 7.91 -15.36
C GLN A 27 12.17 6.46 -15.15
N SER A 28 11.29 6.22 -14.20
CA SER A 28 10.85 4.87 -13.90
C SER A 28 9.69 4.46 -14.80
N THR A 29 8.49 4.41 -14.23
CA THR A 29 7.29 4.00 -14.97
C THR A 29 7.43 2.54 -15.44
N TRP A 30 6.35 1.97 -15.99
CA TRP A 30 6.36 0.67 -16.66
C TRP A 30 6.50 -0.52 -15.69
N GLU A 31 7.25 -0.33 -14.61
CA GLU A 31 7.54 -1.40 -13.66
C GLU A 31 6.27 -2.02 -13.07
N SER A 32 6.37 -3.30 -12.76
CA SER A 32 5.24 -4.12 -12.33
C SER A 32 4.71 -3.73 -10.94
N TYR A 33 5.48 -2.91 -10.22
CA TYR A 33 5.05 -2.46 -8.90
C TYR A 33 3.73 -1.70 -9.02
N GLU A 34 3.56 -1.04 -10.15
CA GLU A 34 2.34 -0.31 -10.45
C GLU A 34 1.17 -1.27 -10.57
N THR A 35 1.39 -2.38 -11.27
CA THR A 35 0.34 -3.35 -11.54
C THR A 35 -0.12 -4.05 -10.26
N VAL A 36 0.83 -4.62 -9.49
CA VAL A 36 0.48 -5.36 -8.28
C VAL A 36 -0.22 -4.48 -7.26
N LEU A 37 0.24 -3.24 -7.16
CA LEU A 37 -0.28 -2.29 -6.19
C LEU A 37 -1.76 -2.04 -6.43
N ARG A 38 -2.08 -1.46 -7.58
CA ARG A 38 -3.45 -1.10 -7.88
C ARG A 38 -4.36 -2.33 -7.96
N LEU A 39 -3.85 -3.41 -8.52
CA LEU A 39 -4.65 -4.62 -8.70
C LEU A 39 -5.18 -5.17 -7.38
N HIS A 40 -4.37 -5.09 -6.34
CA HIS A 40 -4.74 -5.70 -5.07
C HIS A 40 -5.29 -4.69 -4.06
N VAL A 41 -4.56 -3.61 -3.81
CA VAL A 41 -4.88 -2.75 -2.67
C VAL A 41 -5.64 -1.48 -3.06
N ILE A 42 -5.62 -1.08 -4.32
CA ILE A 42 -6.25 0.18 -4.70
C ILE A 42 -7.78 0.15 -4.63
N PRO A 43 -8.47 -0.87 -5.19
CA PRO A 43 -9.93 -0.93 -5.17
C PRO A 43 -10.44 -1.38 -3.80
N THR A 44 -9.53 -1.77 -2.93
CA THR A 44 -9.90 -2.27 -1.62
C THR A 44 -9.72 -1.21 -0.53
N LEU A 45 -8.47 -0.83 -0.28
CA LEU A 45 -8.18 0.13 0.78
C LEU A 45 -8.11 1.54 0.24
N GLY A 46 -8.39 1.68 -1.05
CA GLY A 46 -8.29 2.98 -1.70
C GLY A 46 -9.37 3.95 -1.26
N SER A 47 -10.38 3.46 -0.55
CA SER A 47 -11.46 4.30 -0.07
C SER A 47 -11.21 4.74 1.37
N ILE A 48 -10.06 4.34 1.91
CA ILE A 48 -9.71 4.68 3.27
C ILE A 48 -8.63 5.76 3.29
N PRO A 49 -8.94 6.93 3.88
CA PRO A 49 -7.98 8.04 3.97
C PRO A 49 -6.66 7.62 4.60
N LEU A 50 -5.57 8.12 4.06
CA LEU A 50 -4.23 7.73 4.49
C LEU A 50 -4.01 8.01 5.98
N LYS A 51 -4.62 9.07 6.48
CA LYS A 51 -4.45 9.46 7.88
C LYS A 51 -5.37 8.67 8.79
N LYS A 52 -6.19 7.81 8.20
CA LYS A 52 -7.04 6.91 8.98
C LYS A 52 -6.51 5.49 8.88
N LEU A 53 -5.95 5.16 7.72
CA LEU A 53 -5.45 3.82 7.41
C LEU A 53 -4.57 3.28 8.54
N GLN A 54 -5.00 2.18 9.14
CA GLN A 54 -4.28 1.56 10.24
C GLN A 54 -3.65 0.25 9.78
N PRO A 55 -2.66 -0.25 10.54
CA PRO A 55 -2.02 -1.54 10.26
C PRO A 55 -3.02 -2.69 10.22
N ALA A 56 -4.08 -2.57 11.03
CA ALA A 56 -5.14 -3.57 11.07
C ALA A 56 -5.83 -3.70 9.71
N ASP A 57 -6.06 -2.57 9.06
CA ASP A 57 -6.70 -2.56 7.75
C ASP A 57 -5.82 -3.28 6.73
N ILE A 58 -4.52 -3.05 6.84
CA ILE A 58 -3.55 -3.67 5.95
C ILE A 58 -3.48 -5.18 6.19
N GLN A 59 -3.46 -5.58 7.45
CA GLN A 59 -3.43 -6.99 7.81
C GLN A 59 -4.68 -7.69 7.32
N ARG A 60 -5.82 -7.03 7.48
CA ARG A 60 -7.10 -7.53 6.97
C ARG A 60 -7.03 -7.74 5.46
N LEU A 61 -6.41 -6.79 4.78
CA LEU A 61 -6.22 -6.86 3.33
C LEU A 61 -5.45 -8.13 2.98
N TYR A 62 -4.28 -8.31 3.59
CA TYR A 62 -3.45 -9.47 3.32
C TYR A 62 -4.20 -10.76 3.63
N ALA A 63 -4.85 -10.80 4.78
CA ALA A 63 -5.56 -11.99 5.23
C ALA A 63 -6.68 -12.35 4.26
N SER A 64 -7.52 -11.38 3.93
CA SER A 64 -8.67 -11.61 3.08
C SER A 64 -8.25 -12.01 1.66
N LYS A 65 -7.19 -11.39 1.16
CA LYS A 65 -6.73 -11.66 -0.20
C LYS A 65 -5.95 -12.97 -0.27
N LEU A 66 -5.17 -13.26 0.77
CA LEU A 66 -4.47 -14.54 0.86
C LEU A 66 -5.49 -15.67 0.87
N GLU A 67 -6.55 -15.46 1.63
CA GLU A 67 -7.66 -16.41 1.72
C GLU A 67 -8.30 -16.65 0.36
N SER A 68 -8.27 -15.62 -0.49
CA SER A 68 -8.88 -15.69 -1.81
C SER A 68 -8.02 -16.51 -2.77
N GLY A 69 -6.80 -16.82 -2.36
CA GLY A 69 -5.94 -17.63 -3.19
C GLY A 69 -4.69 -16.90 -3.66
N LEU A 70 -3.97 -16.30 -2.72
CA LEU A 70 -2.70 -15.67 -3.02
C LEU A 70 -1.55 -16.61 -2.67
N SER A 71 -0.43 -16.45 -3.37
CA SER A 71 0.77 -17.16 -3.00
C SER A 71 1.58 -16.29 -2.03
N PRO A 72 2.11 -16.89 -0.95
CA PRO A 72 2.84 -16.16 0.10
C PRO A 72 3.94 -15.26 -0.46
N THR A 73 4.56 -15.69 -1.56
CA THR A 73 5.61 -14.94 -2.21
C THR A 73 5.11 -13.57 -2.68
N ARG A 74 3.92 -13.56 -3.29
CA ARG A 74 3.34 -12.33 -3.81
C ARG A 74 2.88 -11.45 -2.66
N VAL A 75 2.30 -12.09 -1.63
CA VAL A 75 1.86 -11.36 -0.44
C VAL A 75 3.00 -10.57 0.17
N ARG A 76 4.18 -11.18 0.18
CA ARG A 76 5.38 -10.52 0.68
C ARG A 76 5.72 -9.31 -0.18
N TYR A 77 5.66 -9.47 -1.49
CA TYR A 77 6.00 -8.38 -2.40
C TYR A 77 4.99 -7.25 -2.33
N ILE A 78 3.72 -7.60 -2.13
CA ILE A 78 2.67 -6.60 -1.97
C ILE A 78 2.94 -5.74 -0.74
N HIS A 79 3.51 -6.34 0.30
CA HIS A 79 3.92 -5.59 1.48
C HIS A 79 5.08 -4.66 1.12
N VAL A 80 5.99 -5.17 0.30
CA VAL A 80 7.16 -4.41 -0.13
C VAL A 80 6.74 -3.21 -0.98
N VAL A 81 5.93 -3.44 -2.00
CA VAL A 81 5.51 -2.37 -2.90
C VAL A 81 4.65 -1.34 -2.18
N LEU A 82 3.80 -1.80 -1.27
CA LEU A 82 2.98 -0.90 -0.47
C LEU A 82 3.87 -0.04 0.42
N HIS A 83 4.88 -0.69 1.01
CA HIS A 83 5.86 0.01 1.83
C HIS A 83 6.66 0.98 0.97
N GLU A 84 7.05 0.52 -0.21
CA GLU A 84 7.83 1.32 -1.15
C GLU A 84 7.08 2.59 -1.53
N ALA A 85 5.83 2.45 -1.97
CA ALA A 85 5.07 3.58 -2.46
C ALA A 85 4.63 4.50 -1.31
N MET A 86 4.15 3.91 -0.23
CA MET A 86 3.56 4.70 0.86
C MET A 86 4.63 5.29 1.77
N SER A 87 5.87 4.83 1.64
CA SER A 87 6.97 5.37 2.44
C SER A 87 7.19 6.84 2.12
N GLN A 88 7.00 7.18 0.85
CA GLN A 88 7.20 8.54 0.38
C GLN A 88 6.24 9.52 1.06
N ALA A 89 5.06 9.03 1.43
CA ALA A 89 4.08 9.85 2.14
C ALA A 89 4.63 10.26 3.50
N ARG A 90 5.26 9.32 4.18
CA ARG A 90 5.88 9.60 5.47
C ARG A 90 7.10 10.50 5.31
N GLU A 91 7.93 10.18 4.32
CA GLU A 91 9.16 10.93 4.10
C GLU A 91 8.90 12.31 3.49
N SER A 92 7.66 12.51 3.03
CA SER A 92 7.24 13.82 2.56
C SER A 92 6.75 14.66 3.74
N GLY A 93 6.15 13.98 4.71
CA GLY A 93 5.69 14.66 5.90
C GLY A 93 4.18 14.87 5.93
N LEU A 94 3.45 14.01 5.24
CA LEU A 94 1.99 14.07 5.27
C LEU A 94 1.44 12.92 6.10
N LEU A 95 2.28 11.92 6.33
CA LEU A 95 1.93 10.78 7.17
C LEU A 95 2.87 10.72 8.36
N LEU A 96 2.30 10.54 9.54
CA LEU A 96 3.09 10.39 10.77
C LEU A 96 4.05 9.22 10.64
N GLN A 97 3.52 8.07 10.26
CA GLN A 97 4.31 6.86 10.16
C GLN A 97 3.79 5.97 9.03
N ASN A 98 4.48 4.88 8.78
CA ASN A 98 4.03 3.90 7.81
C ASN A 98 3.40 2.71 8.52
N PRO A 99 2.07 2.56 8.38
CA PRO A 99 1.33 1.48 9.05
C PRO A 99 1.76 0.09 8.58
N THR A 100 2.56 0.05 7.52
CA THR A 100 3.06 -1.20 6.98
C THR A 100 4.03 -1.86 7.95
N GLU A 101 4.68 -1.04 8.78
CA GLU A 101 5.70 -1.54 9.69
C GLU A 101 5.05 -2.25 10.87
N ALA A 102 3.81 -1.90 11.15
CA ALA A 102 3.08 -2.49 12.25
C ALA A 102 2.06 -3.50 11.72
N ALA A 103 2.09 -3.74 10.41
CA ALA A 103 1.21 -4.71 9.79
C ALA A 103 1.97 -6.03 9.56
N LYS A 104 1.72 -6.99 10.43
CA LYS A 104 2.42 -8.27 10.36
C LYS A 104 1.51 -9.35 9.79
N PRO A 105 2.01 -10.10 8.79
CA PRO A 105 1.31 -11.25 8.23
C PRO A 105 1.53 -12.50 9.09
N PRO A 106 0.57 -13.44 9.07
CA PRO A 106 0.70 -14.69 9.84
C PRO A 106 1.74 -15.63 9.24
N ARG A 107 3.01 -15.39 9.59
CA ARG A 107 4.10 -16.23 9.11
C ARG A 107 4.03 -17.60 9.78
N HIS A 108 3.64 -17.61 11.04
CA HIS A 108 3.47 -18.85 11.79
C HIS A 108 2.17 -18.82 12.59
N PRO A 109 1.04 -19.12 11.93
CA PRO A 109 -0.28 -19.13 12.58
C PRO A 109 -0.52 -20.40 13.39
N LEU A 110 0.32 -21.40 13.19
CA LEU A 110 0.26 -22.64 13.96
C LEU A 110 1.09 -22.48 15.23
N GLU A 111 0.84 -21.39 15.94
CA GLU A 111 1.69 -21.00 17.05
C GLU A 111 1.40 -21.82 18.31
N HIS A 112 2.41 -21.93 19.16
CA HIS A 112 2.35 -22.74 20.36
C HIS A 112 2.62 -21.88 21.61
N HIS A 113 3.48 -20.87 21.47
CA HIS A 113 3.82 -19.98 22.58
C HIS A 113 4.27 -18.62 22.06
N HIS A 114 3.71 -17.55 22.60
CA HIS A 114 4.11 -16.20 22.20
C HIS A 114 4.48 -15.37 23.43
N HIS A 115 5.77 -15.06 23.54
CA HIS A 115 6.26 -14.28 24.68
C HIS A 115 6.56 -12.84 24.27
N HIS A 116 6.59 -12.59 22.96
CA HIS A 116 6.80 -11.24 22.46
C HIS A 116 5.61 -10.36 22.82
N HIS A 117 4.46 -10.69 22.27
CA HIS A 117 3.22 -10.02 22.60
C HIS A 117 2.12 -11.04 22.74
N MET A 1 -3.22 24.34 9.77
CA MET A 1 -2.64 25.14 8.67
C MET A 1 -2.30 24.24 7.49
N ILE A 2 -3.30 23.99 6.65
CA ILE A 2 -3.17 23.14 5.48
C ILE A 2 -4.56 22.86 4.92
N GLU A 3 -4.65 22.51 3.65
CA GLU A 3 -5.91 22.14 3.02
C GLU A 3 -6.55 20.96 3.76
N PRO A 4 -7.77 21.16 4.28
CA PRO A 4 -8.52 20.10 4.99
C PRO A 4 -9.18 19.12 4.02
N SER A 5 -9.08 19.42 2.74
CA SER A 5 -9.68 18.57 1.71
C SER A 5 -8.61 17.70 1.06
N LYS A 6 -8.43 16.49 1.59
CA LYS A 6 -7.45 15.58 1.03
C LYS A 6 -8.15 14.45 0.31
N ILE A 7 -7.75 14.23 -0.94
CA ILE A 7 -8.34 13.20 -1.78
C ILE A 7 -7.89 11.81 -1.34
N THR A 8 -8.56 10.79 -1.87
CA THR A 8 -8.29 9.40 -1.50
C THR A 8 -6.99 8.90 -2.10
N VAL A 9 -6.54 7.73 -1.64
CA VAL A 9 -5.24 7.17 -2.00
C VAL A 9 -5.03 7.12 -3.50
N GLU A 10 -5.98 6.54 -4.23
CA GLU A 10 -5.83 6.37 -5.66
C GLU A 10 -5.77 7.72 -6.38
N GLN A 11 -6.40 8.73 -5.81
CA GLN A 11 -6.47 10.03 -6.43
C GLN A 11 -5.15 10.78 -6.33
N TRP A 12 -4.58 10.85 -5.12
CA TRP A 12 -3.32 11.56 -4.96
C TRP A 12 -2.17 10.76 -5.54
N LEU A 13 -2.29 9.44 -5.50
CA LEU A 13 -1.26 8.56 -6.01
C LEU A 13 -1.18 8.67 -7.53
N ASN A 14 -2.33 8.86 -8.16
CA ASN A 14 -2.39 9.05 -9.60
C ASN A 14 -1.58 10.29 -10.02
N ARG A 15 -1.71 11.36 -9.24
CA ARG A 15 -0.91 12.56 -9.48
C ARG A 15 0.54 12.32 -9.05
N TRP A 16 0.70 11.58 -7.97
CA TRP A 16 2.02 11.25 -7.45
C TRP A 16 2.86 10.58 -8.53
N LEU A 17 2.29 9.57 -9.18
CA LEU A 17 2.94 8.90 -10.30
C LEU A 17 3.24 9.89 -11.41
N THR A 18 2.34 10.85 -11.61
CA THR A 18 2.48 11.83 -12.67
C THR A 18 3.65 12.79 -12.40
N ASP A 19 3.70 13.35 -11.19
CA ASP A 19 4.73 14.32 -10.83
C ASP A 19 6.08 13.65 -10.64
N TYR A 20 6.08 12.40 -10.19
CA TYR A 20 7.31 11.68 -9.91
C TYR A 20 7.69 10.73 -11.04
N ALA A 21 6.96 10.79 -12.16
CA ALA A 21 7.18 9.91 -13.31
C ALA A 21 8.53 10.11 -14.00
N LYS A 22 9.40 10.95 -13.45
CA LYS A 22 10.70 11.20 -14.05
C LYS A 22 11.59 9.96 -13.95
N PRO A 23 11.87 9.30 -15.09
CA PRO A 23 12.67 8.08 -15.12
C PRO A 23 14.16 8.38 -15.17
N HIS A 24 14.78 8.41 -14.01
CA HIS A 24 16.22 8.63 -13.93
C HIS A 24 16.89 7.49 -13.15
N LEU A 25 16.08 6.66 -12.51
CA LEU A 25 16.58 5.59 -11.67
C LEU A 25 15.64 4.39 -11.74
N ARG A 26 16.22 3.21 -11.93
CA ARG A 26 15.45 1.97 -11.89
C ARG A 26 15.93 1.15 -10.69
N GLN A 27 17.25 1.17 -10.49
CA GLN A 27 17.92 0.44 -9.41
C GLN A 27 17.87 -1.06 -9.67
N SER A 28 16.69 -1.65 -9.61
CA SER A 28 16.53 -3.08 -9.82
C SER A 28 15.41 -3.37 -10.81
N THR A 29 14.24 -2.82 -10.56
CA THR A 29 13.08 -3.12 -11.36
C THR A 29 12.44 -1.86 -11.96
N TRP A 30 11.67 -1.13 -11.14
CA TRP A 30 10.86 -0.01 -11.62
C TRP A 30 9.72 -0.54 -12.51
N GLU A 31 8.70 0.28 -12.74
CA GLU A 31 7.55 -0.07 -13.59
C GLU A 31 6.64 -1.08 -12.89
N SER A 32 7.19 -2.25 -12.58
CA SER A 32 6.38 -3.38 -12.10
C SER A 32 5.78 -3.15 -10.71
N TYR A 33 6.09 -2.02 -10.09
CA TYR A 33 5.47 -1.66 -8.82
C TYR A 33 4.07 -1.12 -9.07
N GLU A 34 3.83 -0.68 -10.30
CA GLU A 34 2.54 -0.14 -10.71
C GLU A 34 1.43 -1.17 -10.54
N THR A 35 1.56 -2.28 -11.27
CA THR A 35 0.54 -3.31 -11.33
C THR A 35 0.14 -3.80 -9.93
N VAL A 36 1.09 -4.37 -9.21
CA VAL A 36 0.79 -4.99 -7.91
C VAL A 36 0.13 -4.01 -6.95
N LEU A 37 0.63 -2.79 -6.90
CA LEU A 37 0.16 -1.80 -5.95
C LEU A 37 -1.30 -1.45 -6.24
N ARG A 38 -1.55 -0.89 -7.41
CA ARG A 38 -2.89 -0.42 -7.75
C ARG A 38 -3.89 -1.56 -7.82
N LEU A 39 -3.46 -2.71 -8.34
CA LEU A 39 -4.32 -3.88 -8.49
C LEU A 39 -4.87 -4.34 -7.14
N HIS A 40 -4.03 -4.28 -6.11
CA HIS A 40 -4.42 -4.83 -4.81
C HIS A 40 -4.97 -3.79 -3.84
N VAL A 41 -4.20 -2.73 -3.60
CA VAL A 41 -4.55 -1.81 -2.51
C VAL A 41 -5.50 -0.70 -2.97
N ILE A 42 -5.46 -0.34 -4.25
CA ILE A 42 -6.27 0.79 -4.74
C ILE A 42 -7.78 0.50 -4.68
N PRO A 43 -8.27 -0.67 -5.15
CA PRO A 43 -9.71 -0.96 -5.15
C PRO A 43 -10.26 -1.26 -3.76
N THR A 44 -9.38 -1.54 -2.80
CA THR A 44 -9.84 -1.91 -1.46
C THR A 44 -9.60 -0.79 -0.44
N LEU A 45 -8.43 -0.15 -0.50
CA LEU A 45 -8.08 0.87 0.49
C LEU A 45 -7.79 2.20 -0.16
N GLY A 46 -7.71 2.21 -1.48
CA GLY A 46 -7.41 3.43 -2.22
C GLY A 46 -8.55 4.44 -2.12
N SER A 47 -9.70 3.99 -1.67
CA SER A 47 -10.85 4.85 -1.52
C SER A 47 -10.99 5.30 -0.06
N ILE A 48 -10.01 4.95 0.75
CA ILE A 48 -10.00 5.33 2.16
C ILE A 48 -8.91 6.36 2.43
N PRO A 49 -9.24 7.44 3.16
CA PRO A 49 -8.27 8.48 3.54
C PRO A 49 -7.07 7.92 4.30
N LEU A 50 -5.90 8.47 4.02
CA LEU A 50 -4.64 8.01 4.63
C LEU A 50 -4.67 8.11 6.15
N LYS A 51 -5.45 9.05 6.67
CA LYS A 51 -5.51 9.29 8.11
C LYS A 51 -6.39 8.25 8.79
N LYS A 52 -6.93 7.33 7.99
CA LYS A 52 -7.73 6.23 8.52
C LYS A 52 -7.07 4.90 8.18
N LEU A 53 -5.86 4.98 7.64
CA LEU A 53 -5.12 3.79 7.25
C LEU A 53 -4.44 3.19 8.48
N GLN A 54 -4.92 2.02 8.89
CA GLN A 54 -4.39 1.36 10.08
C GLN A 54 -3.68 0.06 9.70
N PRO A 55 -2.67 -0.34 10.48
CA PRO A 55 -1.92 -1.59 10.23
C PRO A 55 -2.83 -2.81 10.24
N ALA A 56 -3.86 -2.78 11.09
CA ALA A 56 -4.80 -3.88 11.18
C ALA A 56 -5.60 -4.04 9.88
N ASP A 57 -5.80 -2.92 9.19
CA ASP A 57 -6.55 -2.90 7.95
C ASP A 57 -5.73 -3.50 6.82
N ILE A 58 -4.44 -3.19 6.83
CA ILE A 58 -3.51 -3.75 5.86
C ILE A 58 -3.37 -5.25 6.07
N GLN A 59 -3.39 -5.67 7.34
CA GLN A 59 -3.36 -7.09 7.68
C GLN A 59 -4.62 -7.77 7.18
N ARG A 60 -5.74 -7.05 7.25
CA ARG A 60 -7.02 -7.53 6.73
C ARG A 60 -6.94 -7.72 5.22
N LEU A 61 -6.30 -6.77 4.54
CA LEU A 61 -6.05 -6.86 3.10
C LEU A 61 -5.46 -8.23 2.75
N TYR A 62 -4.29 -8.50 3.34
CA TYR A 62 -3.58 -9.74 3.08
C TYR A 62 -4.43 -10.95 3.42
N ALA A 63 -5.00 -10.95 4.63
CA ALA A 63 -5.73 -12.11 5.13
C ALA A 63 -6.98 -12.41 4.31
N SER A 64 -7.78 -11.39 4.04
CA SER A 64 -9.06 -11.57 3.37
C SER A 64 -8.87 -12.10 1.94
N LYS A 65 -7.81 -11.66 1.28
CA LYS A 65 -7.54 -12.13 -0.08
C LYS A 65 -6.72 -13.42 -0.05
N LEU A 66 -6.03 -13.66 1.06
CA LEU A 66 -5.27 -14.89 1.25
C LEU A 66 -6.19 -16.09 1.30
N GLU A 67 -7.43 -15.86 1.74
CA GLU A 67 -8.46 -16.89 1.78
C GLU A 67 -8.64 -17.53 0.40
N SER A 68 -8.41 -16.76 -0.66
CA SER A 68 -8.59 -17.26 -2.01
C SER A 68 -7.38 -18.09 -2.45
N GLY A 69 -6.25 -17.87 -1.79
CA GLY A 69 -5.06 -18.62 -2.12
C GLY A 69 -3.96 -17.74 -2.70
N LEU A 70 -3.58 -16.71 -1.95
CA LEU A 70 -2.48 -15.85 -2.35
C LEU A 70 -1.14 -16.54 -2.07
N SER A 71 -0.27 -16.56 -3.05
CA SER A 71 1.08 -17.05 -2.84
C SER A 71 1.83 -16.06 -1.93
N PRO A 72 2.63 -16.57 -0.97
CA PRO A 72 3.39 -15.73 -0.05
C PRO A 72 4.32 -14.77 -0.79
N THR A 73 4.74 -15.18 -1.98
CA THR A 73 5.57 -14.36 -2.83
C THR A 73 4.85 -13.08 -3.25
N ARG A 74 3.57 -13.22 -3.58
CA ARG A 74 2.76 -12.07 -3.97
C ARG A 74 2.59 -11.15 -2.79
N VAL A 75 2.20 -11.73 -1.65
CA VAL A 75 1.96 -10.98 -0.42
C VAL A 75 3.21 -10.20 -0.01
N ARG A 76 4.37 -10.86 -0.09
CA ARG A 76 5.64 -10.23 0.23
C ARG A 76 5.90 -9.07 -0.71
N TYR A 77 5.61 -9.25 -1.99
CA TYR A 77 5.80 -8.20 -2.98
C TYR A 77 4.90 -7.00 -2.67
N ILE A 78 3.63 -7.29 -2.36
CA ILE A 78 2.66 -6.25 -1.98
C ILE A 78 3.16 -5.52 -0.73
N HIS A 79 3.71 -6.29 0.19
CA HIS A 79 4.20 -5.75 1.46
C HIS A 79 5.38 -4.80 1.23
N VAL A 80 6.24 -5.14 0.27
CA VAL A 80 7.39 -4.30 -0.06
C VAL A 80 6.98 -3.03 -0.80
N VAL A 81 6.16 -3.19 -1.84
CA VAL A 81 5.77 -2.05 -2.66
C VAL A 81 4.92 -1.06 -1.85
N LEU A 82 4.07 -1.58 -0.98
CA LEU A 82 3.24 -0.74 -0.14
C LEU A 82 4.12 -0.01 0.88
N HIS A 83 5.15 -0.71 1.38
CA HIS A 83 6.12 -0.09 2.28
C HIS A 83 6.72 1.16 1.64
N GLU A 84 7.14 1.03 0.39
CA GLU A 84 7.81 2.12 -0.31
C GLU A 84 6.90 3.34 -0.42
N ALA A 85 5.72 3.12 -0.99
CA ALA A 85 4.79 4.21 -1.22
C ALA A 85 4.34 4.86 0.10
N MET A 86 4.05 4.02 1.09
CA MET A 86 3.60 4.51 2.39
C MET A 86 4.70 5.26 3.12
N SER A 87 5.95 4.90 2.85
CA SER A 87 7.08 5.60 3.46
C SER A 87 7.15 7.04 2.99
N GLN A 88 6.80 7.27 1.72
CA GLN A 88 6.83 8.61 1.16
C GLN A 88 5.73 9.49 1.78
N ALA A 89 4.59 8.89 2.06
CA ALA A 89 3.51 9.58 2.79
C ALA A 89 3.93 9.83 4.23
N ARG A 90 4.59 8.83 4.81
CA ARG A 90 5.16 8.94 6.15
C ARG A 90 6.15 10.10 6.22
N GLU A 91 7.06 10.16 5.26
CA GLU A 91 8.08 11.21 5.22
C GLU A 91 7.49 12.54 4.77
N SER A 92 6.24 12.52 4.33
CA SER A 92 5.55 13.74 3.94
C SER A 92 4.95 14.41 5.17
N GLY A 93 4.97 13.70 6.30
CA GLY A 93 4.50 14.27 7.54
C GLY A 93 2.99 14.12 7.72
N LEU A 94 2.35 13.39 6.82
CA LEU A 94 0.90 13.21 6.88
C LEU A 94 0.54 11.93 7.61
N LEU A 95 1.53 11.07 7.80
CA LEU A 95 1.31 9.77 8.42
C LEU A 95 2.22 9.62 9.62
N LEU A 96 1.71 8.95 10.65
CA LEU A 96 2.44 8.75 11.89
C LEU A 96 3.66 7.84 11.68
N GLN A 97 3.42 6.72 11.04
CA GLN A 97 4.44 5.70 10.87
C GLN A 97 4.15 4.90 9.60
N ASN A 98 4.87 3.82 9.39
CA ASN A 98 4.56 2.93 8.27
C ASN A 98 3.77 1.73 8.76
N PRO A 99 2.44 1.75 8.60
CA PRO A 99 1.56 0.70 9.08
C PRO A 99 1.75 -0.60 8.30
N THR A 100 2.41 -0.48 7.15
CA THR A 100 2.67 -1.62 6.30
C THR A 100 3.53 -2.66 7.00
N GLU A 101 4.61 -2.20 7.63
CA GLU A 101 5.54 -3.11 8.31
C GLU A 101 5.03 -3.45 9.70
N ALA A 102 4.13 -2.64 10.21
CA ALA A 102 3.46 -2.94 11.47
C ALA A 102 2.44 -4.05 11.24
N ALA A 103 2.00 -4.16 10.00
CA ALA A 103 1.08 -5.21 9.59
C ALA A 103 1.87 -6.44 9.19
N LYS A 104 1.86 -7.44 10.05
CA LYS A 104 2.59 -8.67 9.81
C LYS A 104 1.62 -9.81 9.53
N PRO A 105 1.81 -10.51 8.42
CA PRO A 105 0.97 -11.65 8.03
C PRO A 105 1.16 -12.84 8.98
N PRO A 106 0.09 -13.63 9.20
CA PRO A 106 0.15 -14.82 10.04
C PRO A 106 1.10 -15.87 9.48
N ARG A 107 1.67 -16.68 10.37
CA ARG A 107 2.59 -17.77 9.99
C ARG A 107 3.91 -17.22 9.48
N HIS A 108 4.17 -15.96 9.78
CA HIS A 108 5.43 -15.33 9.44
C HIS A 108 6.28 -15.11 10.69
N PRO A 109 7.26 -15.99 10.92
CA PRO A 109 8.23 -15.83 12.00
C PRO A 109 9.46 -15.10 11.50
N LEU A 110 10.61 -15.38 12.12
CA LEU A 110 11.90 -14.82 11.70
C LEU A 110 11.92 -13.31 11.91
N GLU A 111 11.19 -12.88 12.92
CA GLU A 111 11.21 -11.48 13.33
C GLU A 111 12.49 -11.20 14.11
N HIS A 112 13.04 -12.25 14.69
CA HIS A 112 14.39 -12.21 15.25
C HIS A 112 15.36 -12.72 14.21
N HIS A 113 16.24 -11.85 13.73
CA HIS A 113 17.10 -12.18 12.60
C HIS A 113 18.46 -11.54 12.72
N HIS A 114 19.49 -12.34 12.51
CA HIS A 114 20.86 -11.81 12.39
C HIS A 114 21.14 -11.54 10.93
N HIS A 115 20.73 -10.37 10.46
CA HIS A 115 20.90 -10.02 9.06
C HIS A 115 21.71 -8.74 8.94
N HIS A 116 22.91 -8.87 8.40
CA HIS A 116 23.79 -7.72 8.25
C HIS A 116 23.54 -7.04 6.90
N HIS A 117 22.78 -5.96 6.94
CA HIS A 117 22.48 -5.19 5.75
C HIS A 117 23.07 -3.80 5.89
N MET A 1 -6.22 23.96 3.60
CA MET A 1 -6.92 24.78 2.58
C MET A 1 -7.66 23.86 1.61
N ILE A 2 -8.17 24.41 0.52
CA ILE A 2 -8.95 23.65 -0.45
C ILE A 2 -8.07 22.77 -1.35
N GLU A 3 -7.51 21.74 -0.75
CA GLU A 3 -6.68 20.79 -1.49
C GLU A 3 -6.79 19.40 -0.85
N PRO A 4 -7.80 18.62 -1.27
CA PRO A 4 -8.06 17.29 -0.74
C PRO A 4 -7.48 16.18 -1.61
N SER A 5 -6.31 16.43 -2.19
CA SER A 5 -5.67 15.48 -3.09
C SER A 5 -5.40 14.14 -2.40
N LYS A 6 -5.16 14.18 -1.09
CA LYS A 6 -4.90 12.97 -0.33
C LYS A 6 -6.11 12.55 0.50
N ILE A 7 -7.31 12.82 -0.04
CA ILE A 7 -8.54 12.40 0.64
C ILE A 7 -8.72 10.88 0.49
N THR A 8 -8.22 10.35 -0.62
CA THR A 8 -8.20 8.91 -0.84
C THR A 8 -6.77 8.47 -1.15
N VAL A 9 -6.52 7.17 -1.06
CA VAL A 9 -5.22 6.63 -1.42
C VAL A 9 -5.00 6.75 -2.93
N GLU A 10 -6.02 6.40 -3.69
CA GLU A 10 -5.90 6.36 -5.14
C GLU A 10 -5.64 7.74 -5.74
N GLN A 11 -6.24 8.77 -5.17
CA GLN A 11 -6.10 10.12 -5.72
C GLN A 11 -4.70 10.68 -5.44
N TRP A 12 -4.20 10.45 -4.24
CA TRP A 12 -2.88 10.94 -3.90
C TRP A 12 -1.82 10.22 -4.72
N LEU A 13 -1.93 8.90 -4.80
CA LEU A 13 -0.99 8.10 -5.58
C LEU A 13 -1.06 8.47 -7.07
N ASN A 14 -2.24 8.89 -7.51
CA ASN A 14 -2.43 9.34 -8.89
C ASN A 14 -1.55 10.57 -9.17
N ARG A 15 -1.69 11.56 -8.32
CA ARG A 15 -0.90 12.79 -8.46
C ARG A 15 0.56 12.51 -8.13
N TRP A 16 0.77 11.55 -7.25
CA TRP A 16 2.10 11.07 -6.89
C TRP A 16 2.86 10.61 -8.12
N LEU A 17 2.28 9.63 -8.83
CA LEU A 17 2.93 9.08 -10.01
C LEU A 17 3.04 10.12 -11.13
N THR A 18 2.17 11.12 -11.08
CA THR A 18 2.18 12.18 -12.08
C THR A 18 3.48 12.98 -12.01
N ASP A 19 3.90 13.37 -10.81
CA ASP A 19 5.11 14.17 -10.65
C ASP A 19 6.33 13.32 -10.31
N TYR A 20 6.16 12.35 -9.42
CA TYR A 20 7.28 11.56 -8.93
C TYR A 20 7.87 10.66 -10.03
N ALA A 21 7.04 10.24 -10.96
CA ALA A 21 7.54 9.50 -12.12
C ALA A 21 8.05 10.47 -13.16
N LYS A 22 7.21 11.43 -13.52
CA LYS A 22 7.54 12.48 -14.48
C LYS A 22 7.96 11.89 -15.83
N PRO A 23 6.99 11.76 -16.75
CA PRO A 23 7.20 11.06 -18.02
C PRO A 23 8.29 11.69 -18.90
N HIS A 24 9.44 11.04 -18.93
CA HIS A 24 10.51 11.43 -19.85
C HIS A 24 11.23 10.18 -20.36
N LEU A 25 12.15 9.63 -19.55
CA LEU A 25 12.91 8.45 -19.97
C LEU A 25 13.40 7.62 -18.78
N ARG A 26 13.18 8.09 -17.56
CA ARG A 26 13.77 7.43 -16.39
C ARG A 26 12.88 6.31 -15.86
N GLN A 27 11.75 6.69 -15.26
CA GLN A 27 10.86 5.71 -14.65
C GLN A 27 9.49 5.74 -15.31
N SER A 28 9.42 5.13 -16.49
CA SER A 28 8.16 5.04 -17.22
C SER A 28 7.98 3.62 -17.77
N THR A 29 8.80 2.71 -17.29
CA THR A 29 8.82 1.34 -17.81
C THR A 29 8.32 0.35 -16.76
N TRP A 30 7.90 0.85 -15.61
CA TRP A 30 7.51 -0.02 -14.51
C TRP A 30 6.00 -0.03 -14.31
N GLU A 31 5.31 -0.86 -15.09
CA GLU A 31 3.86 -1.00 -14.93
C GLU A 31 3.55 -2.02 -13.83
N SER A 32 4.54 -2.85 -13.51
CA SER A 32 4.38 -3.88 -12.49
C SER A 32 3.92 -3.29 -11.17
N TYR A 33 4.59 -2.21 -10.75
CA TYR A 33 4.25 -1.51 -9.52
C TYR A 33 2.83 -0.96 -9.58
N GLU A 34 2.46 -0.41 -10.73
CA GLU A 34 1.12 0.12 -10.93
C GLU A 34 0.08 -0.98 -10.80
N THR A 35 0.27 -2.05 -11.57
CA THR A 35 -0.67 -3.15 -11.63
C THR A 35 -0.97 -3.73 -10.25
N VAL A 36 0.06 -4.27 -9.60
CA VAL A 36 -0.15 -4.96 -8.32
C VAL A 36 -0.75 -4.03 -7.27
N LEU A 37 -0.28 -2.79 -7.24
CA LEU A 37 -0.71 -1.83 -6.24
C LEU A 37 -2.17 -1.45 -6.46
N ARG A 38 -2.46 -0.87 -7.63
CA ARG A 38 -3.79 -0.34 -7.90
C ARG A 38 -4.83 -1.44 -7.87
N LEU A 39 -4.45 -2.62 -8.36
CA LEU A 39 -5.36 -3.75 -8.46
C LEU A 39 -5.82 -4.24 -7.09
N HIS A 40 -4.88 -4.35 -6.15
CA HIS A 40 -5.20 -4.98 -4.88
C HIS A 40 -5.67 -4.00 -3.81
N VAL A 41 -5.02 -2.84 -3.71
CA VAL A 41 -5.28 -1.97 -2.57
C VAL A 41 -6.25 -0.83 -2.91
N ILE A 42 -6.31 -0.39 -4.16
CA ILE A 42 -7.16 0.76 -4.50
C ILE A 42 -8.66 0.46 -4.30
N PRO A 43 -9.19 -0.66 -4.82
CA PRO A 43 -10.61 -0.99 -4.65
C PRO A 43 -10.95 -1.42 -3.22
N THR A 44 -9.93 -1.73 -2.42
CA THR A 44 -10.13 -2.21 -1.07
C THR A 44 -9.98 -1.08 -0.05
N LEU A 45 -8.78 -0.53 0.04
CA LEU A 45 -8.47 0.48 1.04
C LEU A 45 -8.14 1.81 0.38
N GLY A 46 -8.14 1.83 -0.95
CA GLY A 46 -7.79 3.04 -1.68
C GLY A 46 -8.84 4.11 -1.58
N SER A 47 -10.06 3.70 -1.22
CA SER A 47 -11.15 4.62 -1.00
C SER A 47 -11.05 5.28 0.37
N ILE A 48 -10.10 4.80 1.16
CA ILE A 48 -9.86 5.32 2.50
C ILE A 48 -8.70 6.30 2.48
N PRO A 49 -8.86 7.47 3.11
CA PRO A 49 -7.77 8.45 3.25
C PRO A 49 -6.52 7.83 3.89
N LEU A 50 -5.35 8.28 3.45
CA LEU A 50 -4.08 7.74 3.94
C LEU A 50 -3.97 7.87 5.46
N LYS A 51 -4.43 8.99 5.99
CA LYS A 51 -4.34 9.24 7.43
C LYS A 51 -5.33 8.36 8.20
N LYS A 52 -6.36 7.89 7.51
CA LYS A 52 -7.40 7.07 8.14
C LYS A 52 -7.03 5.59 8.04
N LEU A 53 -6.10 5.29 7.14
CA LEU A 53 -5.67 3.93 6.91
C LEU A 53 -5.02 3.34 8.17
N GLN A 54 -5.50 2.17 8.57
CA GLN A 54 -5.03 1.51 9.77
C GLN A 54 -4.22 0.27 9.43
N PRO A 55 -3.24 -0.09 10.28
CA PRO A 55 -2.45 -1.31 10.11
C PRO A 55 -3.32 -2.55 10.18
N ALA A 56 -4.46 -2.43 10.84
CA ALA A 56 -5.43 -3.51 10.95
C ALA A 56 -6.04 -3.83 9.59
N ASP A 57 -6.23 -2.79 8.79
CA ASP A 57 -6.77 -2.96 7.44
C ASP A 57 -5.74 -3.62 6.55
N ILE A 58 -4.48 -3.24 6.72
CA ILE A 58 -3.39 -3.84 5.97
C ILE A 58 -3.20 -5.31 6.37
N GLN A 59 -3.35 -5.58 7.67
CA GLN A 59 -3.34 -6.94 8.18
C GLN A 59 -4.44 -7.74 7.47
N ARG A 60 -5.64 -7.17 7.46
CA ARG A 60 -6.78 -7.76 6.76
C ARG A 60 -6.45 -8.00 5.30
N LEU A 61 -5.87 -6.99 4.65
CA LEU A 61 -5.51 -7.06 3.24
C LEU A 61 -4.55 -8.23 3.01
N TYR A 62 -3.61 -8.42 3.92
CA TYR A 62 -2.65 -9.51 3.81
C TYR A 62 -3.35 -10.86 3.92
N ALA A 63 -4.23 -10.99 4.90
CA ALA A 63 -5.00 -12.20 5.09
C ALA A 63 -5.93 -12.45 3.90
N SER A 64 -6.58 -11.39 3.45
CA SER A 64 -7.53 -11.45 2.35
C SER A 64 -6.86 -11.90 1.06
N LYS A 65 -5.56 -11.68 0.97
CA LYS A 65 -4.79 -12.14 -0.18
C LYS A 65 -4.53 -13.64 -0.09
N LEU A 66 -4.15 -14.11 1.10
CA LEU A 66 -3.89 -15.52 1.32
C LEU A 66 -5.19 -16.31 1.20
N GLU A 67 -6.29 -15.69 1.62
CA GLU A 67 -7.62 -16.27 1.48
C GLU A 67 -7.95 -16.53 0.01
N SER A 68 -7.42 -15.68 -0.86
CA SER A 68 -7.68 -15.80 -2.29
C SER A 68 -6.80 -16.88 -2.90
N GLY A 69 -5.79 -17.31 -2.15
CA GLY A 69 -4.89 -18.33 -2.64
C GLY A 69 -3.64 -17.74 -3.27
N LEU A 70 -3.22 -16.59 -2.77
CA LEU A 70 -1.99 -15.97 -3.24
C LEU A 70 -0.78 -16.55 -2.55
N SER A 71 0.25 -16.87 -3.35
CA SER A 71 1.49 -17.42 -2.83
C SER A 71 2.16 -16.44 -1.87
N PRO A 72 2.66 -16.93 -0.72
CA PRO A 72 3.26 -16.10 0.32
C PRO A 72 4.40 -15.21 -0.21
N THR A 73 5.09 -15.70 -1.24
CA THR A 73 6.15 -14.93 -1.87
C THR A 73 5.61 -13.64 -2.48
N ARG A 74 4.55 -13.78 -3.27
CA ARG A 74 3.93 -12.64 -3.92
C ARG A 74 3.23 -11.75 -2.90
N VAL A 75 2.79 -12.34 -1.80
CA VAL A 75 2.21 -11.59 -0.69
C VAL A 75 3.24 -10.61 -0.13
N ARG A 76 4.50 -11.05 -0.06
CA ARG A 76 5.58 -10.22 0.46
C ARG A 76 5.92 -9.11 -0.52
N TYR A 77 5.78 -9.40 -1.82
CA TYR A 77 6.02 -8.39 -2.85
C TYR A 77 5.05 -7.23 -2.68
N ILE A 78 3.78 -7.57 -2.52
CA ILE A 78 2.75 -6.55 -2.26
C ILE A 78 3.04 -5.81 -0.95
N HIS A 79 3.69 -6.47 -0.02
CA HIS A 79 4.10 -5.84 1.24
C HIS A 79 5.14 -4.74 0.97
N VAL A 80 6.20 -5.08 0.25
CA VAL A 80 7.30 -4.15 0.03
C VAL A 80 6.91 -3.02 -0.91
N VAL A 81 6.09 -3.31 -1.92
CA VAL A 81 5.66 -2.29 -2.86
C VAL A 81 4.79 -1.24 -2.15
N LEU A 82 3.95 -1.70 -1.23
CA LEU A 82 3.12 -0.80 -0.46
C LEU A 82 3.97 -0.01 0.53
N HIS A 83 4.92 -0.71 1.14
CA HIS A 83 5.84 -0.09 2.10
C HIS A 83 6.62 1.07 1.46
N GLU A 84 7.15 0.85 0.27
CA GLU A 84 7.98 1.85 -0.37
C GLU A 84 7.13 2.93 -1.05
N ALA A 85 5.86 2.63 -1.27
CA ALA A 85 4.95 3.61 -1.85
C ALA A 85 4.40 4.54 -0.76
N MET A 86 4.22 4.01 0.43
CA MET A 86 3.73 4.81 1.55
C MET A 86 4.87 5.55 2.23
N SER A 87 6.09 5.25 1.80
CA SER A 87 7.27 5.93 2.33
C SER A 87 7.22 7.42 2.06
N GLN A 88 6.84 7.79 0.84
CA GLN A 88 6.74 9.20 0.45
C GLN A 88 5.69 9.91 1.29
N ALA A 89 4.63 9.19 1.64
CA ALA A 89 3.57 9.74 2.48
C ALA A 89 4.10 10.08 3.87
N ARG A 90 5.01 9.24 4.35
CA ARG A 90 5.65 9.47 5.64
C ARG A 90 6.61 10.65 5.56
N GLU A 91 7.41 10.67 4.50
CA GLU A 91 8.37 11.76 4.27
C GLU A 91 7.65 13.11 4.17
N SER A 92 6.51 13.11 3.48
CA SER A 92 5.74 14.32 3.29
C SER A 92 5.13 14.81 4.61
N GLY A 93 5.04 13.92 5.59
CA GLY A 93 4.52 14.29 6.88
C GLY A 93 3.01 14.35 6.90
N LEU A 94 2.37 13.65 5.98
CA LEU A 94 0.91 13.63 5.92
C LEU A 94 0.36 12.43 6.68
N LEU A 95 1.26 11.56 7.11
CA LEU A 95 0.89 10.37 7.84
C LEU A 95 1.42 10.47 9.27
N LEU A 96 2.07 9.42 9.75
CA LEU A 96 2.60 9.40 11.11
C LEU A 96 3.61 8.27 11.27
N GLN A 97 3.21 7.08 10.86
CA GLN A 97 4.02 5.89 11.04
C GLN A 97 4.04 5.08 9.76
N ASN A 98 4.61 3.89 9.81
CA ASN A 98 4.60 3.00 8.67
C ASN A 98 3.72 1.78 8.98
N PRO A 99 2.47 1.81 8.52
CA PRO A 99 1.45 0.82 8.92
C PRO A 99 1.66 -0.57 8.33
N THR A 100 2.53 -0.68 7.32
CA THR A 100 2.78 -1.97 6.70
C THR A 100 3.64 -2.84 7.61
N GLU A 101 4.54 -2.19 8.36
CA GLU A 101 5.40 -2.91 9.29
C GLU A 101 4.68 -3.11 10.62
N ALA A 102 3.64 -2.31 10.84
CA ALA A 102 2.84 -2.38 12.04
C ALA A 102 1.78 -3.48 11.92
N ALA A 103 1.60 -3.98 10.71
CA ALA A 103 0.68 -5.08 10.47
C ALA A 103 1.42 -6.40 10.63
N LYS A 104 0.69 -7.44 10.99
CA LYS A 104 1.29 -8.74 11.19
C LYS A 104 1.29 -9.54 9.90
N PRO A 105 2.47 -9.91 9.39
CA PRO A 105 2.61 -10.67 8.16
C PRO A 105 2.03 -12.08 8.29
N PRO A 106 1.58 -12.68 7.17
CA PRO A 106 1.05 -14.04 7.15
C PRO A 106 2.03 -15.04 7.75
N ARG A 107 1.50 -16.16 8.24
CA ARG A 107 2.31 -17.15 8.93
C ARG A 107 3.29 -17.85 7.99
N HIS A 108 4.53 -17.39 8.02
CA HIS A 108 5.61 -17.98 7.27
C HIS A 108 6.92 -17.41 7.77
N PRO A 109 7.94 -18.27 8.00
CA PRO A 109 9.24 -17.85 8.56
C PRO A 109 9.88 -16.71 7.77
N LEU A 110 10.47 -15.77 8.49
CA LEU A 110 11.13 -14.63 7.86
C LEU A 110 12.64 -14.73 8.01
N GLU A 111 13.29 -15.43 7.09
CA GLU A 111 14.74 -15.52 7.10
C GLU A 111 15.32 -14.76 5.92
N HIS A 112 15.87 -13.59 6.20
CA HIS A 112 16.52 -12.78 5.18
C HIS A 112 17.64 -11.98 5.85
N HIS A 113 18.67 -12.70 6.31
CA HIS A 113 19.75 -12.07 7.05
C HIS A 113 20.58 -11.18 6.13
N HIS A 114 20.65 -11.54 4.86
CA HIS A 114 21.32 -10.70 3.88
C HIS A 114 20.43 -9.52 3.51
N HIS A 115 20.77 -8.35 4.03
CA HIS A 115 19.96 -7.16 3.82
C HIS A 115 20.90 -5.97 3.56
N HIS A 116 20.57 -4.79 4.10
CA HIS A 116 21.46 -3.65 4.04
C HIS A 116 22.86 -4.05 4.52
N HIS A 117 22.90 -4.98 5.47
CA HIS A 117 24.14 -5.60 5.86
C HIS A 117 24.18 -7.02 5.30
N MET A 1 -14.44 19.56 10.02
CA MET A 1 -15.14 20.16 8.85
C MET A 1 -14.19 21.01 8.01
N ILE A 2 -13.12 21.49 8.64
CA ILE A 2 -12.17 22.38 7.98
C ILE A 2 -11.08 21.61 7.24
N GLU A 3 -10.92 20.34 7.58
CA GLU A 3 -9.84 19.53 7.05
C GLU A 3 -10.34 18.65 5.91
N PRO A 4 -9.61 18.64 4.79
CA PRO A 4 -9.92 17.76 3.65
C PRO A 4 -9.81 16.29 4.04
N SER A 5 -10.95 15.64 4.15
CA SER A 5 -11.00 14.25 4.59
C SER A 5 -11.11 13.30 3.40
N LYS A 6 -11.34 13.85 2.22
CA LYS A 6 -11.50 13.07 1.01
C LYS A 6 -10.16 12.48 0.56
N ILE A 7 -9.08 12.95 1.17
CA ILE A 7 -7.75 12.46 0.85
C ILE A 7 -7.60 10.98 1.21
N THR A 8 -7.71 10.14 0.20
CA THR A 8 -7.63 8.70 0.36
C THR A 8 -6.36 8.19 -0.32
N VAL A 9 -6.11 6.88 -0.23
CA VAL A 9 -4.92 6.28 -0.83
C VAL A 9 -4.85 6.57 -2.33
N GLU A 10 -5.91 6.25 -3.06
CA GLU A 10 -5.94 6.43 -4.50
C GLU A 10 -5.90 7.90 -4.89
N GLN A 11 -6.33 8.75 -3.98
CA GLN A 11 -6.28 10.20 -4.17
C GLN A 11 -4.83 10.64 -4.30
N TRP A 12 -4.00 10.27 -3.32
CA TRP A 12 -2.61 10.68 -3.32
C TRP A 12 -1.82 9.94 -4.40
N LEU A 13 -2.14 8.68 -4.62
CA LEU A 13 -1.47 7.89 -5.65
C LEU A 13 -1.71 8.47 -7.03
N ASN A 14 -2.88 9.07 -7.23
CA ASN A 14 -3.20 9.74 -8.49
C ASN A 14 -2.32 10.98 -8.64
N ARG A 15 -2.14 11.72 -7.55
CA ARG A 15 -1.24 12.86 -7.54
C ARG A 15 0.19 12.40 -7.79
N TRP A 16 0.58 11.34 -7.09
CA TRP A 16 1.89 10.71 -7.25
C TRP A 16 2.16 10.44 -8.73
N LEU A 17 1.28 9.64 -9.32
CA LEU A 17 1.41 9.23 -10.71
C LEU A 17 1.51 10.43 -11.64
N THR A 18 0.71 11.46 -11.38
CA THR A 18 0.68 12.63 -12.24
C THR A 18 1.99 13.42 -12.21
N ASP A 19 2.52 13.65 -11.01
CA ASP A 19 3.71 14.50 -10.85
C ASP A 19 5.00 13.71 -10.99
N TYR A 20 5.02 12.51 -10.43
CA TYR A 20 6.24 11.71 -10.37
C TYR A 20 6.56 11.05 -11.71
N ALA A 21 5.58 10.96 -12.59
CA ALA A 21 5.81 10.39 -13.92
C ALA A 21 6.57 11.38 -14.79
N LYS A 22 6.11 12.63 -14.78
CA LYS A 22 6.69 13.69 -15.60
C LYS A 22 6.66 13.29 -17.08
N PRO A 23 5.55 13.58 -17.77
CA PRO A 23 5.34 13.18 -19.15
C PRO A 23 6.32 13.86 -20.12
N HIS A 24 7.30 13.10 -20.57
CA HIS A 24 8.24 13.56 -21.58
C HIS A 24 9.06 12.37 -22.08
N LEU A 25 9.48 11.52 -21.15
CA LEU A 25 10.17 10.29 -21.48
C LEU A 25 9.21 9.11 -21.37
N ARG A 26 8.75 8.61 -22.51
CA ARG A 26 7.79 7.52 -22.53
C ARG A 26 8.49 6.19 -22.73
N GLN A 27 8.46 5.36 -21.70
CA GLN A 27 9.09 4.05 -21.74
C GLN A 27 8.51 3.14 -20.67
N SER A 28 8.09 1.95 -21.07
CA SER A 28 7.59 0.96 -20.13
C SER A 28 8.76 0.16 -19.56
N THR A 29 8.92 0.21 -18.25
CA THR A 29 10.09 -0.38 -17.61
C THR A 29 9.78 -1.78 -17.05
N TRP A 30 8.61 -2.31 -17.40
CA TRP A 30 8.20 -3.63 -16.91
C TRP A 30 8.10 -3.58 -15.38
N GLU A 31 7.61 -2.47 -14.89
CA GLU A 31 7.60 -2.17 -13.47
C GLU A 31 6.48 -2.93 -12.75
N SER A 32 6.88 -3.91 -11.94
CA SER A 32 5.95 -4.72 -11.18
C SER A 32 5.22 -3.88 -10.15
N TYR A 33 5.93 -2.88 -9.60
CA TYR A 33 5.37 -1.98 -8.60
C TYR A 33 4.06 -1.36 -9.07
N GLU A 34 4.01 -1.04 -10.34
CA GLU A 34 2.85 -0.40 -10.95
C GLU A 34 1.66 -1.37 -10.97
N THR A 35 1.90 -2.56 -11.48
CA THR A 35 0.86 -3.57 -11.65
C THR A 35 0.37 -4.11 -10.30
N VAL A 36 1.29 -4.55 -9.45
CA VAL A 36 0.90 -5.22 -8.21
C VAL A 36 0.20 -4.27 -7.24
N LEU A 37 0.60 -3.00 -7.25
CA LEU A 37 0.03 -2.02 -6.35
C LEU A 37 -1.44 -1.80 -6.67
N ARG A 38 -1.71 -1.32 -7.88
CA ARG A 38 -3.09 -1.01 -8.29
C ARG A 38 -4.01 -2.21 -8.08
N LEU A 39 -3.53 -3.38 -8.51
CA LEU A 39 -4.35 -4.58 -8.54
C LEU A 39 -4.77 -5.03 -7.15
N HIS A 40 -3.85 -4.92 -6.19
CA HIS A 40 -4.11 -5.48 -4.87
C HIS A 40 -4.55 -4.44 -3.85
N VAL A 41 -3.94 -3.26 -3.87
CA VAL A 41 -4.15 -2.31 -2.79
C VAL A 41 -5.32 -1.36 -3.05
N ILE A 42 -5.56 -1.01 -4.31
CA ILE A 42 -6.57 0.02 -4.61
C ILE A 42 -8.01 -0.43 -4.28
N PRO A 43 -8.45 -1.64 -4.69
CA PRO A 43 -9.82 -2.11 -4.45
C PRO A 43 -10.21 -2.12 -2.96
N THR A 44 -9.31 -2.57 -2.09
CA THR A 44 -9.65 -2.75 -0.69
C THR A 44 -9.04 -1.67 0.21
N LEU A 45 -7.75 -1.37 0.01
CA LEU A 45 -7.04 -0.45 0.87
C LEU A 45 -7.27 0.98 0.42
N GLY A 46 -7.46 1.15 -0.88
CA GLY A 46 -7.66 2.47 -1.45
C GLY A 46 -9.05 3.03 -1.18
N SER A 47 -9.76 2.42 -0.24
CA SER A 47 -11.07 2.91 0.18
C SER A 47 -10.99 3.52 1.57
N ILE A 48 -9.80 3.48 2.15
CA ILE A 48 -9.58 4.00 3.48
C ILE A 48 -8.68 5.23 3.44
N PRO A 49 -9.14 6.35 4.02
CA PRO A 49 -8.39 7.61 4.04
C PRO A 49 -7.01 7.45 4.66
N LEU A 50 -6.04 8.19 4.14
CA LEU A 50 -4.66 8.12 4.61
C LEU A 50 -4.56 8.53 6.08
N LYS A 51 -5.46 9.41 6.50
CA LYS A 51 -5.46 9.89 7.88
C LYS A 51 -6.25 8.94 8.79
N LYS A 52 -6.68 7.82 8.22
CA LYS A 52 -7.46 6.84 8.97
C LYS A 52 -6.87 5.44 8.76
N LEU A 53 -5.71 5.39 8.14
CA LEU A 53 -5.09 4.13 7.80
C LEU A 53 -4.35 3.55 9.01
N GLN A 54 -4.72 2.34 9.39
CA GLN A 54 -4.08 1.65 10.50
C GLN A 54 -3.59 0.27 10.05
N PRO A 55 -2.66 -0.34 10.82
CA PRO A 55 -2.08 -1.66 10.50
C PRO A 55 -3.15 -2.74 10.29
N ALA A 56 -4.28 -2.59 10.96
CA ALA A 56 -5.39 -3.54 10.85
C ALA A 56 -5.99 -3.51 9.46
N ASP A 57 -6.03 -2.32 8.88
CA ASP A 57 -6.60 -2.11 7.55
C ASP A 57 -5.71 -2.74 6.50
N ILE A 58 -4.40 -2.66 6.73
CA ILE A 58 -3.42 -3.27 5.84
C ILE A 58 -3.50 -4.80 5.93
N GLN A 59 -3.78 -5.30 7.14
CA GLN A 59 -4.02 -6.72 7.34
C GLN A 59 -5.21 -7.15 6.49
N ARG A 60 -6.24 -6.30 6.48
CA ARG A 60 -7.45 -6.54 5.68
C ARG A 60 -7.10 -6.64 4.19
N LEU A 61 -6.18 -5.79 3.74
CA LEU A 61 -5.68 -5.84 2.38
C LEU A 61 -5.18 -7.24 2.05
N TYR A 62 -4.19 -7.68 2.80
CA TYR A 62 -3.55 -8.97 2.57
C TYR A 62 -4.55 -10.11 2.74
N ALA A 63 -5.36 -10.05 3.79
CA ALA A 63 -6.32 -11.11 4.09
C ALA A 63 -7.34 -11.26 2.96
N SER A 64 -7.84 -10.13 2.47
CA SER A 64 -8.86 -10.14 1.43
C SER A 64 -8.33 -10.76 0.13
N LYS A 65 -7.09 -10.46 -0.20
CA LYS A 65 -6.51 -10.96 -1.45
C LYS A 65 -5.85 -12.32 -1.28
N LEU A 66 -5.41 -12.64 -0.07
CA LEU A 66 -4.88 -13.97 0.20
C LEU A 66 -5.98 -15.01 0.03
N GLU A 67 -7.20 -14.60 0.35
CA GLU A 67 -8.38 -15.43 0.18
C GLU A 67 -8.61 -15.76 -1.29
N SER A 68 -7.98 -14.99 -2.17
CA SER A 68 -8.14 -15.17 -3.60
C SER A 68 -7.08 -16.14 -4.14
N GLY A 69 -6.15 -16.53 -3.27
CA GLY A 69 -5.13 -17.48 -3.66
C GLY A 69 -3.79 -16.83 -3.93
N LEU A 70 -3.21 -16.20 -2.91
CA LEU A 70 -1.89 -15.60 -3.04
C LEU A 70 -0.80 -16.50 -2.47
N SER A 71 0.31 -16.57 -3.17
CA SER A 71 1.50 -17.27 -2.68
C SER A 71 2.18 -16.46 -1.58
N PRO A 72 2.96 -17.12 -0.70
CA PRO A 72 3.67 -16.43 0.39
C PRO A 72 4.55 -15.29 -0.13
N THR A 73 5.30 -15.58 -1.19
CA THR A 73 6.18 -14.59 -1.80
C THR A 73 5.38 -13.47 -2.48
N ARG A 74 4.18 -13.81 -2.94
CA ARG A 74 3.29 -12.82 -3.53
C ARG A 74 2.87 -11.80 -2.48
N VAL A 75 2.39 -12.31 -1.34
CA VAL A 75 2.03 -11.46 -0.22
C VAL A 75 3.25 -10.67 0.26
N ARG A 76 4.38 -11.36 0.30
CA ARG A 76 5.66 -10.74 0.67
C ARG A 76 5.97 -9.55 -0.23
N TYR A 77 5.84 -9.74 -1.54
CA TYR A 77 6.17 -8.68 -2.48
C TYR A 77 5.20 -7.51 -2.34
N ILE A 78 3.93 -7.82 -2.10
CA ILE A 78 2.92 -6.78 -1.87
C ILE A 78 3.25 -6.01 -0.60
N HIS A 79 3.78 -6.72 0.39
CA HIS A 79 4.20 -6.11 1.63
C HIS A 79 5.34 -5.13 1.39
N VAL A 80 6.24 -5.50 0.47
CA VAL A 80 7.39 -4.68 0.13
C VAL A 80 6.98 -3.44 -0.67
N VAL A 81 6.19 -3.65 -1.72
CA VAL A 81 5.78 -2.55 -2.59
C VAL A 81 4.94 -1.52 -1.82
N LEU A 82 4.09 -2.01 -0.92
CA LEU A 82 3.26 -1.13 -0.13
C LEU A 82 4.11 -0.34 0.86
N HIS A 83 5.08 -1.02 1.47
CA HIS A 83 5.99 -0.37 2.41
C HIS A 83 6.77 0.74 1.72
N GLU A 84 7.14 0.50 0.47
CA GLU A 84 7.90 1.46 -0.30
C GLU A 84 7.05 2.68 -0.64
N ALA A 85 5.91 2.43 -1.28
CA ALA A 85 5.05 3.50 -1.78
C ALA A 85 4.45 4.32 -0.63
N MET A 86 3.95 3.64 0.39
CA MET A 86 3.27 4.32 1.49
C MET A 86 4.25 5.15 2.33
N SER A 87 5.50 4.74 2.36
CA SER A 87 6.50 5.44 3.15
C SER A 87 6.79 6.82 2.55
N GLN A 88 6.62 6.95 1.24
CA GLN A 88 6.85 8.23 0.57
C GLN A 88 5.86 9.27 1.07
N ALA A 89 4.67 8.81 1.44
CA ALA A 89 3.65 9.69 2.02
C ALA A 89 4.11 10.18 3.39
N ARG A 90 4.76 9.30 4.13
CA ARG A 90 5.30 9.64 5.44
C ARG A 90 6.43 10.64 5.29
N GLU A 91 7.32 10.38 4.34
CA GLU A 91 8.45 11.25 4.07
C GLU A 91 7.97 12.61 3.56
N SER A 92 6.82 12.61 2.91
CA SER A 92 6.21 13.83 2.37
C SER A 92 5.73 14.75 3.51
N GLY A 93 5.43 14.15 4.66
CA GLY A 93 5.00 14.94 5.80
C GLY A 93 3.49 14.93 5.99
N LEU A 94 2.79 14.23 5.11
CA LEU A 94 1.34 14.11 5.23
C LEU A 94 0.99 12.92 6.12
N LEU A 95 2.00 12.11 6.40
CA LEU A 95 1.84 10.96 7.26
C LEU A 95 3.03 10.90 8.22
N LEU A 96 2.77 10.70 9.49
CA LEU A 96 3.83 10.71 10.49
C LEU A 96 4.26 9.29 10.86
N GLN A 97 3.40 8.32 10.56
CA GLN A 97 3.62 6.95 10.98
C GLN A 97 3.81 6.02 9.80
N ASN A 98 4.41 4.86 10.05
CA ASN A 98 4.53 3.83 9.03
C ASN A 98 3.84 2.57 9.52
N PRO A 99 2.58 2.38 9.13
CA PRO A 99 1.76 1.27 9.59
C PRO A 99 2.03 -0.02 8.82
N THR A 100 2.78 0.09 7.73
CA THR A 100 3.08 -1.06 6.89
C THR A 100 4.02 -2.02 7.59
N GLU A 101 4.84 -1.48 8.49
CA GLU A 101 5.78 -2.31 9.24
C GLU A 101 5.04 -3.09 10.32
N ALA A 102 3.91 -2.54 10.77
CA ALA A 102 3.11 -3.19 11.80
C ALA A 102 2.15 -4.20 11.18
N ALA A 103 2.24 -4.36 9.86
CA ALA A 103 1.44 -5.34 9.15
C ALA A 103 2.16 -6.68 9.14
N LYS A 104 1.66 -7.61 9.92
CA LYS A 104 2.30 -8.90 10.06
C LYS A 104 1.66 -9.95 9.14
N PRO A 105 2.48 -10.87 8.61
CA PRO A 105 2.01 -11.97 7.76
C PRO A 105 0.86 -12.80 8.37
N PRO A 106 0.94 -13.21 9.67
CA PRO A 106 -0.19 -13.89 10.32
C PRO A 106 -1.45 -13.04 10.33
N ARG A 107 -2.52 -13.56 9.74
CA ARG A 107 -3.76 -12.82 9.63
C ARG A 107 -4.53 -12.83 10.94
N HIS A 108 -4.31 -11.81 11.75
CA HIS A 108 -5.04 -11.62 12.98
C HIS A 108 -4.86 -10.19 13.46
N PRO A 109 -5.80 -9.31 13.13
CA PRO A 109 -5.73 -7.90 13.49
C PRO A 109 -6.30 -7.62 14.86
N LEU A 110 -6.36 -6.34 15.21
CA LEU A 110 -6.98 -5.93 16.46
C LEU A 110 -8.48 -5.78 16.25
N GLU A 111 -9.16 -6.90 16.10
CA GLU A 111 -10.59 -6.90 15.84
C GLU A 111 -11.37 -6.34 17.03
N HIS A 112 -12.28 -5.43 16.74
CA HIS A 112 -13.07 -4.78 17.77
C HIS A 112 -14.45 -4.40 17.27
N HIS A 113 -15.46 -5.07 17.82
CA HIS A 113 -16.85 -4.76 17.50
C HIS A 113 -17.28 -3.48 18.20
N HIS A 114 -17.04 -2.35 17.53
CA HIS A 114 -17.27 -1.02 18.08
C HIS A 114 -16.61 -0.88 19.46
N HIS A 115 -15.36 -0.47 19.46
CA HIS A 115 -14.59 -0.33 20.69
C HIS A 115 -15.04 0.90 21.46
N HIS A 116 -15.28 0.72 22.77
CA HIS A 116 -15.65 1.81 23.68
C HIS A 116 -17.11 2.22 23.51
N HIS A 117 -17.73 2.61 24.61
CA HIS A 117 -19.08 3.15 24.60
C HIS A 117 -19.10 4.50 25.31
#